data_4M9S
#
_entry.id   4M9S
#
_cell.length_a   178.814
_cell.length_b   178.814
_cell.length_c   201.125
_cell.angle_alpha   90.00
_cell.angle_beta   90.00
_cell.angle_gamma   90.00
#
_symmetry.space_group_name_H-M   'P 4 21 2'
#
loop_
_entity.id
_entity.type
_entity.pdbx_description
1 polymer 'Cell death protein 4'
2 polymer 'CED-3 fragment'
3 non-polymer 'MAGNESIUM ION'
4 non-polymer "ADENOSINE-5'-TRIPHOSPHATE"
#
loop_
_entity_poly.entity_id
_entity_poly.type
_entity_poly.pdbx_seq_one_letter_code
_entity_poly.pdbx_strand_id
1 'polypeptide(L)'
;(MSE)LCEIECRALSTAHTRLIHDFEPRDALTYLEGKNIFTEDHSELISK(MSE)STRLERIANFLRIYRRQASELGPLI
DFFNYNNQSHLADFLEDYIDFAINEPDLLRPVVIAPQFSRQ(MSE)LDRKLLLGNVPKQ(MSE)TCYIREYHVDRVIKKL
DE(MSE)CDLDSFFLFLHGRAGSGKSVIASQALSKSDQLIGINYDSIVWLKDSGTAPKSTFDLFTDILL(MSE)LKSEDD
LLNFPSVEHVTSVVLKR(MSE)ICNALIDRPNTLFVFDDVVQEETIRWAQELRLRCLVTTRDVEISNAASQTCEFIEVTS
LEIDECYDFLEAYG(MSE)P(MSE)PVGEKEEDVLNKTIELSSGNPATL(MSE)(MSE)FFKSCEPKTFEK(MSE)AQLN
NKLESRGLVGVECITPYSYKSLA(MSE)ALQRCVEVLSDEDRSALAFAVV(MSE)PPGVDIPVKLWSCVIPVDICSNEEE
QLDDEVADRLKRLSKRGALLSGKR(MSE)PVLTFKIDHIIH(MSE)FLKHVVDAQTIANGISILEQRLLEIGNNNVSVPE
RHIPSHFQKFRRSSASE(MSE)YPKTTEETVIRPEDFPKF(MSE)QLHQKFYDSLKNFACC
;
A,B,C,D
2 'polypeptide(L)' P(MSE)FNF(MSE)GC E,F,G,H
#
# COMPACT_ATOMS: atom_id res chain seq x y z
N LEU A 2 -51.66 48.81 -13.56
CA LEU A 2 -52.08 48.91 -12.17
C LEU A 2 -50.90 49.28 -11.27
N CYS A 3 -50.55 48.38 -10.37
CA CYS A 3 -49.39 48.49 -9.50
C CYS A 3 -49.47 47.34 -8.52
N GLU A 4 -48.57 47.31 -7.55
CA GLU A 4 -48.55 46.24 -6.56
C GLU A 4 -49.81 46.28 -5.63
N ILE A 5 -50.32 47.48 -5.26
CA ILE A 5 -51.53 47.60 -4.39
C ILE A 5 -52.82 47.12 -5.11
N GLU A 6 -53.11 47.65 -6.30
CA GLU A 6 -54.35 47.30 -7.05
C GLU A 6 -54.35 45.85 -7.57
N CYS A 7 -53.17 45.29 -7.77
CA CYS A 7 -53.09 43.92 -8.24
C CYS A 7 -53.16 43.04 -6.99
N ARG A 8 -52.74 43.57 -5.82
CA ARG A 8 -52.90 42.83 -4.55
C ARG A 8 -54.38 42.74 -4.22
N ALA A 9 -55.15 43.73 -4.69
CA ALA A 9 -56.59 43.70 -4.47
C ALA A 9 -57.15 42.63 -5.42
N LEU A 10 -56.72 42.65 -6.67
CA LEU A 10 -57.17 41.62 -7.61
C LEU A 10 -56.74 40.17 -7.27
N SER A 11 -55.67 40.04 -6.51
CA SER A 11 -55.13 38.72 -6.09
C SER A 11 -55.70 38.20 -4.78
N THR A 12 -55.88 39.09 -3.80
CA THR A 12 -56.44 38.75 -2.51
C THR A 12 -57.85 38.24 -2.81
N ALA A 13 -58.54 38.98 -3.68
CA ALA A 13 -59.88 38.66 -4.16
C ALA A 13 -59.95 37.67 -5.33
N HIS A 14 -59.21 36.55 -5.31
CA HIS A 14 -59.29 35.63 -6.47
C HIS A 14 -60.25 34.43 -6.25
N THR A 15 -60.34 33.87 -5.03
CA THR A 15 -61.35 32.84 -4.75
C THR A 15 -62.75 33.28 -5.12
N ARG A 16 -62.97 34.60 -5.02
CA ARG A 16 -64.28 35.17 -5.30
C ARG A 16 -64.38 35.39 -6.80
N LEU A 17 -63.35 35.95 -7.45
CA LEU A 17 -63.48 36.13 -8.89
C LEU A 17 -63.57 34.77 -9.58
N ILE A 18 -63.35 33.68 -8.83
CA ILE A 18 -63.51 32.33 -9.36
C ILE A 18 -64.90 31.74 -9.05
N HIS A 19 -65.46 32.05 -7.88
CA HIS A 19 -66.77 31.49 -7.49
C HIS A 19 -67.96 32.17 -8.25
N ASP A 20 -67.85 33.47 -8.58
CA ASP A 20 -68.90 34.19 -9.34
C ASP A 20 -68.37 35.38 -10.16
N PHE A 21 -68.28 35.19 -11.48
CA PHE A 21 -67.75 36.16 -12.45
C PHE A 21 -67.71 35.51 -13.84
N GLU A 22 -67.55 36.33 -14.87
CA GLU A 22 -67.41 35.86 -16.25
C GLU A 22 -66.90 37.02 -17.10
N PRO A 23 -65.75 36.81 -17.78
CA PRO A 23 -65.13 37.87 -18.57
C PRO A 23 -65.97 38.31 -19.78
N ARG A 24 -66.86 37.44 -20.26
CA ARG A 24 -67.73 37.83 -21.36
C ARG A 24 -68.66 38.97 -20.92
N ASP A 25 -69.06 38.97 -19.64
CA ASP A 25 -69.94 40.02 -19.11
C ASP A 25 -69.25 41.38 -19.12
N ALA A 26 -67.93 41.37 -18.99
CA ALA A 26 -67.20 42.64 -18.84
C ALA A 26 -66.56 43.10 -20.13
N LEU A 27 -66.45 42.22 -21.13
CA LEU A 27 -65.77 42.65 -22.34
C LEU A 27 -66.54 43.82 -23.00
N THR A 28 -67.86 43.69 -23.07
CA THR A 28 -68.73 44.73 -23.65
C THR A 28 -68.78 46.04 -22.84
N TYR A 29 -68.88 45.90 -21.53
CA TYR A 29 -68.91 47.07 -20.69
C TYR A 29 -67.54 47.80 -20.71
N LEU A 30 -66.48 47.09 -21.13
CA LEU A 30 -65.08 47.61 -21.20
C LEU A 30 -64.43 48.03 -22.54
N GLU A 31 -64.83 47.47 -23.69
CA GLU A 31 -64.35 48.03 -24.97
C GLU A 31 -64.67 49.52 -25.07
N GLY A 32 -65.68 49.95 -24.32
CA GLY A 32 -66.17 51.32 -24.34
C GLY A 32 -65.23 52.19 -23.51
N LYS A 33 -65.06 51.96 -22.21
CA LYS A 33 -64.15 52.82 -21.45
C LYS A 33 -62.64 52.75 -21.80
N ASN A 34 -62.23 52.12 -22.92
CA ASN A 34 -60.81 52.15 -23.37
C ASN A 34 -59.70 51.56 -22.48
N ILE A 35 -59.71 50.25 -22.43
CA ILE A 35 -58.86 49.50 -21.57
C ILE A 35 -58.58 48.17 -22.31
N PHE A 36 -59.13 48.02 -23.52
CA PHE A 36 -58.89 46.81 -24.35
C PHE A 36 -58.58 47.08 -25.83
N THR A 37 -58.42 45.99 -26.58
CA THR A 37 -58.14 46.01 -28.02
C THR A 37 -58.81 44.78 -28.71
N GLU A 38 -59.13 44.79 -30.02
CA GLU A 38 -59.90 43.66 -30.58
C GLU A 38 -59.11 42.35 -30.60
N ASP A 39 -57.81 42.40 -30.35
CA ASP A 39 -57.15 41.12 -30.10
C ASP A 39 -57.32 40.80 -28.62
N HIS A 40 -57.33 41.79 -27.75
CA HIS A 40 -57.55 41.54 -26.34
C HIS A 40 -58.88 40.81 -26.09
N SER A 41 -59.92 41.43 -26.61
CA SER A 41 -61.29 40.93 -26.53
C SER A 41 -61.42 39.64 -27.33
N GLU A 42 -60.65 39.51 -28.42
CA GLU A 42 -60.57 38.25 -29.19
C GLU A 42 -59.98 37.12 -28.34
N LEU A 43 -58.86 37.41 -27.69
CA LEU A 43 -58.17 36.43 -26.88
C LEU A 43 -59.08 36.01 -25.73
N ILE A 44 -59.82 36.92 -25.11
CA ILE A 44 -60.69 36.50 -23.99
C ILE A 44 -62.11 35.97 -24.29
N SER A 45 -62.72 36.33 -25.44
CA SER A 45 -64.09 35.84 -25.73
C SER A 45 -64.17 34.38 -26.24
N LYS A 46 -63.21 33.91 -27.03
CA LYS A 46 -63.17 32.48 -27.38
C LYS A 46 -62.18 31.63 -26.58
N SER A 48 -62.28 28.07 -24.06
CA SER A 48 -63.09 26.94 -23.64
C SER A 48 -63.52 26.99 -22.16
N THR A 49 -62.58 27.11 -21.23
CA THR A 49 -62.92 27.21 -19.80
C THR A 49 -63.04 28.69 -19.31
N ARG A 50 -63.68 28.91 -18.14
CA ARG A 50 -63.82 30.25 -17.60
C ARG A 50 -62.57 30.73 -16.90
N LEU A 51 -61.86 29.81 -16.24
CA LEU A 51 -60.60 30.06 -15.55
C LEU A 51 -59.48 30.57 -16.47
N GLU A 52 -59.63 30.25 -17.75
CA GLU A 52 -58.77 30.79 -18.81
C GLU A 52 -59.12 32.24 -19.08
N ARG A 53 -60.40 32.50 -19.33
CA ARG A 53 -60.83 33.86 -19.58
C ARG A 53 -60.60 34.78 -18.39
N ILE A 54 -60.65 34.21 -17.19
CA ILE A 54 -60.40 34.92 -15.95
C ILE A 54 -58.91 35.21 -15.75
N ALA A 55 -58.06 34.21 -15.95
CA ALA A 55 -56.62 34.43 -15.81
C ALA A 55 -56.08 35.37 -16.93
N ASN A 56 -56.63 35.29 -18.16
CA ASN A 56 -56.36 36.27 -19.27
C ASN A 56 -56.98 37.67 -19.15
N PHE A 57 -58.16 37.75 -18.53
CA PHE A 57 -58.80 39.04 -18.30
C PHE A 57 -58.05 39.75 -17.20
N LEU A 58 -57.64 39.00 -16.18
CA LEU A 58 -56.88 39.60 -15.09
C LEU A 58 -55.39 39.87 -15.49
N ARG A 59 -54.83 39.07 -16.40
CA ARG A 59 -53.49 39.39 -16.93
C ARG A 59 -53.57 40.60 -17.84
N ILE A 60 -54.38 40.54 -18.91
CA ILE A 60 -54.54 41.66 -19.85
C ILE A 60 -54.97 42.97 -19.11
N TYR A 61 -55.84 42.84 -18.10
CA TYR A 61 -56.33 44.03 -17.36
C TYR A 61 -55.17 44.63 -16.56
N ARG A 62 -54.34 43.80 -15.88
CA ARG A 62 -53.30 44.39 -15.03
C ARG A 62 -52.30 45.22 -15.84
N ARG A 63 -52.26 45.02 -17.17
CA ARG A 63 -51.33 45.74 -18.07
C ARG A 63 -51.96 46.97 -18.75
N GLN A 64 -53.26 46.83 -19.07
CA GLN A 64 -54.10 47.73 -19.94
C GLN A 64 -54.80 48.97 -19.38
N ALA A 65 -55.33 48.87 -18.17
CA ALA A 65 -56.14 49.93 -17.67
C ALA A 65 -55.25 51.01 -17.10
N SER A 66 -55.67 52.25 -17.33
CA SER A 66 -54.98 53.41 -16.78
C SER A 66 -55.21 53.42 -15.27
N GLU A 67 -56.17 52.62 -14.81
CA GLU A 67 -56.55 52.55 -13.39
C GLU A 67 -57.46 51.36 -13.02
N LEU A 68 -57.79 51.24 -11.73
CA LEU A 68 -58.65 50.14 -11.26
C LEU A 68 -60.08 50.69 -11.05
N GLY A 69 -60.54 51.53 -11.98
CA GLY A 69 -61.89 52.11 -11.97
C GLY A 69 -62.99 51.27 -12.62
N PRO A 70 -62.90 51.07 -13.95
CA PRO A 70 -63.83 50.34 -14.81
C PRO A 70 -63.93 48.84 -14.47
N LEU A 71 -63.76 48.47 -13.22
CA LEU A 71 -63.99 47.07 -12.86
C LEU A 71 -64.78 47.09 -11.53
N ILE A 72 -64.73 48.21 -10.81
CA ILE A 72 -65.68 48.48 -9.72
C ILE A 72 -66.96 49.00 -10.38
N ASP A 73 -66.80 49.92 -11.32
CA ASP A 73 -67.91 50.40 -12.15
C ASP A 73 -68.41 49.26 -13.08
N PHE A 74 -68.19 48.01 -12.70
CA PHE A 74 -68.74 46.89 -13.44
C PHE A 74 -69.29 45.76 -12.60
N PHE A 75 -68.53 45.36 -11.58
CA PHE A 75 -69.04 44.33 -10.69
C PHE A 75 -70.31 44.85 -10.05
N ASN A 76 -70.40 46.17 -9.92
CA ASN A 76 -71.66 46.83 -9.55
C ASN A 76 -72.84 46.56 -10.55
N TYR A 77 -72.76 47.04 -11.82
CA TYR A 77 -73.89 46.87 -12.76
C TYR A 77 -74.34 45.42 -13.02
N ASN A 78 -73.44 44.44 -12.97
CA ASN A 78 -73.82 43.07 -13.32
C ASN A 78 -74.41 42.18 -12.20
N ASN A 79 -74.89 42.76 -11.09
CA ASN A 79 -75.42 41.98 -9.94
C ASN A 79 -74.39 41.10 -9.23
N GLN A 80 -73.13 41.29 -9.61
CA GLN A 80 -72.01 40.65 -8.94
C GLN A 80 -71.38 41.73 -8.07
N SER A 81 -72.23 42.55 -7.43
CA SER A 81 -71.83 43.69 -6.61
C SER A 81 -71.14 43.27 -5.34
N HIS A 82 -71.36 42.01 -5.00
CA HIS A 82 -70.72 41.39 -3.86
C HIS A 82 -69.21 41.43 -4.08
N LEU A 83 -68.80 41.69 -5.32
CA LEU A 83 -67.39 41.92 -5.68
C LEU A 83 -66.88 43.40 -5.64
N ALA A 84 -67.49 44.28 -6.44
CA ALA A 84 -67.07 45.68 -6.51
C ALA A 84 -67.13 46.36 -5.18
N ASP A 85 -67.92 45.81 -4.26
CA ASP A 85 -67.95 46.35 -2.92
C ASP A 85 -66.65 45.90 -2.23
N PHE A 86 -66.26 44.63 -2.39
CA PHE A 86 -64.99 44.20 -1.80
C PHE A 86 -63.75 44.93 -2.30
N LEU A 87 -63.63 45.11 -3.61
CA LEU A 87 -62.45 45.81 -4.14
C LEU A 87 -62.48 47.29 -3.79
N GLU A 88 -63.66 47.91 -3.80
CA GLU A 88 -63.70 49.32 -3.38
C GLU A 88 -63.39 49.52 -1.89
N ASP A 89 -63.78 48.55 -1.04
CA ASP A 89 -63.44 48.57 0.38
C ASP A 89 -61.92 48.42 0.54
N TYR A 90 -61.29 47.56 -0.26
CA TYR A 90 -59.86 47.39 -0.11
C TYR A 90 -59.08 48.65 -0.55
N ILE A 91 -59.49 49.22 -1.67
CA ILE A 91 -58.81 50.43 -2.11
C ILE A 91 -59.08 51.61 -1.16
N ASP A 92 -60.19 51.59 -0.39
CA ASP A 92 -60.42 52.74 0.50
C ASP A 92 -59.65 52.51 1.79
N PHE A 93 -59.63 51.27 2.29
CA PHE A 93 -58.78 51.02 3.45
C PHE A 93 -57.34 50.90 2.95
N ALA A 94 -56.99 51.59 1.86
CA ALA A 94 -55.61 51.59 1.35
C ALA A 94 -55.14 53.02 1.09
N ILE A 95 -55.86 53.81 0.29
CA ILE A 95 -55.43 55.20 0.08
C ILE A 95 -55.65 56.07 1.34
N ASN A 96 -56.89 56.12 1.83
CA ASN A 96 -57.26 56.95 2.98
C ASN A 96 -56.79 56.38 4.32
N GLU A 97 -57.39 55.30 4.80
CA GLU A 97 -56.94 54.69 6.05
C GLU A 97 -56.02 53.47 5.79
N PRO A 98 -54.68 53.68 5.82
CA PRO A 98 -53.66 52.62 5.69
C PRO A 98 -53.57 51.83 7.00
N ASP A 99 -52.80 50.74 7.03
CA ASP A 99 -52.62 49.93 8.25
C ASP A 99 -53.87 49.15 8.52
N LEU A 100 -55.02 49.84 8.55
CA LEU A 100 -56.29 49.26 8.96
C LEU A 100 -56.57 48.16 7.94
N LEU A 101 -55.78 48.20 6.86
CA LEU A 101 -55.91 47.31 5.72
C LEU A 101 -55.61 45.85 6.00
N ARG A 102 -54.53 45.58 6.71
CA ARG A 102 -54.18 44.19 7.00
C ARG A 102 -55.17 43.52 8.02
N PRO A 103 -55.49 44.18 9.15
CA PRO A 103 -56.47 43.63 10.10
C PRO A 103 -57.92 43.56 9.56
N VAL A 104 -58.40 44.61 8.86
CA VAL A 104 -59.82 44.72 8.45
C VAL A 104 -60.17 44.00 7.14
N VAL A 105 -59.63 44.45 6.02
CA VAL A 105 -60.10 43.93 4.75
C VAL A 105 -59.27 42.71 4.24
N ILE A 106 -58.21 42.34 4.95
CA ILE A 106 -57.31 41.23 4.53
C ILE A 106 -57.30 39.92 5.39
N ALA A 107 -57.31 40.08 6.71
CA ALA A 107 -57.25 38.97 7.67
C ALA A 107 -58.48 38.04 7.76
N PRO A 108 -59.72 38.58 7.66
CA PRO A 108 -60.94 37.75 7.82
C PRO A 108 -61.13 36.62 6.80
N GLN A 109 -60.09 36.32 6.01
CA GLN A 109 -60.15 35.24 5.02
C GLN A 109 -58.92 34.32 5.15
N PHE A 110 -58.07 34.59 6.14
CA PHE A 110 -56.97 33.69 6.44
C PHE A 110 -57.56 32.28 6.61
N SER A 111 -56.78 31.23 6.36
CA SER A 111 -57.30 29.87 6.48
C SER A 111 -56.18 28.83 6.50
N ARG A 112 -56.01 28.11 7.59
CA ARG A 112 -54.86 27.22 7.72
C ARG A 112 -54.82 26.07 6.66
N GLN A 113 -55.57 26.20 5.56
CA GLN A 113 -55.54 25.14 4.56
C GLN A 113 -55.15 25.73 3.20
N LEU A 115 -52.94 28.41 3.26
CA LEU A 115 -51.53 28.63 3.59
C LEU A 115 -50.78 27.46 3.08
N ASP A 116 -51.13 26.28 3.57
CA ASP A 116 -50.41 25.09 3.17
C ASP A 116 -50.34 25.01 1.64
N ARG A 117 -51.44 25.31 0.95
CA ARG A 117 -51.36 25.55 -0.50
C ARG A 117 -50.31 26.54 -1.01
N LYS A 118 -50.27 27.76 -0.46
CA LYS A 118 -49.33 28.77 -0.97
C LYS A 118 -47.90 28.40 -0.66
N LEU A 119 -47.70 27.85 0.52
CA LEU A 119 -46.41 27.36 0.89
C LEU A 119 -45.96 26.24 -0.02
N LEU A 120 -46.80 25.21 -0.18
CA LEU A 120 -46.40 24.09 -1.00
C LEU A 120 -46.03 24.56 -2.38
N LEU A 121 -46.82 25.47 -2.95
CA LEU A 121 -46.61 25.92 -4.35
C LEU A 121 -45.41 26.87 -4.53
N GLY A 122 -45.03 27.56 -3.45
CA GLY A 122 -43.87 28.41 -3.42
C GLY A 122 -42.64 27.67 -2.95
N ASN A 123 -42.75 26.34 -2.86
CA ASN A 123 -41.66 25.42 -2.45
C ASN A 123 -41.05 25.73 -1.11
N VAL A 124 -41.87 26.24 -0.22
CA VAL A 124 -41.38 26.39 1.13
C VAL A 124 -41.41 24.99 1.64
N PRO A 125 -40.27 24.60 2.21
CA PRO A 125 -39.98 23.29 2.80
C PRO A 125 -40.78 23.07 4.10
N LYS A 126 -41.00 21.83 4.50
CA LYS A 126 -41.88 21.53 5.63
C LYS A 126 -41.20 21.96 6.96
N GLN A 127 -41.76 22.97 7.63
CA GLN A 127 -41.26 23.48 8.93
C GLN A 127 -41.03 22.35 9.98
N THR A 129 -40.72 20.47 13.73
CA THR A 129 -41.81 20.46 14.70
C THR A 129 -41.58 20.09 16.12
N CYS A 130 -40.80 19.06 16.38
CA CYS A 130 -40.67 18.61 17.76
C CYS A 130 -39.90 19.60 18.64
N TYR A 131 -39.24 20.55 18.01
CA TYR A 131 -38.68 21.70 18.71
C TYR A 131 -38.53 22.89 17.81
N ILE A 132 -38.86 24.04 18.37
CA ILE A 132 -38.71 25.30 17.67
C ILE A 132 -37.84 26.26 18.46
N ARG A 133 -36.81 26.81 17.81
CA ARG A 133 -36.06 27.83 18.48
C ARG A 133 -36.90 29.04 18.46
N GLU A 134 -37.56 29.26 19.57
CA GLU A 134 -38.52 30.32 19.69
C GLU A 134 -37.96 31.63 19.22
N TYR A 135 -37.05 32.15 20.01
CA TYR A 135 -36.54 33.49 19.80
C TYR A 135 -36.35 33.96 18.40
N HIS A 136 -35.61 33.17 17.64
CA HIS A 136 -35.14 33.61 16.36
C HIS A 136 -36.35 33.63 15.40
N VAL A 137 -37.08 32.51 15.27
CA VAL A 137 -38.25 32.42 14.37
C VAL A 137 -39.17 33.57 14.65
N ASP A 138 -39.23 33.90 15.91
CA ASP A 138 -40.02 35.00 16.37
C ASP A 138 -39.39 36.28 15.77
N ARG A 139 -38.07 36.49 15.90
CA ARG A 139 -37.51 37.76 15.45
C ARG A 139 -37.54 37.94 13.94
N VAL A 140 -37.37 36.86 13.20
CA VAL A 140 -37.60 36.87 11.76
C VAL A 140 -39.06 37.31 11.47
N ILE A 141 -40.06 36.66 12.06
CA ILE A 141 -41.42 37.06 11.70
C ILE A 141 -41.62 38.52 12.03
N LYS A 142 -41.12 38.93 13.19
CA LYS A 142 -41.22 40.32 13.56
C LYS A 142 -40.59 41.27 12.50
N LYS A 143 -39.28 41.11 12.18
CA LYS A 143 -38.58 42.01 11.22
C LYS A 143 -39.15 41.87 9.82
N LEU A 144 -39.89 40.80 9.58
CA LEU A 144 -40.55 40.61 8.30
C LEU A 144 -41.82 41.41 8.23
N ASP A 145 -42.56 41.45 9.34
CA ASP A 145 -43.76 42.30 9.39
C ASP A 145 -43.42 43.78 9.11
N GLU A 146 -42.29 44.22 9.65
CA GLU A 146 -41.87 45.60 9.53
C GLU A 146 -41.49 46.10 8.14
N CYS A 148 -42.72 44.49 5.27
CA CYS A 148 -43.79 44.10 4.35
C CYS A 148 -44.40 45.27 3.67
N ASP A 149 -44.26 46.40 4.30
CA ASP A 149 -44.67 47.67 3.76
C ASP A 149 -43.77 48.05 2.57
N LEU A 150 -42.47 47.87 2.79
CA LEU A 150 -41.41 48.14 1.79
C LEU A 150 -41.58 47.53 0.39
N ASP A 151 -40.96 48.24 -0.56
CA ASP A 151 -40.98 48.00 -2.01
C ASP A 151 -39.94 46.97 -2.43
N SER A 152 -38.86 46.86 -1.63
CA SER A 152 -37.77 45.88 -1.85
C SER A 152 -36.84 45.84 -0.62
N PHE A 153 -36.38 44.66 -0.21
CA PHE A 153 -35.62 44.60 1.05
C PHE A 153 -34.83 43.30 1.31
N PHE A 154 -33.73 43.36 2.05
CA PHE A 154 -33.04 42.12 2.38
C PHE A 154 -33.08 41.72 3.88
N LEU A 155 -33.52 40.50 4.21
CA LEU A 155 -33.36 40.04 5.59
C LEU A 155 -32.40 38.92 5.60
N PHE A 156 -31.24 39.06 6.27
CA PHE A 156 -30.21 38.02 6.22
C PHE A 156 -30.22 37.17 7.46
N LEU A 157 -30.79 35.99 7.37
CA LEU A 157 -30.77 35.10 8.47
C LEU A 157 -29.47 34.29 8.36
N HIS A 158 -28.33 34.91 8.73
CA HIS A 158 -26.98 34.31 8.53
C HIS A 158 -26.39 33.60 9.74
N GLY A 159 -25.72 32.47 9.51
CA GLY A 159 -25.00 31.76 10.56
C GLY A 159 -23.99 30.73 10.09
N ARG A 160 -23.34 30.05 11.03
CA ARG A 160 -22.53 28.84 10.75
C ARG A 160 -23.31 27.78 9.94
N ALA A 161 -22.55 26.76 9.56
CA ALA A 161 -23.15 25.68 8.85
C ALA A 161 -23.74 24.74 9.86
N GLY A 162 -24.91 24.29 9.51
CA GLY A 162 -25.76 23.47 10.33
C GLY A 162 -26.31 24.08 11.57
N SER A 163 -26.09 25.39 11.72
CA SER A 163 -26.52 26.19 12.89
C SER A 163 -28.06 26.39 12.89
N GLY A 164 -28.72 26.01 11.79
CA GLY A 164 -30.19 25.97 11.67
C GLY A 164 -31.06 27.00 10.97
N LYS A 165 -30.44 27.88 10.17
CA LYS A 165 -31.16 28.97 9.51
C LYS A 165 -32.33 28.58 8.62
N SER A 166 -32.14 27.61 7.74
CA SER A 166 -33.17 27.32 6.78
C SER A 166 -34.36 26.82 7.61
N VAL A 167 -34.08 26.05 8.65
CA VAL A 167 -35.17 25.54 9.46
C VAL A 167 -35.94 26.66 10.17
N ILE A 168 -35.19 27.61 10.74
CA ILE A 168 -35.79 28.79 11.38
C ILE A 168 -36.66 29.62 10.44
N ALA A 169 -36.26 29.72 9.15
CA ALA A 169 -37.05 30.50 8.19
C ALA A 169 -38.26 29.71 7.74
N SER A 170 -38.11 28.40 7.73
CA SER A 170 -39.17 27.52 7.33
C SER A 170 -40.27 27.62 8.30
N GLN A 171 -39.94 27.81 9.59
CA GLN A 171 -40.89 27.83 10.73
C GLN A 171 -41.46 29.24 10.75
N ALA A 172 -40.60 30.22 10.44
CA ALA A 172 -40.98 31.62 10.39
C ALA A 172 -41.97 31.92 9.25
N LEU A 173 -41.99 31.16 8.15
CA LEU A 173 -43.04 31.36 7.14
C LEU A 173 -44.16 30.36 7.33
N SER A 174 -44.08 29.64 8.42
CA SER A 174 -45.01 28.58 8.66
C SER A 174 -45.67 28.73 10.03
N LYS A 175 -45.08 29.56 10.90
CA LYS A 175 -45.68 29.82 12.20
C LYS A 175 -46.91 30.65 12.01
N SER A 176 -46.75 31.96 11.82
CA SER A 176 -47.93 32.83 11.60
C SER A 176 -48.89 32.38 10.48
N ASP A 177 -50.06 33.01 10.39
CA ASP A 177 -50.95 32.85 9.25
C ASP A 177 -51.02 34.22 8.57
N GLN A 178 -50.28 35.14 9.18
CA GLN A 178 -50.24 36.54 8.82
C GLN A 178 -49.27 36.72 7.67
N LEU A 179 -48.06 36.18 7.78
CA LEU A 179 -47.03 36.37 6.74
C LEU A 179 -47.44 36.10 5.27
N ILE A 180 -48.16 35.02 5.03
CA ILE A 180 -48.66 34.78 3.68
C ILE A 180 -50.20 35.00 3.60
N GLY A 181 -50.58 36.09 2.93
CA GLY A 181 -51.96 36.50 2.83
C GLY A 181 -52.14 37.89 3.43
N ILE A 182 -51.66 38.08 4.66
CA ILE A 182 -51.75 39.35 5.41
C ILE A 182 -50.59 40.29 5.11
N ASN A 183 -49.37 39.83 5.29
CA ASN A 183 -48.20 40.69 5.07
C ASN A 183 -47.65 40.67 3.61
N TYR A 184 -47.62 39.48 3.03
CA TYR A 184 -47.23 39.26 1.64
C TYR A 184 -48.20 38.32 0.87
N ASP A 185 -48.50 38.54 -0.42
CA ASP A 185 -49.47 37.65 -1.12
C ASP A 185 -48.95 36.26 -1.48
N SER A 186 -47.75 36.17 -2.02
CA SER A 186 -47.26 34.87 -2.38
C SER A 186 -45.84 34.69 -1.90
N ILE A 187 -45.36 33.44 -1.92
CA ILE A 187 -43.96 33.13 -1.57
C ILE A 187 -43.19 32.35 -2.68
N VAL A 188 -41.99 32.77 -2.96
CA VAL A 188 -41.17 31.98 -3.84
C VAL A 188 -39.82 31.73 -3.12
N TRP A 189 -39.57 30.46 -2.72
CA TRP A 189 -38.39 30.04 -1.94
C TRP A 189 -37.59 29.13 -2.78
N LEU A 190 -36.36 29.55 -3.08
CA LEU A 190 -35.46 28.88 -4.01
C LEU A 190 -34.13 28.59 -3.37
N LYS A 191 -33.63 27.37 -3.47
CA LYS A 191 -32.29 27.16 -2.94
C LYS A 191 -31.16 27.48 -3.95
N ASP A 192 -30.16 28.28 -3.59
CA ASP A 192 -29.08 28.68 -4.49
C ASP A 192 -28.01 27.62 -4.43
N SER A 193 -27.01 27.77 -3.57
CA SER A 193 -25.89 26.81 -3.41
C SER A 193 -24.95 26.81 -4.63
N GLY A 194 -24.98 27.94 -5.30
CA GLY A 194 -24.22 28.17 -6.52
C GLY A 194 -22.77 28.54 -6.32
N THR A 195 -21.89 27.91 -7.07
CA THR A 195 -20.46 28.15 -6.90
C THR A 195 -20.01 28.61 -8.30
N ALA A 196 -20.49 27.93 -9.34
CA ALA A 196 -20.24 28.33 -10.72
C ALA A 196 -20.85 29.70 -10.96
N PRO A 197 -20.44 30.35 -12.06
CA PRO A 197 -20.99 31.67 -12.43
C PRO A 197 -22.31 31.62 -13.18
N LYS A 198 -22.59 30.45 -13.75
CA LYS A 198 -23.84 30.23 -14.42
C LYS A 198 -24.92 29.98 -13.43
N SER A 199 -24.60 29.72 -12.16
CA SER A 199 -25.67 29.33 -11.21
C SER A 199 -26.52 30.54 -10.97
N THR A 200 -25.89 31.70 -10.97
CA THR A 200 -26.60 32.91 -10.69
C THR A 200 -27.55 33.25 -11.80
N PHE A 201 -27.38 32.66 -12.99
CA PHE A 201 -28.37 32.91 -14.03
C PHE A 201 -29.45 31.82 -14.02
N ASP A 202 -29.00 30.59 -13.80
CA ASP A 202 -29.91 29.44 -13.78
C ASP A 202 -30.87 29.61 -12.67
N LEU A 203 -30.36 30.25 -11.62
CA LEU A 203 -31.17 30.48 -10.48
C LEU A 203 -32.36 31.27 -10.95
N PHE A 204 -32.08 32.41 -11.56
CA PHE A 204 -33.17 33.29 -11.95
C PHE A 204 -34.03 32.74 -13.10
N THR A 205 -33.55 31.67 -13.73
CA THR A 205 -34.40 30.92 -14.63
C THR A 205 -35.44 30.21 -13.81
N ASP A 206 -35.08 29.78 -12.62
CA ASP A 206 -36.10 29.02 -11.92
C ASP A 206 -36.92 29.96 -11.09
N ILE A 207 -36.45 31.19 -10.87
CA ILE A 207 -37.38 32.21 -10.38
C ILE A 207 -38.44 32.50 -11.44
N LEU A 208 -38.00 33.14 -12.52
CA LEU A 208 -38.81 33.34 -13.73
C LEU A 208 -39.82 32.24 -13.97
N LEU A 209 -39.47 30.96 -13.72
CA LEU A 209 -40.49 29.90 -13.88
C LEU A 209 -41.33 29.61 -12.66
N LEU A 211 -42.60 31.85 -10.95
CA LEU A 211 -43.62 32.89 -11.05
C LEU A 211 -44.66 32.36 -12.04
N LYS A 212 -44.20 31.83 -13.18
CA LYS A 212 -45.11 31.43 -14.24
C LYS A 212 -46.21 30.39 -13.84
N SER A 213 -47.41 30.65 -14.37
CA SER A 213 -48.70 29.96 -14.25
C SER A 213 -48.56 28.48 -14.75
N GLU A 214 -49.43 27.54 -14.38
CA GLU A 214 -49.31 26.13 -14.90
C GLU A 214 -49.33 26.04 -16.43
N ASP A 215 -50.22 26.85 -17.00
CA ASP A 215 -50.28 27.20 -18.41
C ASP A 215 -49.02 27.99 -18.54
N ASP A 216 -48.37 28.02 -19.70
CA ASP A 216 -47.09 28.74 -19.89
C ASP A 216 -45.94 28.17 -19.00
N LEU A 217 -46.13 26.98 -18.46
CA LEU A 217 -45.02 26.13 -18.06
C LEU A 217 -44.91 25.05 -19.11
N LEU A 218 -46.00 24.84 -19.84
CA LEU A 218 -46.03 23.98 -21.03
C LEU A 218 -45.18 24.68 -22.11
N ASN A 219 -45.44 25.97 -22.27
CA ASN A 219 -44.78 26.88 -23.21
C ASN A 219 -43.28 27.34 -23.04
N PHE A 220 -42.61 27.03 -21.92
CA PHE A 220 -41.18 27.36 -21.66
C PHE A 220 -40.38 27.19 -22.97
N PRO A 221 -39.74 28.28 -23.45
CA PRO A 221 -38.86 28.36 -24.64
C PRO A 221 -37.40 27.86 -24.40
N SER A 222 -36.54 27.87 -25.41
CA SER A 222 -35.12 27.56 -25.14
C SER A 222 -34.43 28.68 -24.37
N VAL A 223 -35.01 29.02 -23.22
CA VAL A 223 -34.47 30.04 -22.33
C VAL A 223 -33.11 29.73 -21.74
N GLU A 224 -32.71 28.45 -21.68
CA GLU A 224 -31.34 28.13 -21.30
C GLU A 224 -30.32 29.06 -22.01
N HIS A 225 -30.63 29.45 -23.25
CA HIS A 225 -29.81 30.38 -24.04
C HIS A 225 -30.71 31.59 -24.36
N VAL A 226 -30.49 32.65 -23.57
CA VAL A 226 -31.27 33.88 -23.58
C VAL A 226 -30.50 34.84 -22.64
N THR A 227 -30.43 36.12 -23.05
CA THR A 227 -29.54 37.09 -22.39
C THR A 227 -29.81 37.29 -20.91
N SER A 228 -28.84 37.89 -20.19
CA SER A 228 -29.07 38.18 -18.78
C SER A 228 -30.11 39.30 -18.61
N VAL A 229 -30.01 40.31 -19.46
CA VAL A 229 -30.91 41.46 -19.50
C VAL A 229 -32.40 41.08 -19.82
N VAL A 230 -32.54 39.97 -20.55
CA VAL A 230 -33.84 39.47 -20.98
C VAL A 230 -34.45 38.50 -19.98
N LEU A 231 -33.71 37.56 -19.41
CA LEU A 231 -34.28 36.78 -18.33
C LEU A 231 -34.73 37.84 -17.28
N LYS A 232 -33.94 38.92 -17.09
CA LYS A 232 -34.30 39.99 -16.12
C LYS A 232 -35.58 40.77 -16.54
N ARG A 233 -35.66 41.20 -17.78
CA ARG A 233 -36.87 41.92 -18.18
C ARG A 233 -38.10 40.98 -18.12
N ILE A 235 -38.55 38.72 -16.12
CA ILE A 235 -38.95 38.59 -14.72
C ILE A 235 -39.68 39.86 -14.26
N CYS A 236 -39.08 41.04 -14.42
CA CYS A 236 -39.76 42.23 -13.91
C CYS A 236 -41.13 42.42 -14.66
N ASN A 237 -41.29 41.80 -15.83
CA ASN A 237 -42.60 41.65 -16.49
C ASN A 237 -43.54 40.75 -15.72
N ALA A 238 -43.27 39.45 -15.87
CA ALA A 238 -44.06 38.41 -15.21
C ALA A 238 -44.26 38.59 -13.71
N LEU A 239 -43.66 39.63 -13.15
CA LEU A 239 -43.77 39.88 -11.71
C LEU A 239 -44.90 40.80 -11.44
N ILE A 240 -45.53 41.36 -12.49
CA ILE A 240 -46.67 42.25 -12.26
C ILE A 240 -47.79 41.39 -11.67
N ASP A 241 -48.07 40.24 -12.26
CA ASP A 241 -49.18 39.41 -11.77
C ASP A 241 -48.95 38.86 -10.35
N ARG A 242 -47.82 39.24 -9.74
CA ARG A 242 -47.37 38.85 -8.37
C ARG A 242 -46.98 40.07 -7.47
N PRO A 243 -47.96 40.70 -6.82
CA PRO A 243 -47.93 41.75 -5.80
C PRO A 243 -47.32 41.17 -4.56
N ASN A 244 -46.68 41.94 -3.67
CA ASN A 244 -46.00 41.33 -2.50
C ASN A 244 -45.70 39.87 -2.58
N THR A 245 -44.54 39.58 -3.17
CA THR A 245 -44.11 38.22 -3.30
C THR A 245 -42.89 38.23 -2.39
N LEU A 246 -42.82 37.29 -1.45
CA LEU A 246 -41.66 37.18 -0.57
C LEU A 246 -40.69 36.21 -1.22
N PHE A 247 -39.41 36.49 -1.09
CA PHE A 247 -38.44 35.60 -1.67
C PHE A 247 -37.51 34.98 -0.71
N VAL A 248 -37.57 33.68 -0.59
CA VAL A 248 -36.49 33.05 0.11
C VAL A 248 -35.37 32.53 -0.83
N PHE A 249 -34.16 32.92 -0.54
CA PHE A 249 -33.04 32.46 -1.27
C PHE A 249 -32.26 31.55 -0.32
N ASP A 250 -32.68 30.29 -0.17
CA ASP A 250 -32.06 29.43 0.83
C ASP A 250 -30.63 29.12 0.32
N ASP A 251 -29.64 29.50 1.12
CA ASP A 251 -28.20 29.24 0.99
C ASP A 251 -27.51 30.00 -0.08
N VAL A 252 -27.42 31.30 0.01
CA VAL A 252 -26.65 31.98 -0.98
C VAL A 252 -25.15 31.97 -0.55
N VAL A 253 -24.29 31.63 -1.50
CA VAL A 253 -22.84 31.70 -1.40
C VAL A 253 -22.28 32.80 -2.27
N GLN A 254 -22.87 33.04 -3.43
CA GLN A 254 -22.35 34.06 -4.35
C GLN A 254 -22.89 35.46 -4.14
N GLU A 255 -22.01 36.47 -4.01
CA GLU A 255 -22.46 37.87 -3.89
C GLU A 255 -23.13 38.30 -5.14
N GLU A 256 -23.22 37.42 -6.12
CA GLU A 256 -23.92 37.80 -7.33
C GLU A 256 -25.48 37.78 -7.28
N THR A 257 -26.02 36.73 -6.66
CA THR A 257 -27.41 36.63 -6.26
C THR A 257 -27.79 37.98 -5.76
N ILE A 258 -27.29 38.35 -4.60
CA ILE A 258 -27.55 39.66 -3.98
C ILE A 258 -27.53 40.86 -4.94
N ARG A 259 -26.65 40.89 -5.94
CA ARG A 259 -26.79 41.98 -6.89
C ARG A 259 -28.03 41.85 -7.78
N TRP A 260 -28.34 40.64 -8.27
CA TRP A 260 -29.55 40.48 -9.09
C TRP A 260 -30.83 40.72 -8.34
N ALA A 261 -30.92 40.07 -7.18
CA ALA A 261 -32.01 40.27 -6.27
C ALA A 261 -32.21 41.75 -6.01
N GLN A 262 -31.15 42.56 -6.03
CA GLN A 262 -31.33 43.97 -5.72
C GLN A 262 -31.61 44.82 -6.94
N GLU A 263 -31.30 44.29 -8.11
CA GLU A 263 -31.58 44.96 -9.39
C GLU A 263 -33.02 44.75 -9.81
N LEU A 264 -33.55 43.63 -9.35
CA LEU A 264 -34.89 43.24 -9.71
C LEU A 264 -35.81 43.80 -8.62
N ARG A 265 -35.26 44.67 -7.75
CA ARG A 265 -36.04 45.31 -6.66
C ARG A 265 -36.96 44.30 -5.99
N LEU A 266 -36.36 43.16 -5.68
CA LEU A 266 -37.03 42.04 -5.09
C LEU A 266 -37.02 42.12 -3.57
N ARG A 267 -37.94 41.37 -2.98
CA ARG A 267 -38.03 41.20 -1.55
C ARG A 267 -37.44 39.87 -1.02
N CYS A 268 -36.36 39.93 -0.26
CA CYS A 268 -35.65 38.72 0.10
C CYS A 268 -35.41 38.38 1.57
N LEU A 269 -35.82 37.17 1.93
CA LEU A 269 -35.29 36.49 3.08
C LEU A 269 -34.14 35.79 2.36
N VAL A 270 -32.94 35.65 2.96
CA VAL A 270 -31.73 35.06 2.34
C VAL A 270 -31.16 34.23 3.44
N THR A 271 -31.13 32.92 3.36
CA THR A 271 -30.37 32.24 4.39
C THR A 271 -29.01 32.04 3.89
N THR A 272 -27.96 32.25 4.68
CA THR A 272 -26.58 32.11 4.16
C THR A 272 -25.53 31.78 5.20
N ARG A 273 -24.34 31.38 4.78
CA ARG A 273 -23.29 31.16 5.75
C ARG A 273 -22.28 32.31 5.73
N ASP A 274 -21.92 32.77 4.55
CA ASP A 274 -21.02 33.91 4.37
C ASP A 274 -21.83 35.24 4.39
N VAL A 275 -21.57 36.12 5.35
CA VAL A 275 -22.38 37.34 5.58
C VAL A 275 -22.03 38.55 4.70
N GLU A 276 -20.80 38.57 4.19
CA GLU A 276 -20.28 39.75 3.48
C GLU A 276 -20.92 40.01 2.12
N ILE A 277 -21.72 39.06 1.67
CA ILE A 277 -22.39 39.22 0.41
C ILE A 277 -23.28 40.50 0.44
N SER A 278 -23.49 41.05 1.63
CA SER A 278 -24.36 42.20 1.76
C SER A 278 -23.70 43.49 1.39
N ASN A 279 -22.40 43.58 1.41
CA ASN A 279 -21.76 44.82 0.90
C ASN A 279 -22.06 44.96 -0.60
N ALA A 280 -22.46 43.88 -1.21
CA ALA A 280 -22.89 43.98 -2.58
C ALA A 280 -24.12 44.86 -2.74
N ALA A 281 -24.99 44.90 -1.74
CA ALA A 281 -26.24 45.67 -1.89
C ALA A 281 -26.13 47.09 -1.44
N SER A 282 -27.06 47.88 -1.95
CA SER A 282 -27.26 49.25 -1.52
C SER A 282 -28.68 49.54 -1.11
N GLN A 283 -28.98 49.25 0.14
CA GLN A 283 -30.37 49.17 0.52
C GLN A 283 -30.51 49.00 2.04
N THR A 284 -31.80 48.94 2.37
CA THR A 284 -32.31 48.55 3.67
C THR A 284 -31.69 47.16 3.86
N CYS A 285 -30.58 47.04 4.61
CA CYS A 285 -30.18 45.67 4.87
C CYS A 285 -30.29 45.43 6.35
N GLU A 286 -31.03 44.37 6.66
CA GLU A 286 -31.28 44.04 8.05
C GLU A 286 -30.92 42.59 8.23
N PHE A 287 -30.45 42.28 9.43
CA PHE A 287 -29.80 41.03 9.75
C PHE A 287 -30.36 40.40 10.99
N ILE A 288 -30.42 39.08 11.02
CA ILE A 288 -30.77 38.28 12.17
C ILE A 288 -29.83 37.22 12.07
N GLU A 289 -28.91 37.13 13.03
CA GLU A 289 -27.77 36.16 12.97
C GLU A 289 -28.10 34.82 13.70
N VAL A 290 -27.94 33.65 13.07
CA VAL A 290 -28.22 32.43 13.86
C VAL A 290 -27.04 31.92 14.64
N THR A 291 -26.92 32.27 15.91
CA THR A 291 -25.82 31.81 16.72
C THR A 291 -25.96 30.35 17.10
N SER A 292 -24.89 29.83 17.63
CA SER A 292 -24.95 28.48 18.13
C SER A 292 -25.87 28.29 19.35
N LEU A 293 -26.59 27.19 19.35
CA LEU A 293 -27.46 26.82 20.45
C LEU A 293 -26.76 26.83 21.85
N GLU A 294 -27.24 27.73 22.72
CA GLU A 294 -26.84 27.93 24.13
C GLU A 294 -26.88 26.59 24.88
N ILE A 295 -26.17 26.48 26.01
CA ILE A 295 -26.06 25.16 26.67
C ILE A 295 -27.42 24.61 27.07
N ASP A 296 -28.31 25.54 27.45
CA ASP A 296 -29.67 25.21 27.90
C ASP A 296 -30.64 24.84 26.77
N GLU A 297 -30.56 25.53 25.64
CA GLU A 297 -31.44 25.18 24.53
C GLU A 297 -31.11 23.78 24.03
N CYS A 298 -29.87 23.36 24.21
CA CYS A 298 -29.49 22.04 23.76
C CYS A 298 -30.28 21.05 24.62
N TYR A 299 -30.36 21.36 25.91
CA TYR A 299 -31.11 20.55 26.86
C TYR A 299 -32.54 20.47 26.32
N ASP A 300 -33.15 21.64 26.03
CA ASP A 300 -34.54 21.71 25.53
C ASP A 300 -34.75 20.77 24.33
N PHE A 301 -33.78 20.84 23.40
CA PHE A 301 -33.69 20.08 22.14
C PHE A 301 -33.62 18.57 22.36
N LEU A 302 -32.92 18.17 23.42
CA LEU A 302 -32.73 16.77 23.77
C LEU A 302 -34.00 16.20 24.38
N GLU A 303 -34.49 16.90 25.40
CA GLU A 303 -35.77 16.59 26.02
C GLU A 303 -36.78 16.45 24.89
N ALA A 304 -36.76 17.41 23.97
CA ALA A 304 -37.64 17.49 22.81
C ALA A 304 -37.74 16.26 21.88
N TYR A 305 -36.61 15.59 21.59
CA TYR A 305 -36.63 14.37 20.75
C TYR A 305 -36.46 13.05 21.50
N GLY A 306 -36.89 13.02 22.77
CA GLY A 306 -36.93 11.81 23.55
C GLY A 306 -35.74 11.37 24.39
N PRO A 308 -33.45 10.78 27.72
CA PRO A 308 -33.47 10.57 29.17
C PRO A 308 -32.42 11.54 29.75
N PRO A 310 -29.87 13.35 32.70
CA PRO A 310 -28.86 12.75 33.59
C PRO A 310 -29.36 12.62 35.03
N VAL A 311 -28.57 11.91 35.81
CA VAL A 311 -28.82 11.69 37.22
C VAL A 311 -27.44 11.77 37.84
N GLY A 312 -26.58 10.76 37.68
CA GLY A 312 -25.22 10.92 38.16
C GLY A 312 -24.57 12.21 37.65
N GLU A 313 -23.50 12.65 38.31
CA GLU A 313 -22.80 13.91 37.98
C GLU A 313 -22.03 13.65 36.72
N LYS A 314 -21.40 12.49 36.70
CA LYS A 314 -20.77 12.06 35.48
C LYS A 314 -21.83 11.44 34.53
N GLU A 315 -22.84 12.27 34.23
CA GLU A 315 -23.88 12.01 33.22
C GLU A 315 -24.33 13.38 32.69
N GLU A 316 -24.56 14.34 33.60
CA GLU A 316 -24.70 15.74 33.19
C GLU A 316 -23.40 16.21 32.56
N ASP A 317 -22.29 15.63 33.02
CA ASP A 317 -21.00 15.90 32.38
C ASP A 317 -20.90 15.26 30.99
N VAL A 318 -21.45 14.04 30.81
CA VAL A 318 -21.46 13.42 29.49
C VAL A 318 -22.16 14.31 28.51
N LEU A 319 -23.23 14.92 28.99
CA LEU A 319 -23.97 15.72 28.07
C LEU A 319 -23.39 17.13 27.90
N ASN A 320 -22.77 17.72 28.93
CA ASN A 320 -22.05 18.99 28.71
C ASN A 320 -20.80 18.82 27.87
N LYS A 321 -20.21 17.64 27.89
CA LYS A 321 -19.16 17.29 26.93
C LYS A 321 -19.69 17.27 25.51
N THR A 322 -20.81 16.59 25.27
CA THR A 322 -21.31 16.62 23.91
C THR A 322 -21.63 18.03 23.53
N ILE A 323 -22.28 18.79 24.40
CA ILE A 323 -22.67 20.16 24.09
C ILE A 323 -21.43 21.06 23.92
N GLU A 324 -20.35 20.78 24.65
CA GLU A 324 -19.10 21.53 24.49
C GLU A 324 -18.42 21.20 23.15
N LEU A 325 -18.30 19.90 22.82
CA LEU A 325 -17.68 19.37 21.58
C LEU A 325 -18.35 19.91 20.32
N SER A 326 -19.62 19.59 20.14
CA SER A 326 -20.38 20.10 19.02
C SER A 326 -20.78 21.56 19.24
N SER A 327 -19.81 22.39 19.68
CA SER A 327 -20.01 23.81 20.05
C SER A 327 -21.33 24.41 19.65
N GLY A 328 -22.39 23.93 20.33
CA GLY A 328 -23.77 24.31 20.07
C GLY A 328 -24.10 24.19 18.61
N ASN A 329 -24.37 23.00 18.14
CA ASN A 329 -24.64 22.98 16.72
C ASN A 329 -25.76 22.04 16.35
N PRO A 330 -26.93 22.63 16.06
CA PRO A 330 -28.19 22.01 15.67
C PRO A 330 -27.92 20.76 14.84
N ALA A 331 -27.30 20.92 13.65
CA ALA A 331 -27.06 19.83 12.68
C ALA A 331 -26.28 18.63 13.23
N THR A 332 -25.11 18.87 13.83
CA THR A 332 -24.29 17.79 14.43
C THR A 332 -24.88 17.22 15.72
N LEU A 333 -25.65 18.04 16.43
CA LEU A 333 -26.35 17.57 17.60
C LEU A 333 -27.33 16.59 17.08
N PHE A 336 -25.89 13.43 16.09
CA PHE A 336 -25.50 12.83 17.36
C PHE A 336 -26.70 12.07 17.99
N PHE A 337 -27.85 12.71 18.22
CA PHE A 337 -28.97 11.98 18.81
C PHE A 337 -29.24 10.76 17.84
N LYS A 338 -29.48 11.04 16.55
CA LYS A 338 -29.79 10.01 15.55
C LYS A 338 -28.84 8.84 15.55
N SER A 339 -27.67 9.02 16.16
CA SER A 339 -26.56 8.05 16.13
C SER A 339 -26.34 7.46 17.51
N CYS A 340 -27.20 7.85 18.44
CA CYS A 340 -27.11 7.35 19.79
C CYS A 340 -27.76 5.96 19.99
N GLU A 341 -28.13 5.27 18.88
CA GLU A 341 -28.65 3.88 18.85
C GLU A 341 -29.30 3.40 20.17
N PRO A 342 -28.53 2.84 21.16
CA PRO A 342 -29.26 2.21 22.27
C PRO A 342 -30.03 3.24 23.12
N LYS A 343 -29.63 4.51 23.04
CA LYS A 343 -30.21 5.69 23.74
C LYS A 343 -29.55 5.96 25.10
N THR A 344 -28.77 4.99 25.57
CA THR A 344 -28.08 5.09 26.88
C THR A 344 -27.14 6.30 26.95
N PHE A 345 -27.03 6.94 28.12
CA PHE A 345 -25.94 7.89 28.40
C PHE A 345 -24.54 7.35 28.16
N GLU A 346 -24.42 6.04 28.36
CA GLU A 346 -23.21 5.26 28.19
C GLU A 346 -22.74 5.32 26.72
N LYS A 347 -23.56 4.81 25.79
CA LYS A 347 -23.21 4.81 24.37
C LYS A 347 -23.11 6.27 23.86
N ALA A 349 -21.55 8.62 25.74
CA ALA A 349 -20.18 9.01 26.06
C ALA A 349 -19.25 8.24 25.12
N GLN A 350 -19.66 7.04 24.70
CA GLN A 350 -18.91 6.32 23.68
C GLN A 350 -18.73 7.21 22.48
N LEU A 351 -19.82 7.86 22.04
CA LEU A 351 -19.75 8.73 20.85
C LEU A 351 -18.84 9.89 21.23
N ASN A 352 -18.97 10.41 22.46
CA ASN A 352 -18.09 11.48 22.94
C ASN A 352 -16.58 11.14 22.83
N ASN A 353 -16.25 9.84 22.92
CA ASN A 353 -14.89 9.33 22.73
C ASN A 353 -14.58 9.38 21.26
N LYS A 354 -15.42 8.60 20.57
CA LYS A 354 -15.47 8.44 19.14
C LYS A 354 -15.28 9.77 18.41
N LEU A 355 -15.68 10.88 19.05
CA LEU A 355 -15.58 12.20 18.40
C LEU A 355 -14.20 12.89 18.32
N GLU A 356 -13.33 12.74 19.31
CA GLU A 356 -11.98 13.37 19.23
C GLU A 356 -10.96 12.58 18.42
N SER A 357 -11.13 11.28 18.49
CA SER A 357 -10.23 10.36 17.86
C SER A 357 -10.61 9.67 16.55
N ARG A 358 -11.54 10.27 15.83
CA ARG A 358 -11.91 9.77 14.50
C ARG A 358 -12.65 10.92 13.81
N GLY A 359 -12.71 12.08 14.49
CA GLY A 359 -13.41 13.31 14.09
C GLY A 359 -14.95 13.20 13.90
N LEU A 360 -15.57 14.11 13.14
CA LEU A 360 -17.05 14.08 13.03
C LEU A 360 -17.57 12.77 12.44
N VAL A 361 -16.65 11.97 11.90
CA VAL A 361 -16.94 10.74 11.17
C VAL A 361 -17.35 9.63 12.10
N GLY A 362 -17.32 9.94 13.39
CA GLY A 362 -17.66 8.91 14.36
C GLY A 362 -19.18 8.95 14.55
N VAL A 363 -19.74 10.06 14.10
CA VAL A 363 -21.14 10.32 14.32
C VAL A 363 -21.90 10.71 13.04
N GLU A 364 -21.18 10.68 11.91
CA GLU A 364 -21.79 10.85 10.59
C GLU A 364 -22.93 9.81 10.34
N CYS A 365 -24.07 10.39 9.94
CA CYS A 365 -25.37 9.72 9.81
C CYS A 365 -26.34 10.30 8.79
N ILE A 366 -27.37 9.48 8.47
CA ILE A 366 -28.57 9.89 7.72
C ILE A 366 -29.32 10.83 8.66
N THR A 367 -29.47 12.08 8.24
CA THR A 367 -30.06 13.16 9.03
C THR A 367 -30.97 14.08 8.23
N PRO A 368 -31.95 14.74 8.86
CA PRO A 368 -32.68 15.82 8.19
C PRO A 368 -31.84 16.84 7.42
N TYR A 369 -30.55 16.93 7.77
CA TYR A 369 -29.56 17.71 7.04
C TYR A 369 -29.32 17.06 5.70
N SER A 370 -29.17 17.79 4.62
CA SER A 370 -28.85 17.08 3.37
C SER A 370 -27.47 16.32 3.35
N TYR A 371 -26.63 16.57 4.37
CA TYR A 371 -25.23 16.16 4.48
C TYR A 371 -24.98 15.13 5.58
N LYS A 372 -24.19 14.11 5.26
CA LYS A 372 -23.80 13.08 6.27
C LYS A 372 -23.06 13.60 7.48
N SER A 373 -22.16 14.58 7.34
CA SER A 373 -21.45 15.12 8.52
C SER A 373 -21.09 16.60 8.30
N LEU A 374 -20.91 17.32 9.38
CA LEU A 374 -20.70 18.76 9.31
C LEU A 374 -19.43 19.17 8.49
N ALA A 375 -18.57 18.17 8.26
CA ALA A 375 -17.34 18.45 7.53
C ALA A 375 -17.60 18.70 6.02
N ALA A 377 -20.08 20.18 4.91
CA ALA A 377 -20.69 21.48 4.73
C ALA A 377 -19.56 22.52 4.82
N LEU A 378 -18.77 22.47 5.89
CA LEU A 378 -17.74 23.49 6.11
C LEU A 378 -16.74 23.50 4.95
N GLN A 379 -16.58 22.31 4.36
CA GLN A 379 -15.83 22.08 3.14
C GLN A 379 -15.93 23.23 2.16
N ARG A 380 -17.16 23.45 1.72
CA ARG A 380 -17.43 24.44 0.71
C ARG A 380 -16.95 25.80 1.21
N CYS A 381 -17.30 26.10 2.46
CA CYS A 381 -17.00 27.37 3.13
C CYS A 381 -15.52 27.71 3.10
N VAL A 382 -14.70 26.68 2.93
CA VAL A 382 -13.25 26.84 3.05
C VAL A 382 -12.74 27.02 1.66
N GLU A 383 -13.48 26.44 0.73
CA GLU A 383 -13.09 26.55 -0.67
C GLU A 383 -13.28 27.96 -1.15
N VAL A 384 -14.41 28.58 -0.78
CA VAL A 384 -14.70 29.95 -1.20
C VAL A 384 -13.69 30.94 -0.69
N LEU A 385 -12.97 30.54 0.34
CA LEU A 385 -12.10 31.43 1.11
C LEU A 385 -10.92 32.04 0.38
N SER A 386 -10.69 33.33 0.63
CA SER A 386 -9.47 34.02 0.17
C SER A 386 -8.31 33.05 0.41
N ASP A 387 -7.42 32.89 -0.55
CA ASP A 387 -6.29 31.95 -0.44
C ASP A 387 -5.44 31.99 0.91
N GLU A 388 -5.22 33.22 1.38
CA GLU A 388 -4.49 33.53 2.62
C GLU A 388 -5.36 33.18 3.81
N ASP A 389 -6.67 33.37 3.66
CA ASP A 389 -7.57 33.02 4.72
C ASP A 389 -7.60 31.51 4.78
N ARG A 390 -7.45 30.84 3.64
CA ARG A 390 -7.39 29.41 3.66
C ARG A 390 -6.24 28.98 4.47
N SER A 391 -5.22 29.83 4.43
CA SER A 391 -3.97 29.58 5.13
C SER A 391 -4.08 29.75 6.66
N ALA A 392 -4.50 30.94 7.05
CA ALA A 392 -4.83 31.28 8.43
C ALA A 392 -5.72 30.18 9.09
N LEU A 393 -6.75 29.78 8.36
CA LEU A 393 -7.67 28.79 8.87
C LEU A 393 -6.95 27.49 9.04
N ALA A 394 -6.16 27.14 8.05
CA ALA A 394 -5.51 25.82 8.04
C ALA A 394 -4.58 25.66 9.28
N PHE A 395 -4.07 26.80 9.76
CA PHE A 395 -3.14 26.81 10.92
C PHE A 395 -3.83 26.93 12.27
N ALA A 396 -4.97 27.63 12.34
CA ALA A 396 -5.67 27.72 13.61
C ALA A 396 -6.00 26.37 14.25
N VAL A 397 -5.57 25.26 13.63
CA VAL A 397 -5.68 23.94 14.24
C VAL A 397 -4.89 23.95 15.53
N VAL A 398 -3.60 24.28 15.41
CA VAL A 398 -2.61 24.23 16.50
C VAL A 398 -2.91 25.16 17.69
N PRO A 400 -5.57 26.12 21.31
CA PRO A 400 -6.39 25.53 22.36
C PRO A 400 -7.85 25.83 22.01
N PRO A 401 -8.73 24.82 22.02
CA PRO A 401 -10.11 25.09 21.64
C PRO A 401 -10.96 25.59 22.83
N GLY A 402 -11.97 26.41 22.56
CA GLY A 402 -12.85 26.90 23.59
C GLY A 402 -11.99 27.67 24.57
N VAL A 403 -11.07 28.48 24.07
CA VAL A 403 -10.24 29.30 24.93
C VAL A 403 -10.01 30.61 24.23
N ASP A 404 -10.24 31.68 24.97
CA ASP A 404 -10.06 33.03 24.47
C ASP A 404 -8.62 33.51 24.56
N ILE A 405 -8.04 33.81 23.40
CA ILE A 405 -6.62 34.07 23.32
C ILE A 405 -6.28 35.29 22.41
N PRO A 406 -5.30 36.12 22.82
CA PRO A 406 -4.84 37.41 22.22
C PRO A 406 -4.30 37.37 20.76
N VAL A 407 -4.18 38.56 20.15
CA VAL A 407 -3.73 38.71 18.76
C VAL A 407 -2.26 38.34 18.60
N LYS A 408 -1.41 38.78 19.53
CA LYS A 408 0.01 38.42 19.42
C LYS A 408 0.14 36.85 19.53
N LEU A 409 -0.53 36.19 20.48
CA LEU A 409 -0.56 34.70 20.50
C LEU A 409 -1.06 34.07 19.16
N TRP A 410 -1.69 34.85 18.29
CA TRP A 410 -2.11 34.32 17.00
C TRP A 410 -1.06 34.69 15.98
N SER A 411 -0.46 35.88 16.10
CA SER A 411 0.59 36.32 15.17
C SER A 411 1.72 35.25 15.04
N CYS A 412 1.78 34.31 16.00
CA CYS A 412 2.82 33.29 16.00
C CYS A 412 2.55 32.18 14.99
N VAL A 413 1.32 31.66 14.92
CA VAL A 413 1.09 30.57 13.96
C VAL A 413 0.58 31.10 12.63
N ILE A 414 -0.10 32.24 12.64
CA ILE A 414 -0.70 32.75 11.40
C ILE A 414 0.33 33.43 10.47
N PRO A 415 0.38 33.05 9.18
CA PRO A 415 1.17 33.63 8.09
C PRO A 415 0.88 35.10 7.79
N VAL A 416 1.74 35.72 6.97
CA VAL A 416 1.60 37.07 6.37
C VAL A 416 2.84 37.30 5.47
N ASP A 417 2.67 38.14 4.43
CA ASP A 417 3.77 38.60 3.55
C ASP A 417 4.85 39.38 4.29
N GLU A 424 7.49 43.62 9.50
CA GLU A 424 7.44 44.89 10.23
C GLU A 424 7.08 44.67 11.71
N GLN A 425 6.47 45.66 12.37
CA GLN A 425 6.34 45.52 13.82
C GLN A 425 4.85 45.55 14.29
N LEU A 426 3.91 46.02 13.45
CA LEU A 426 2.48 45.90 13.82
C LEU A 426 1.71 44.73 13.17
N ASP A 427 1.43 43.67 13.95
CA ASP A 427 0.63 42.58 13.45
C ASP A 427 -0.81 42.68 13.80
N ASP A 428 -1.49 43.58 13.11
CA ASP A 428 -2.94 43.65 13.14
C ASP A 428 -3.47 42.91 11.94
N GLU A 429 -2.65 42.84 10.90
CA GLU A 429 -2.99 42.09 9.71
C GLU A 429 -3.50 40.68 10.08
N VAL A 430 -2.98 40.11 11.17
CA VAL A 430 -3.45 38.83 11.67
C VAL A 430 -4.91 38.99 11.95
N ALA A 431 -5.24 40.08 12.65
CA ALA A 431 -6.65 40.39 12.93
C ALA A 431 -7.57 40.57 11.66
N ASP A 432 -7.13 41.23 10.57
CA ASP A 432 -8.04 41.40 9.40
C ASP A 432 -8.39 40.06 8.85
N ARG A 433 -7.39 39.21 8.83
CA ARG A 433 -7.58 37.86 8.33
C ARG A 433 -8.49 37.01 9.28
N LEU A 434 -8.24 37.08 10.60
CA LEU A 434 -9.04 36.33 11.60
C LEU A 434 -10.51 36.83 11.70
N LYS A 435 -10.72 38.10 11.40
CA LYS A 435 -12.06 38.60 11.23
C LYS A 435 -12.76 38.08 9.98
N ARG A 436 -12.22 38.33 8.76
CA ARG A 436 -12.81 37.70 7.53
C ARG A 436 -13.15 36.21 7.83
N LEU A 437 -12.33 35.58 8.64
CA LEU A 437 -12.50 34.17 8.93
C LEU A 437 -13.72 33.91 9.83
N SER A 438 -13.98 34.82 10.75
CA SER A 438 -15.21 34.68 11.50
C SER A 438 -16.51 35.11 10.80
N LYS A 439 -16.51 36.21 10.03
CA LYS A 439 -17.66 36.63 9.15
C LYS A 439 -18.23 35.63 8.05
N ARG A 440 -17.34 34.73 7.57
CA ARG A 440 -17.42 33.89 6.36
C ARG A 440 -17.50 32.42 6.57
N GLY A 441 -18.51 32.04 7.33
CA GLY A 441 -18.79 30.64 7.60
C GLY A 441 -18.89 30.54 9.08
N ALA A 442 -18.66 31.70 9.69
CA ALA A 442 -18.68 31.89 11.14
C ALA A 442 -17.76 30.86 11.72
N LEU A 443 -16.48 30.99 11.32
CA LEU A 443 -15.44 30.02 11.70
C LEU A 443 -14.58 30.36 12.93
N LEU A 444 -14.30 31.64 13.11
CA LEU A 444 -13.59 32.06 14.30
C LEU A 444 -14.65 32.55 15.31
N SER A 445 -14.52 33.81 15.74
CA SER A 445 -15.23 34.31 16.90
C SER A 445 -14.48 35.54 17.42
N GLY A 446 -14.99 36.73 17.08
CA GLY A 446 -14.39 37.97 17.57
C GLY A 446 -15.06 38.43 18.88
N LYS A 447 -14.24 38.99 19.79
CA LYS A 447 -14.64 39.42 21.15
C LYS A 447 -13.75 40.62 21.55
N ARG A 448 -14.28 41.83 21.44
CA ARG A 448 -13.55 43.12 21.45
C ARG A 448 -12.68 43.38 22.69
N PRO A 450 -12.07 42.22 27.16
CA PRO A 450 -11.08 43.08 27.82
C PRO A 450 -9.93 43.48 26.91
N VAL A 451 -9.47 42.48 26.17
CA VAL A 451 -8.43 42.67 25.17
C VAL A 451 -8.82 41.94 23.89
N LEU A 452 -8.43 42.55 22.78
CA LEU A 452 -8.68 42.07 21.43
C LEU A 452 -8.20 40.63 21.24
N THR A 453 -9.16 39.72 21.22
CA THR A 453 -8.94 38.28 21.18
C THR A 453 -9.91 37.51 20.23
N PHE A 454 -9.48 36.39 19.63
CA PHE A 454 -10.37 35.53 18.82
C PHE A 454 -10.54 34.15 19.46
N LYS A 455 -11.21 33.22 18.83
CA LYS A 455 -11.36 31.92 19.49
C LYS A 455 -11.80 30.91 18.48
N ILE A 456 -11.30 29.70 18.58
CA ILE A 456 -11.76 28.68 17.68
C ILE A 456 -12.61 27.77 18.58
N ASP A 457 -13.82 27.46 18.13
CA ASP A 457 -14.77 26.65 18.87
C ASP A 457 -14.37 25.19 18.83
N HIS A 458 -15.11 24.27 19.43
CA HIS A 458 -14.57 22.91 19.36
C HIS A 458 -14.91 22.20 18.05
N ILE A 459 -16.15 22.33 17.50
CA ILE A 459 -16.54 21.70 16.19
C ILE A 459 -15.74 22.25 15.00
N ILE A 460 -15.62 23.58 15.00
CA ILE A 460 -14.87 24.35 14.01
C ILE A 460 -13.36 24.02 14.11
N HIS A 461 -12.94 23.28 15.15
CA HIS A 461 -11.54 22.84 15.32
C HIS A 461 -11.45 21.36 14.80
N PHE A 463 -12.93 19.76 12.93
CA PHE A 463 -13.04 19.77 11.49
C PHE A 463 -11.61 19.76 11.00
N LEU A 464 -10.88 20.82 11.34
CA LEU A 464 -9.47 20.97 10.98
C LEU A 464 -8.54 19.84 11.45
N LYS A 465 -8.69 19.32 12.69
CA LYS A 465 -7.95 18.11 13.14
C LYS A 465 -7.87 17.12 12.00
N HIS A 466 -8.89 16.30 11.80
CA HIS A 466 -8.82 15.27 10.75
C HIS A 466 -8.96 15.78 9.28
N VAL A 467 -8.44 16.96 8.93
CA VAL A 467 -8.72 17.44 7.59
C VAL A 467 -7.51 18.12 7.03
N VAL A 468 -6.75 18.86 7.84
CA VAL A 468 -5.48 19.44 7.35
C VAL A 468 -4.35 18.45 7.27
N ASP A 469 -3.38 18.82 6.44
CA ASP A 469 -2.17 18.06 6.16
C ASP A 469 -1.46 17.78 7.49
N ALA A 470 -1.27 16.51 7.83
CA ALA A 470 -0.66 16.11 9.09
C ALA A 470 0.62 16.85 9.47
N GLN A 471 1.34 17.30 8.45
CA GLN A 471 2.57 18.10 8.63
C GLN A 471 2.28 19.49 9.16
N THR A 472 1.38 20.21 8.51
CA THR A 472 1.11 21.61 8.86
C THR A 472 0.67 21.74 10.37
N ILE A 473 0.11 20.66 10.96
CA ILE A 473 -0.15 20.59 12.41
C ILE A 473 1.18 20.65 13.18
N ALA A 474 2.07 19.69 12.94
CA ALA A 474 3.36 19.61 13.64
C ALA A 474 4.23 20.87 13.35
N ASN A 475 4.09 21.47 12.16
CA ASN A 475 4.80 22.71 11.83
C ASN A 475 4.23 23.83 12.65
N GLY A 476 2.95 23.78 12.94
CA GLY A 476 2.41 24.85 13.74
C GLY A 476 2.78 24.70 15.20
N ILE A 477 2.86 23.47 15.68
CA ILE A 477 3.24 23.29 17.07
C ILE A 477 4.67 23.78 17.30
N SER A 478 5.61 23.38 16.45
CA SER A 478 6.99 23.87 16.55
C SER A 478 7.25 25.36 16.24
N ILE A 479 6.71 25.82 15.11
CA ILE A 479 6.79 27.23 14.70
C ILE A 479 6.17 28.11 15.83
N LEU A 480 5.39 27.47 16.70
CA LEU A 480 4.83 28.16 17.87
C LEU A 480 5.81 28.12 19.04
N GLU A 481 6.29 26.92 19.37
CA GLU A 481 7.24 26.72 20.45
C GLU A 481 8.47 27.65 20.27
N GLN A 482 8.67 28.19 19.07
CA GLN A 482 9.75 29.19 18.87
C GLN A 482 9.49 30.54 19.56
N ARG A 483 8.44 31.27 19.15
CA ARG A 483 8.14 32.59 19.72
C ARG A 483 7.85 32.55 21.20
N LEU A 484 7.72 31.30 21.64
CA LEU A 484 7.32 30.79 22.93
C LEU A 484 8.29 31.00 24.09
N LEU A 485 9.01 32.13 24.11
CA LEU A 485 10.11 32.30 25.07
C LEU A 485 10.65 33.73 25.32
N GLU A 486 10.51 34.63 24.34
CA GLU A 486 11.37 35.80 24.04
C GLU A 486 12.35 36.36 25.14
N ILE A 487 11.90 37.38 25.88
CA ILE A 487 12.64 38.01 26.97
C ILE A 487 12.09 37.53 28.33
N GLU A 521 -9.80 29.17 33.21
CA GLU A 521 -10.88 29.86 33.91
C GLU A 521 -11.27 31.17 33.19
N THR A 522 -12.38 31.76 33.61
CA THR A 522 -12.94 33.03 33.05
C THR A 522 -12.03 34.25 33.17
N VAL A 523 -10.72 33.99 33.13
CA VAL A 523 -9.69 35.03 33.15
C VAL A 523 -8.73 34.77 31.98
N ILE A 524 -8.50 35.85 31.22
CA ILE A 524 -7.60 35.83 30.08
C ILE A 524 -6.19 35.69 30.58
N ARG A 525 -5.36 35.08 29.73
CA ARG A 525 -3.97 34.80 30.03
C ARG A 525 -3.28 36.14 29.89
N PRO A 526 -2.65 36.58 30.98
CA PRO A 526 -2.03 37.90 31.10
C PRO A 526 -0.77 37.97 30.29
N GLU A 527 -0.35 39.18 29.99
CA GLU A 527 0.82 39.43 29.17
C GLU A 527 2.09 39.18 30.03
N ASP A 528 1.92 38.90 31.34
CA ASP A 528 3.04 38.53 32.25
C ASP A 528 3.35 37.03 32.13
N PHE A 529 2.39 36.28 31.61
CA PHE A 529 2.45 34.82 31.52
C PHE A 529 2.25 34.25 30.08
N PRO A 530 2.59 35.00 28.99
CA PRO A 530 2.38 34.32 27.70
C PRO A 530 3.44 33.33 27.28
N LYS A 531 4.68 33.56 27.69
CA LYS A 531 5.83 32.73 27.35
C LYS A 531 5.55 31.24 27.60
N PHE A 532 4.61 30.94 28.50
CA PHE A 532 4.20 29.54 28.73
C PHE A 532 2.75 29.18 28.40
N GLN A 534 1.94 26.43 28.28
CA GLN A 534 1.91 25.09 28.87
C GLN A 534 0.66 24.90 29.73
N LEU A 535 -0.04 25.99 30.05
CA LEU A 535 -1.31 25.94 30.80
C LEU A 535 -2.21 25.00 30.01
N HIS A 536 -2.13 25.17 28.68
CA HIS A 536 -2.89 24.40 27.70
C HIS A 536 -2.08 23.20 27.20
N GLN A 537 -1.14 22.73 28.00
CA GLN A 537 -0.36 21.53 27.67
C GLN A 537 -1.21 20.31 27.24
N LYS A 538 -2.35 20.09 27.89
CA LYS A 538 -3.25 18.96 27.58
C LYS A 538 -3.62 18.85 26.09
N PHE A 539 -4.26 19.92 25.56
CA PHE A 539 -4.74 19.99 24.17
C PHE A 539 -3.61 20.22 23.19
N TYR A 540 -2.38 19.93 23.63
CA TYR A 540 -1.21 20.08 22.76
C TYR A 540 -0.58 18.71 22.79
N ASP A 541 -0.74 18.03 23.92
CA ASP A 541 -0.20 16.69 24.08
C ASP A 541 -1.09 15.81 23.19
N SER A 542 -2.32 16.29 22.98
CA SER A 542 -3.30 15.56 22.17
C SER A 542 -2.96 15.76 20.68
N LEU A 543 -2.43 16.95 20.36
CA LEU A 543 -1.91 17.29 19.04
C LEU A 543 -0.57 16.65 18.62
N LYS A 544 0.38 16.54 19.56
CA LYS A 544 1.63 15.84 19.28
C LYS A 544 1.41 14.33 19.22
N ASN A 545 0.57 13.76 20.10
CA ASN A 545 0.21 12.33 20.00
C ASN A 545 -0.49 12.03 18.68
N PHE A 546 -1.32 12.97 18.23
CA PHE A 546 -1.95 12.85 16.91
C PHE A 546 -0.93 12.90 15.75
N ALA A 547 -0.13 13.96 15.68
CA ALA A 547 0.80 14.09 14.56
C ALA A 547 1.86 12.96 14.50
N CYS A 548 1.96 12.12 15.54
CA CYS A 548 2.94 11.02 15.56
C CYS A 548 2.27 9.66 15.37
N CYS A 549 1.20 9.62 14.59
CA CYS A 549 0.59 8.37 14.13
C CYS A 549 0.38 8.37 12.59
N PHE B 3 -4.47 20.56 2.65
CA PHE B 3 -5.89 20.57 3.02
C PHE B 3 -6.60 19.38 2.35
N ASN B 4 -6.79 18.27 3.07
CA ASN B 4 -7.10 16.96 2.47
C ASN B 4 -8.27 16.98 1.50
N PHE B 5 -8.03 17.66 0.38
CA PHE B 5 -8.89 17.80 -0.84
C PHE B 5 -9.97 18.87 -0.64
N GLY B 7 -11.24 19.09 2.40
CA GLY B 7 -11.98 18.48 3.51
C GLY B 7 -12.59 17.14 3.08
N LEU C 2 -73.77 29.25 -5.37
CA LEU C 2 -74.37 28.27 -4.46
C LEU C 2 -73.43 27.53 -3.47
N CYS C 3 -73.34 26.20 -3.61
CA CYS C 3 -72.43 25.30 -2.85
C CYS C 3 -72.77 23.86 -3.23
N GLU C 4 -72.19 22.85 -2.56
CA GLU C 4 -72.50 21.46 -2.96
C GLU C 4 -73.95 20.95 -2.76
N ILE C 5 -74.61 21.34 -1.67
CA ILE C 5 -75.99 20.92 -1.43
C ILE C 5 -76.97 21.57 -2.42
N GLU C 6 -76.92 22.89 -2.55
CA GLU C 6 -77.85 23.64 -3.41
C GLU C 6 -77.61 23.37 -4.91
N CYS C 7 -76.39 22.99 -5.26
CA CYS C 7 -76.09 22.67 -6.64
C CYS C 7 -76.42 21.22 -6.81
N ARG C 8 -76.32 20.47 -5.72
CA ARG C 8 -76.76 19.12 -5.78
C ARG C 8 -78.25 19.16 -5.99
N ALA C 9 -78.94 20.19 -5.50
CA ALA C 9 -80.37 20.30 -5.75
C ALA C 9 -80.78 20.74 -7.15
N LEU C 10 -80.19 21.81 -7.66
CA LEU C 10 -80.50 22.24 -9.02
C LEU C 10 -80.08 21.20 -10.04
N SER C 11 -79.13 20.35 -9.64
CA SER C 11 -78.58 19.30 -10.49
C SER C 11 -79.37 18.00 -10.39
N THR C 12 -79.72 17.67 -9.17
CA THR C 12 -80.49 16.49 -8.83
C THR C 12 -81.87 16.57 -9.48
N ALA C 13 -82.47 17.75 -9.39
CA ALA C 13 -83.77 18.01 -10.00
C ALA C 13 -83.84 18.38 -11.49
N HIS C 14 -83.11 17.67 -12.37
CA HIS C 14 -83.13 18.03 -13.79
C HIS C 14 -84.16 17.19 -14.58
N THR C 15 -84.33 15.92 -14.21
CA THR C 15 -85.41 15.11 -14.80
C THR C 15 -86.74 15.88 -14.61
N ARG C 16 -86.80 16.67 -13.54
CA ARG C 16 -87.96 17.47 -13.12
C ARG C 16 -88.00 18.84 -13.81
N LEU C 17 -86.88 19.55 -13.80
CA LEU C 17 -86.78 20.85 -14.46
C LEU C 17 -86.92 20.80 -15.97
N ILE C 18 -87.02 19.62 -16.57
CA ILE C 18 -87.29 19.58 -18.03
C ILE C 18 -88.78 19.43 -18.42
N HIS C 19 -89.57 18.68 -17.63
CA HIS C 19 -90.97 18.41 -18.00
C HIS C 19 -91.84 19.65 -17.82
N ASP C 20 -91.53 20.51 -16.86
CA ASP C 20 -92.40 21.66 -16.70
C ASP C 20 -91.67 22.85 -16.10
N PHE C 21 -91.35 23.77 -17.00
CA PHE C 21 -90.65 24.98 -16.63
C PHE C 21 -90.36 25.77 -17.90
N GLU C 22 -90.00 27.02 -17.69
CA GLU C 22 -89.59 27.96 -18.72
C GLU C 22 -89.00 29.15 -17.99
N PRO C 23 -87.74 29.45 -18.29
CA PRO C 23 -87.00 30.53 -17.65
C PRO C 23 -87.50 31.93 -17.95
N ARG C 24 -88.20 32.13 -19.06
CA ARG C 24 -88.69 33.48 -19.33
C ARG C 24 -89.71 33.93 -18.27
N ASP C 25 -90.51 33.00 -17.74
CA ASP C 25 -91.51 33.35 -16.72
C ASP C 25 -90.78 33.91 -15.49
N ALA C 26 -89.54 33.49 -15.27
CA ALA C 26 -88.84 33.89 -14.05
C ALA C 26 -87.90 35.05 -14.33
N LEU C 27 -87.64 35.33 -15.60
CA LEU C 27 -86.63 36.35 -15.93
C LEU C 27 -86.98 37.71 -15.38
N THR C 28 -88.25 38.07 -15.53
CA THR C 28 -88.72 39.36 -15.05
C THR C 28 -88.60 39.32 -13.53
N TYR C 29 -88.97 38.18 -12.93
CA TYR C 29 -88.92 38.04 -11.48
C TYR C 29 -87.50 38.04 -10.98
N LEU C 30 -86.53 37.78 -11.85
CA LEU C 30 -85.17 37.80 -11.35
C LEU C 30 -84.49 39.08 -11.77
N GLU C 31 -84.86 39.64 -12.91
CA GLU C 31 -84.36 40.98 -13.20
C GLU C 31 -84.84 41.88 -12.07
N GLY C 32 -85.94 41.47 -11.42
CA GLY C 32 -86.60 42.23 -10.37
C GLY C 32 -86.04 42.11 -8.97
N LYS C 33 -86.03 40.92 -8.37
CA LYS C 33 -85.51 40.83 -7.00
C LYS C 33 -84.00 41.07 -6.96
N ASN C 34 -83.46 41.60 -8.06
CA ASN C 34 -82.06 42.00 -8.17
C ASN C 34 -81.03 40.86 -8.00
N ILE C 35 -80.97 39.99 -8.99
CA ILE C 35 -80.14 38.80 -8.92
C ILE C 35 -79.83 38.44 -10.36
N PHE C 36 -80.33 39.25 -11.29
CA PHE C 36 -80.07 39.09 -12.71
C PHE C 36 -79.79 40.42 -13.44
N THR C 37 -79.60 40.36 -14.77
CA THR C 37 -79.36 41.57 -15.58
C THR C 37 -80.00 41.46 -16.96
N GLU C 38 -80.40 42.59 -17.54
CA GLU C 38 -81.14 42.56 -18.80
C GLU C 38 -80.32 42.05 -20.01
N ASP C 39 -78.99 41.92 -19.88
CA ASP C 39 -78.27 41.15 -20.90
C ASP C 39 -78.27 39.66 -20.59
N HIS C 40 -78.23 39.33 -19.32
CA HIS C 40 -78.30 37.96 -18.86
C HIS C 40 -79.62 37.38 -19.37
N SER C 41 -80.69 38.12 -19.09
CA SER C 41 -82.06 37.78 -19.47
C SER C 41 -82.19 37.82 -20.98
N GLU C 42 -81.40 38.67 -21.64
CA GLU C 42 -81.35 38.65 -23.10
C GLU C 42 -80.82 37.27 -23.49
N LEU C 43 -79.75 36.87 -22.82
CA LEU C 43 -79.09 35.62 -23.10
C LEU C 43 -80.08 34.49 -22.93
N ILE C 44 -80.94 34.56 -21.92
CA ILE C 44 -81.86 33.46 -21.72
C ILE C 44 -83.22 33.55 -22.50
N SER C 45 -83.68 34.75 -22.86
CA SER C 45 -84.98 34.96 -23.55
C SER C 45 -85.17 34.70 -25.06
N LYS C 46 -84.14 34.96 -25.87
CA LYS C 46 -84.16 34.60 -27.29
C LYS C 46 -83.39 33.32 -27.50
N SER C 48 -83.97 29.25 -29.11
CA SER C 48 -84.82 28.38 -29.91
C SER C 48 -85.53 27.27 -29.14
N THR C 49 -84.77 26.43 -28.45
CA THR C 49 -85.35 25.35 -27.65
C THR C 49 -85.54 25.76 -26.20
N ARG C 50 -86.32 24.96 -25.48
CA ARG C 50 -86.66 25.22 -24.10
C ARG C 50 -85.47 24.71 -23.26
N LEU C 51 -84.82 23.62 -23.72
CA LEU C 51 -83.58 23.06 -23.11
C LEU C 51 -82.43 24.08 -23.11
N GLU C 52 -82.52 25.06 -24.02
CA GLU C 52 -81.62 26.20 -24.08
C GLU C 52 -81.82 27.17 -22.96
N ARG C 53 -83.06 27.60 -22.83
CA ARG C 53 -83.41 28.55 -21.81
C ARG C 53 -83.15 27.97 -20.42
N ILE C 54 -83.32 26.66 -20.30
CA ILE C 54 -83.08 25.91 -19.07
C ILE C 54 -81.57 25.70 -18.75
N ALA C 55 -80.77 25.30 -19.74
CA ALA C 55 -79.32 25.12 -19.49
C ALA C 55 -78.63 26.45 -19.17
N ASN C 56 -79.07 27.54 -19.81
CA ASN C 56 -78.61 28.88 -19.41
C ASN C 56 -79.19 29.44 -18.10
N PHE C 57 -80.41 29.10 -17.73
CA PHE C 57 -80.95 29.61 -16.47
C PHE C 57 -80.20 28.89 -15.32
N LEU C 58 -79.94 27.58 -15.45
CA LEU C 58 -79.20 26.90 -14.40
C LEU C 58 -77.69 27.21 -14.41
N ARG C 59 -77.05 27.50 -15.55
CA ARG C 59 -75.66 27.99 -15.54
C ARG C 59 -75.51 29.49 -15.03
N ILE C 60 -76.14 30.42 -15.75
CA ILE C 60 -76.19 31.87 -15.43
C ILE C 60 -76.68 32.24 -14.01
N TYR C 61 -77.68 31.50 -13.48
CA TYR C 61 -78.26 31.79 -12.16
C TYR C 61 -77.23 31.67 -11.04
N ARG C 62 -76.36 30.68 -11.10
CA ARG C 62 -75.45 30.47 -10.00
C ARG C 62 -74.48 31.58 -9.67
N ARG C 63 -74.28 32.60 -10.50
CA ARG C 63 -73.28 33.62 -10.11
C ARG C 63 -73.80 34.84 -9.30
N GLN C 64 -75.01 35.29 -9.58
CA GLN C 64 -75.47 36.59 -9.09
C GLN C 64 -76.10 36.51 -7.69
N ALA C 65 -76.86 35.44 -7.43
CA ALA C 65 -77.59 35.29 -6.18
C ALA C 65 -76.70 34.71 -5.09
N SER C 66 -76.85 35.23 -3.87
CA SER C 66 -76.18 34.75 -2.67
C SER C 66 -76.68 33.39 -2.18
N GLU C 67 -77.80 32.97 -2.74
CA GLU C 67 -78.47 31.74 -2.34
C GLU C 67 -79.55 31.35 -3.35
N LEU C 68 -80.24 30.25 -3.06
CA LEU C 68 -81.31 29.68 -3.89
C LEU C 68 -82.73 30.06 -3.38
N GLY C 69 -82.94 31.34 -3.04
CA GLY C 69 -84.24 31.81 -2.59
C GLY C 69 -85.21 32.23 -3.70
N PRO C 70 -84.87 33.27 -4.49
CA PRO C 70 -85.75 33.76 -5.56
C PRO C 70 -86.02 32.76 -6.69
N LEU C 71 -86.04 31.47 -6.36
CA LEU C 71 -86.40 30.41 -7.30
C LEU C 71 -87.34 29.40 -6.62
N ILE C 72 -87.34 29.38 -5.29
CA ILE C 72 -88.37 28.70 -4.50
C ILE C 72 -89.68 29.50 -4.31
N ASP C 73 -89.56 30.78 -3.98
CA ASP C 73 -90.72 31.66 -3.91
C ASP C 73 -91.36 31.89 -5.29
N PHE C 74 -90.61 31.58 -6.35
CA PHE C 74 -91.15 31.65 -7.72
C PHE C 74 -91.97 30.47 -8.23
N PHE C 75 -91.47 29.25 -8.07
CA PHE C 75 -92.23 28.04 -8.47
C PHE C 75 -93.59 27.89 -7.70
N ASN C 76 -93.69 28.46 -6.51
CA ASN C 76 -94.97 28.56 -5.78
C ASN C 76 -96.07 29.26 -6.57
N TYR C 77 -95.85 30.55 -6.83
CA TYR C 77 -96.82 31.40 -7.52
C TYR C 77 -97.19 30.92 -8.96
N ASN C 78 -96.27 30.24 -9.64
CA ASN C 78 -96.43 29.83 -11.06
C ASN C 78 -97.19 28.51 -11.36
N ASN C 79 -97.93 27.97 -10.38
CA ASN C 79 -98.65 26.69 -10.51
C ASN C 79 -97.72 25.50 -10.77
N GLN C 80 -96.42 25.74 -10.68
CA GLN C 80 -95.41 24.69 -10.77
C GLN C 80 -94.89 24.37 -9.36
N SER C 81 -95.82 24.33 -8.39
CA SER C 81 -95.47 24.13 -6.98
C SER C 81 -94.87 22.74 -6.71
N HIS C 82 -95.14 21.77 -7.58
CA HIS C 82 -94.55 20.43 -7.48
C HIS C 82 -93.01 20.41 -7.61
N LEU C 83 -92.43 21.50 -8.10
CA LEU C 83 -90.97 21.61 -8.15
C LEU C 83 -90.45 22.20 -6.83
N ALA C 84 -90.90 23.41 -6.51
CA ALA C 84 -90.50 24.15 -5.30
C ALA C 84 -90.80 23.45 -3.98
N ASP C 85 -91.74 22.50 -3.98
CA ASP C 85 -91.99 21.73 -2.77
C ASP C 85 -90.84 20.73 -2.63
N PHE C 86 -90.45 20.10 -3.74
CA PHE C 86 -89.29 19.21 -3.71
C PHE C 86 -88.03 19.95 -3.26
N LEU C 87 -87.80 21.13 -3.82
CA LEU C 87 -86.61 21.88 -3.43
C LEU C 87 -86.62 22.45 -2.01
N GLU C 88 -87.76 22.94 -1.55
CA GLU C 88 -87.90 23.44 -0.17
C GLU C 88 -87.82 22.30 0.85
N ASP C 89 -88.32 21.14 0.44
CA ASP C 89 -88.22 19.95 1.27
C ASP C 89 -86.75 19.59 1.40
N TYR C 90 -86.00 19.73 0.31
CA TYR C 90 -84.57 19.39 0.29
C TYR C 90 -83.73 20.36 1.15
N ILE C 91 -84.09 21.65 1.06
CA ILE C 91 -83.41 22.68 1.83
C ILE C 91 -83.75 22.40 3.28
N ASP C 92 -84.85 21.68 3.52
CA ASP C 92 -85.18 21.39 4.91
C ASP C 92 -84.34 20.14 5.28
N PHE C 93 -84.20 19.15 4.37
CA PHE C 93 -83.33 18.02 4.68
C PHE C 93 -81.85 18.35 4.54
N ALA C 94 -81.50 19.59 4.83
CA ALA C 94 -80.09 19.96 4.85
C ALA C 94 -79.87 21.18 5.75
N ILE C 95 -80.78 22.15 5.75
CA ILE C 95 -80.68 23.30 6.67
C ILE C 95 -81.10 22.83 8.07
N ASN C 96 -82.14 22.02 8.06
CA ASN C 96 -82.84 21.41 9.20
C ASN C 96 -82.35 19.99 9.56
N GLU C 97 -81.30 19.53 8.90
CA GLU C 97 -80.74 18.19 9.16
C GLU C 97 -79.23 18.24 9.10
N PRO C 98 -78.59 18.16 10.29
CA PRO C 98 -77.14 18.27 10.25
C PRO C 98 -76.54 16.88 10.16
N ASP C 99 -77.29 15.97 9.55
CA ASP C 99 -76.89 14.59 9.37
C ASP C 99 -77.55 14.28 8.03
N LEU C 100 -76.79 13.64 7.15
CA LEU C 100 -77.22 13.35 5.79
C LEU C 100 -76.59 11.97 5.51
N LEU C 101 -75.50 11.94 4.72
CA LEU C 101 -74.97 10.69 4.13
C LEU C 101 -73.44 10.37 4.34
N ARG C 102 -72.57 11.35 4.62
CA ARG C 102 -71.10 11.13 4.86
C ARG C 102 -70.42 10.49 3.59
N PRO C 103 -69.07 10.33 3.58
CA PRO C 103 -68.53 9.47 2.49
C PRO C 103 -68.70 7.95 2.73
N VAL C 104 -69.73 7.35 2.12
CA VAL C 104 -70.05 5.92 2.28
C VAL C 104 -70.61 5.34 0.96
N VAL C 105 -71.70 4.57 1.02
CA VAL C 105 -72.20 3.78 -0.11
C VAL C 105 -73.73 4.06 -0.31
N ILE C 106 -74.12 4.43 -1.54
CA ILE C 106 -75.53 4.61 -1.99
C ILE C 106 -75.72 4.33 -3.49
N ALA C 107 -74.61 3.95 -4.13
CA ALA C 107 -74.57 3.44 -5.50
C ALA C 107 -73.69 2.19 -5.61
N PRO C 108 -74.25 1.00 -5.29
CA PRO C 108 -73.47 -0.19 -4.95
C PRO C 108 -72.80 -0.84 -6.16
N GLN C 109 -71.83 -1.71 -5.84
CA GLN C 109 -70.83 -2.37 -6.71
C GLN C 109 -69.54 -1.56 -6.63
N PHE C 110 -69.16 -1.09 -5.44
CA PHE C 110 -67.85 -0.49 -5.33
C PHE C 110 -66.77 -1.53 -5.68
N SER C 111 -67.25 -2.76 -5.88
CA SER C 111 -66.51 -3.96 -6.29
C SER C 111 -65.93 -3.85 -7.70
N ARG C 112 -66.60 -3.06 -8.55
CA ARG C 112 -66.06 -2.75 -9.86
C ARG C 112 -65.49 -1.37 -9.91
N GLN C 113 -65.80 -0.55 -8.91
CA GLN C 113 -65.24 0.79 -8.90
C GLN C 113 -63.85 0.72 -8.34
N LEU C 115 -62.35 -1.83 -6.51
CA LEU C 115 -61.60 -3.05 -6.81
C LEU C 115 -61.12 -3.02 -8.20
N ASP C 116 -61.95 -2.74 -9.18
CA ASP C 116 -61.37 -2.75 -10.52
C ASP C 116 -60.70 -1.38 -10.71
N ARG C 117 -61.51 -0.35 -10.92
CA ARG C 117 -60.99 0.82 -11.59
C ARG C 117 -59.85 1.54 -10.82
N LYS C 118 -60.00 1.96 -9.56
CA LYS C 118 -58.88 2.72 -8.97
C LYS C 118 -57.60 1.97 -8.67
N LEU C 119 -57.74 0.76 -8.18
CA LEU C 119 -56.58 -0.02 -7.91
C LEU C 119 -55.84 -0.29 -9.21
N LEU C 120 -56.57 -0.80 -10.21
CA LEU C 120 -55.92 -1.14 -11.47
C LEU C 120 -55.25 0.10 -12.06
N LEU C 121 -55.92 1.25 -11.97
CA LEU C 121 -55.38 2.46 -12.58
C LEU C 121 -54.23 3.09 -11.75
N GLY C 122 -54.21 2.84 -10.44
CA GLY C 122 -53.10 3.30 -9.63
C GLY C 122 -51.90 2.33 -9.57
N ASN C 123 -51.92 1.31 -10.44
CA ASN C 123 -50.87 0.28 -10.56
C ASN C 123 -50.63 -0.45 -9.28
N VAL C 124 -51.67 -0.57 -8.44
CA VAL C 124 -51.58 -1.40 -7.25
C VAL C 124 -51.68 -2.84 -7.74
N PRO C 125 -50.73 -3.69 -7.35
CA PRO C 125 -50.65 -5.10 -7.75
C PRO C 125 -51.78 -5.98 -7.23
N LYS C 126 -52.06 -7.09 -7.90
CA LYS C 126 -53.22 -7.96 -7.60
C LYS C 126 -53.13 -8.75 -6.28
N GLN C 127 -53.46 -8.12 -5.14
CA GLN C 127 -53.47 -8.73 -3.79
C GLN C 127 -53.37 -10.26 -3.66
N THR C 129 -54.11 -13.92 -2.10
CA THR C 129 -55.44 -14.46 -1.80
C THR C 129 -55.53 -15.74 -1.01
N CYS C 130 -54.69 -16.70 -1.37
CA CYS C 130 -54.76 -18.00 -0.75
C CYS C 130 -54.26 -17.98 0.70
N TYR C 131 -53.60 -16.90 1.10
CA TYR C 131 -53.27 -16.61 2.51
C TYR C 131 -53.09 -15.14 2.81
N ILE C 132 -53.62 -14.69 3.94
CA ILE C 132 -53.43 -13.31 4.35
C ILE C 132 -52.82 -13.22 5.73
N ARG C 133 -51.73 -12.45 5.86
CA ARG C 133 -51.19 -12.24 7.18
C ARG C 133 -52.05 -11.24 7.85
N GLU C 134 -52.91 -11.78 8.69
CA GLU C 134 -53.92 -11.00 9.33
C GLU C 134 -53.28 -9.83 9.99
N TYR C 135 -52.59 -10.13 11.08
CA TYR C 135 -52.07 -9.11 11.95
C TYR C 135 -51.54 -7.94 11.22
N HIS C 136 -50.71 -8.23 10.24
CA HIS C 136 -49.94 -7.16 9.63
C HIS C 136 -50.81 -6.33 8.64
N VAL C 137 -51.48 -6.98 7.68
CA VAL C 137 -52.32 -6.24 6.72
C VAL C 137 -53.28 -5.38 7.44
N ASP C 138 -53.73 -5.93 8.54
CA ASP C 138 -54.66 -5.28 9.42
C ASP C 138 -54.05 -4.01 10.07
N ARG C 139 -52.83 -4.11 10.64
CA ARG C 139 -52.23 -2.95 11.36
C ARG C 139 -51.93 -1.84 10.38
N VAL C 140 -51.53 -2.20 9.16
CA VAL C 140 -51.44 -1.21 8.10
C VAL C 140 -52.78 -0.48 7.90
N ILE C 141 -53.87 -1.22 7.67
CA ILE C 141 -55.15 -0.53 7.37
C ILE C 141 -55.56 0.45 8.50
N LYS C 142 -55.43 0.00 9.75
CA LYS C 142 -55.68 0.85 10.92
C LYS C 142 -54.86 2.14 10.93
N LYS C 143 -53.55 1.90 10.90
CA LYS C 143 -52.59 2.98 11.00
C LYS C 143 -52.64 3.95 9.80
N LEU C 144 -53.24 3.52 8.69
CA LEU C 144 -53.44 4.42 7.55
C LEU C 144 -54.67 5.28 7.77
N ASP C 145 -55.70 4.64 8.29
CA ASP C 145 -56.90 5.33 8.64
C ASP C 145 -56.67 6.49 9.60
N GLU C 146 -55.80 6.31 10.60
CA GLU C 146 -55.64 7.36 11.63
C GLU C 146 -55.06 8.68 11.13
N CYS C 148 -55.30 9.65 7.73
CA CYS C 148 -56.00 10.13 6.55
C CYS C 148 -56.44 11.60 6.69
N ASP C 149 -56.51 12.03 7.95
CA ASP C 149 -56.79 13.42 8.32
C ASP C 149 -55.60 14.33 7.96
N LEU C 150 -54.39 13.87 8.31
CA LEU C 150 -53.08 14.53 8.05
C LEU C 150 -52.68 15.03 6.65
N ASP C 151 -51.83 16.07 6.63
CA ASP C 151 -51.46 16.68 5.37
C ASP C 151 -50.37 15.95 4.62
N SER C 152 -49.48 15.22 5.31
CA SER C 152 -48.38 14.46 4.64
C SER C 152 -47.77 13.59 5.67
N PHE C 153 -47.40 12.38 5.29
CA PHE C 153 -47.00 11.43 6.31
C PHE C 153 -46.27 10.18 5.79
N PHE C 154 -45.41 9.56 6.60
CA PHE C 154 -44.78 8.33 6.13
C PHE C 154 -45.22 7.06 6.92
N LEU C 155 -45.64 6.01 6.23
CA LEU C 155 -45.81 4.74 6.92
C LEU C 155 -44.75 3.84 6.36
N PHE C 156 -43.82 3.38 7.19
CA PHE C 156 -42.74 2.57 6.67
C PHE C 156 -43.04 1.12 6.97
N LEU C 157 -43.51 0.37 6.01
CA LEU C 157 -43.73 -0.99 6.28
C LEU C 157 -42.47 -1.74 5.90
N HIS C 158 -41.44 -1.68 6.75
CA HIS C 158 -40.11 -2.24 6.44
C HIS C 158 -39.78 -3.60 7.01
N GLY C 159 -39.04 -4.40 6.24
CA GLY C 159 -38.54 -5.66 6.76
C GLY C 159 -37.42 -6.21 5.90
N ARG C 160 -36.92 -7.37 6.24
CA ARG C 160 -35.99 -8.09 5.37
C ARG C 160 -36.52 -8.29 3.91
N ALA C 161 -35.65 -8.83 3.06
CA ALA C 161 -35.98 -9.14 1.69
C ALA C 161 -36.69 -10.43 1.57
N GLY C 162 -37.71 -10.38 0.75
CA GLY C 162 -38.65 -11.47 0.51
C GLY C 162 -39.50 -11.69 1.74
N SER C 163 -39.39 -10.78 2.69
CA SER C 163 -40.11 -10.89 3.97
C SER C 163 -41.62 -10.68 3.89
N GLY C 164 -42.07 -10.20 2.72
CA GLY C 164 -43.49 -10.12 2.34
C GLY C 164 -44.28 -8.81 2.38
N LYS C 165 -43.59 -7.66 2.51
CA LYS C 165 -44.14 -6.29 2.70
C LYS C 165 -45.01 -5.80 1.56
N SER C 166 -44.51 -5.99 0.34
CA SER C 166 -45.16 -5.43 -0.81
C SER C 166 -46.45 -6.21 -0.84
N VAL C 167 -46.41 -7.49 -0.48
CA VAL C 167 -47.62 -8.30 -0.48
C VAL C 167 -48.66 -7.77 0.52
N ILE C 168 -48.20 -7.41 1.72
CA ILE C 168 -49.07 -6.77 2.69
C ILE C 168 -49.69 -5.49 2.21
N ALA C 169 -48.96 -4.69 1.44
CA ALA C 169 -49.53 -3.46 0.94
C ALA C 169 -50.50 -3.83 -0.12
N SER C 170 -50.25 -4.91 -0.82
CA SER C 170 -51.19 -5.31 -1.80
C SER C 170 -52.46 -5.58 -1.14
N GLN C 171 -52.43 -6.17 0.06
CA GLN C 171 -53.67 -6.64 0.73
C GLN C 171 -54.36 -5.55 1.53
N ALA C 172 -53.61 -4.69 2.19
CA ALA C 172 -54.16 -3.61 2.98
C ALA C 172 -54.86 -2.56 2.07
N LEU C 173 -54.42 -2.41 0.81
CA LEU C 173 -55.16 -1.52 -0.08
C LEU C 173 -56.12 -2.19 -0.98
N SER C 174 -56.37 -3.47 -0.81
CA SER C 174 -57.24 -4.17 -1.74
C SER C 174 -58.31 -4.88 -0.94
N LYS C 175 -57.99 -5.05 0.34
CA LYS C 175 -58.93 -5.60 1.30
C LYS C 175 -60.07 -4.67 1.68
N SER C 176 -59.82 -3.75 2.61
CA SER C 176 -60.85 -2.80 3.05
C SER C 176 -61.52 -2.11 1.86
N ASP C 177 -62.60 -1.35 2.13
CA ASP C 177 -63.19 -0.46 1.10
C ASP C 177 -63.07 1.03 1.51
N GLN C 178 -62.44 1.23 2.67
CA GLN C 178 -62.25 2.53 3.32
C GLN C 178 -61.05 3.28 2.78
N LEU C 179 -59.89 2.62 2.77
CA LEU C 179 -58.61 3.21 2.35
C LEU C 179 -58.59 3.93 0.99
N ILE C 180 -59.21 3.33 -0.01
CA ILE C 180 -59.30 4.02 -1.29
C ILE C 180 -60.78 4.44 -1.45
N GLY C 181 -61.08 5.73 -1.33
CA GLY C 181 -62.47 6.16 -1.44
C GLY C 181 -63.13 6.89 -0.27
N ILE C 182 -63.01 6.31 0.92
CA ILE C 182 -63.58 6.92 2.12
C ILE C 182 -62.49 7.84 2.72
N ASN C 183 -61.33 7.26 2.95
CA ASN C 183 -60.19 7.95 3.56
C ASN C 183 -59.23 8.65 2.60
N TYR C 184 -59.01 8.04 1.45
CA TYR C 184 -58.16 8.59 0.41
C TYR C 184 -58.89 8.45 -0.91
N ASP C 185 -58.74 9.47 -1.75
CA ASP C 185 -59.44 9.48 -3.02
C ASP C 185 -58.96 8.56 -4.10
N SER C 186 -57.66 8.61 -4.32
CA SER C 186 -57.00 7.80 -5.32
C SER C 186 -55.77 7.15 -4.77
N ILE C 187 -55.25 6.19 -5.53
CA ILE C 187 -54.00 5.51 -5.21
C ILE C 187 -53.02 5.65 -6.39
N VAL C 188 -51.76 5.95 -6.08
CA VAL C 188 -50.64 5.96 -7.03
C VAL C 188 -49.59 5.08 -6.41
N TRP C 189 -49.34 3.94 -7.04
CA TRP C 189 -48.36 2.99 -6.53
C TRP C 189 -47.20 2.83 -7.50
N LEU C 190 -46.00 3.20 -7.09
CA LEU C 190 -44.86 3.20 -8.00
C LEU C 190 -43.72 2.34 -7.47
N LYS C 191 -43.15 1.49 -8.32
CA LYS C 191 -42.00 0.76 -7.85
C LYS C 191 -40.72 1.59 -8.08
N ASP C 192 -39.96 1.75 -7.01
CA ASP C 192 -38.74 2.55 -7.05
C ASP C 192 -37.63 1.63 -7.51
N SER C 193 -36.88 1.05 -6.58
CA SER C 193 -35.78 0.11 -6.86
C SER C 193 -34.58 0.83 -7.45
N GLY C 194 -34.53 2.11 -7.14
CA GLY C 194 -33.51 2.93 -7.73
C GLY C 194 -32.16 2.88 -7.10
N THR C 195 -31.13 2.77 -7.93
CA THR C 195 -29.75 2.64 -7.41
C THR C 195 -28.89 3.78 -8.03
N ALA C 196 -29.05 4.05 -9.33
CA ALA C 196 -28.37 5.19 -9.94
C ALA C 196 -28.95 6.46 -9.29
N PRO C 197 -28.31 7.62 -9.49
CA PRO C 197 -28.82 8.89 -8.97
C PRO C 197 -29.88 9.56 -9.84
N LYS C 198 -29.99 9.15 -11.11
CA LYS C 198 -31.04 9.65 -12.03
C LYS C 198 -32.33 8.89 -11.74
N SER C 199 -32.23 7.85 -10.93
CA SER C 199 -33.39 7.01 -10.66
C SER C 199 -34.46 7.74 -9.80
N THR C 200 -34.01 8.55 -8.83
CA THR C 200 -34.88 9.32 -7.93
C THR C 200 -35.55 10.46 -8.66
N PHE C 201 -35.03 10.85 -9.83
CA PHE C 201 -35.70 11.89 -10.62
C PHE C 201 -36.64 11.22 -11.60
N ASP C 202 -36.19 10.11 -12.17
CA ASP C 202 -37.03 9.40 -13.11
C ASP C 202 -38.31 8.93 -12.46
N LEU C 203 -38.18 8.56 -11.20
CA LEU C 203 -39.29 8.05 -10.43
C LEU C 203 -40.33 9.07 -10.44
N PHE C 204 -39.99 10.22 -9.92
CA PHE C 204 -41.00 11.25 -9.79
C PHE C 204 -41.49 11.76 -11.14
N THR C 205 -40.80 11.39 -12.22
CA THR C 205 -41.36 11.65 -13.54
C THR C 205 -42.51 10.70 -13.79
N ASP C 206 -42.43 9.49 -13.26
CA ASP C 206 -43.50 8.57 -13.64
C ASP C 206 -44.59 8.86 -12.61
N ILE C 207 -44.29 9.55 -11.52
CA ILE C 207 -45.39 10.09 -10.75
C ILE C 207 -46.14 11.16 -11.54
N LEU C 208 -45.50 12.30 -11.75
CA LEU C 208 -46.02 13.36 -12.62
C LEU C 208 -46.87 12.81 -13.76
N LEU C 209 -46.49 11.67 -14.36
CA LEU C 209 -47.36 11.10 -15.40
C LEU C 209 -48.47 10.20 -14.93
N LEU C 211 -50.21 10.98 -12.53
CA LEU C 211 -51.19 12.02 -12.19
C LEU C 211 -51.97 12.45 -13.44
N LYS C 212 -51.27 12.69 -14.52
CA LYS C 212 -51.80 13.24 -15.74
C LYS C 212 -53.04 12.49 -16.32
N SER C 213 -53.97 13.27 -16.84
CA SER C 213 -55.25 12.88 -17.45
C SER C 213 -55.07 11.89 -18.63
N GLU C 214 -56.06 11.10 -19.05
CA GLU C 214 -55.81 10.23 -20.22
C GLU C 214 -55.43 11.14 -21.35
N ASP C 215 -56.11 12.28 -21.40
CA ASP C 215 -55.64 13.32 -22.27
C ASP C 215 -54.33 13.82 -21.73
N ASP C 216 -53.53 14.23 -22.68
CA ASP C 216 -52.20 14.72 -22.48
C ASP C 216 -51.33 13.65 -21.76
N LEU C 217 -51.39 12.41 -22.27
CA LEU C 217 -50.34 11.38 -22.20
C LEU C 217 -49.76 11.27 -23.62
N LEU C 218 -50.58 11.74 -24.58
CA LEU C 218 -50.25 11.96 -26.02
C LEU C 218 -49.24 13.07 -26.19
N ASN C 219 -49.57 14.17 -25.53
CA ASN C 219 -48.79 15.39 -25.49
C ASN C 219 -47.47 15.26 -24.70
N PHE C 220 -47.24 14.10 -24.05
CA PHE C 220 -45.97 13.82 -23.35
C PHE C 220 -44.82 14.40 -24.15
N PRO C 221 -44.14 15.40 -23.55
CA PRO C 221 -42.96 16.00 -24.17
C PRO C 221 -41.64 15.25 -23.98
N SER C 222 -40.58 15.76 -24.60
CA SER C 222 -39.25 15.30 -24.31
C SER C 222 -38.87 15.89 -22.89
N VAL C 223 -39.70 15.63 -21.87
CA VAL C 223 -39.50 16.09 -20.46
C VAL C 223 -38.26 15.61 -19.69
N GLU C 224 -37.61 14.53 -20.15
CA GLU C 224 -36.34 13.98 -19.64
C GLU C 224 -35.33 15.10 -19.29
N HIS C 225 -35.37 16.23 -20.01
CA HIS C 225 -34.51 17.40 -19.73
C HIS C 225 -35.32 18.65 -19.33
N VAL C 226 -35.38 18.84 -18.01
CA VAL C 226 -36.11 19.88 -17.28
C VAL C 226 -35.67 19.76 -15.81
N THR C 227 -35.48 20.91 -15.18
CA THR C 227 -34.89 20.97 -13.85
C THR C 227 -35.64 20.16 -12.79
N SER C 228 -34.99 19.88 -11.65
CA SER C 228 -35.68 19.16 -10.56
C SER C 228 -36.75 20.02 -9.95
N VAL C 229 -36.45 21.33 -9.84
CA VAL C 229 -37.37 22.32 -9.29
C VAL C 229 -38.65 22.45 -10.16
N VAL C 230 -38.52 22.12 -11.43
CA VAL C 230 -39.66 22.24 -12.34
C VAL C 230 -40.48 20.93 -12.27
N LEU C 231 -39.86 19.73 -12.34
CA LEU C 231 -40.65 18.50 -12.09
C LEU C 231 -41.41 18.58 -10.72
N LYS C 232 -40.77 19.12 -9.71
CA LYS C 232 -41.42 19.25 -8.40
C LYS C 232 -42.57 20.23 -8.48
N ARG C 233 -42.35 21.36 -9.10
CA ARG C 233 -43.42 22.36 -9.21
C ARG C 233 -44.55 21.84 -10.12
N ILE C 235 -45.38 18.87 -10.32
CA ILE C 235 -46.16 17.90 -9.54
C ILE C 235 -47.08 18.64 -8.58
N CYS C 236 -46.57 19.51 -7.72
CA CYS C 236 -47.44 20.20 -6.74
C CYS C 236 -48.49 21.11 -7.46
N ASN C 237 -48.24 21.37 -8.74
CA ASN C 237 -49.20 21.96 -9.70
C ASN C 237 -50.30 20.97 -9.90
N ALA C 238 -49.93 19.94 -10.70
CA ALA C 238 -50.76 18.78 -11.05
C ALA C 238 -51.29 17.99 -9.87
N LEU C 239 -50.92 18.38 -8.66
CA LEU C 239 -51.35 17.65 -7.48
C LEU C 239 -52.59 18.34 -6.91
N ILE C 240 -53.00 19.47 -7.51
CA ILE C 240 -54.25 20.18 -7.12
C ILE C 240 -55.40 19.28 -7.48
N ASP C 241 -55.46 18.79 -8.73
CA ASP C 241 -56.56 17.90 -9.11
C ASP C 241 -56.61 16.61 -8.27
N ARG C 242 -55.72 16.47 -7.28
CA ARG C 242 -55.70 15.22 -6.48
C ARG C 242 -55.73 15.40 -4.96
N PRO C 243 -56.94 15.57 -4.42
CA PRO C 243 -57.29 15.54 -3.01
C PRO C 243 -57.03 14.14 -2.52
N ASN C 244 -56.69 14.04 -1.24
CA ASN C 244 -56.36 12.79 -0.56
C ASN C 244 -55.99 11.61 -1.48
N THR C 245 -54.73 11.63 -1.87
CA THR C 245 -54.16 10.61 -2.70
C THR C 245 -53.10 9.87 -1.90
N LEU C 246 -53.21 8.54 -1.91
CA LEU C 246 -52.25 7.68 -1.23
C LEU C 246 -51.15 7.28 -2.23
N PHE C 247 -49.90 7.22 -1.78
CA PHE C 247 -48.75 6.85 -2.59
C PHE C 247 -48.10 5.61 -2.05
N VAL C 248 -48.11 4.52 -2.76
CA VAL C 248 -47.22 3.45 -2.37
C VAL C 248 -45.91 3.51 -3.12
N PHE C 249 -44.80 3.51 -2.40
CA PHE C 249 -43.48 3.53 -2.98
C PHE C 249 -42.90 2.16 -2.71
N ASP C 250 -43.31 1.20 -3.56
CA ASP C 250 -42.92 -0.21 -3.41
C ASP C 250 -41.42 -0.27 -3.73
N ASP C 251 -40.66 -0.73 -2.74
CA ASP C 251 -39.22 -1.02 -2.81
C ASP C 251 -38.32 0.17 -2.85
N VAL C 252 -38.32 0.94 -1.80
CA VAL C 252 -37.41 2.04 -1.77
C VAL C 252 -36.04 1.63 -1.23
N VAL C 253 -35.02 2.03 -1.99
CA VAL C 253 -33.63 1.94 -1.60
C VAL C 253 -32.89 3.29 -1.30
N GLN C 254 -33.18 4.34 -2.06
CA GLN C 254 -32.47 5.60 -1.85
C GLN C 254 -33.07 6.61 -0.88
N GLU C 255 -32.33 7.12 0.11
CA GLU C 255 -32.93 8.16 0.95
C GLU C 255 -33.24 9.43 0.20
N GLU C 256 -32.92 9.51 -1.08
CA GLU C 256 -33.32 10.71 -1.81
C GLU C 256 -34.82 10.65 -2.18
N THR C 257 -35.30 9.46 -2.60
CA THR C 257 -36.70 9.14 -2.74
C THR C 257 -37.36 9.78 -1.54
N ILE C 258 -37.21 9.21 -0.35
CA ILE C 258 -37.76 9.85 0.87
C ILE C 258 -37.60 11.35 1.05
N ARG C 259 -36.46 11.94 0.69
CA ARG C 259 -36.40 13.41 0.77
C ARG C 259 -37.33 14.18 -0.21
N TRP C 260 -37.41 13.72 -1.46
CA TRP C 260 -38.31 14.34 -2.42
C TRP C 260 -39.78 14.16 -2.02
N ALA C 261 -40.14 12.93 -1.67
CA ALA C 261 -41.48 12.63 -1.21
C ALA C 261 -41.84 13.60 -0.13
N GLN C 262 -40.84 14.05 0.61
CA GLN C 262 -41.12 14.95 1.72
C GLN C 262 -41.08 16.46 1.41
N GLU C 263 -40.48 16.85 0.32
CA GLU C 263 -40.56 18.26 -0.05
C GLU C 263 -41.87 18.52 -0.69
N LEU C 264 -42.40 17.49 -1.34
CA LEU C 264 -43.63 17.60 -2.12
C LEU C 264 -44.81 17.33 -1.27
N ARG C 265 -44.55 17.28 0.04
CA ARG C 265 -45.53 17.08 1.09
C ARG C 265 -46.57 15.99 0.69
N LEU C 266 -46.06 14.84 0.22
CA LEU C 266 -46.86 13.71 -0.25
C LEU C 266 -47.20 12.76 0.90
N ARG C 267 -48.23 11.95 0.69
CA ARG C 267 -48.63 10.86 1.57
C ARG C 267 -48.22 9.45 1.11
N CYS C 268 -47.33 8.83 1.89
CA CYS C 268 -46.65 7.62 1.50
C CYS C 268 -46.77 6.36 2.39
N LEU C 269 -47.21 5.26 1.79
CA LEU C 269 -46.94 3.93 2.29
C LEU C 269 -45.61 3.71 1.62
N VAL C 270 -44.62 3.07 2.26
CA VAL C 270 -43.27 2.86 1.72
C VAL C 270 -42.93 1.44 2.06
N THR C 271 -42.82 0.54 1.08
CA THR C 271 -42.21 -0.75 1.40
C THR C 271 -40.74 -0.67 1.13
N THR C 272 -39.93 -1.16 2.05
CA THR C 272 -38.47 -1.07 1.96
C THR C 272 -37.71 -2.16 2.68
N ARG C 273 -36.41 -2.29 2.43
CA ARG C 273 -35.62 -3.26 3.21
C ARG C 273 -34.79 -2.52 4.27
N ASP C 274 -34.23 -1.37 3.86
CA ASP C 274 -33.43 -0.50 4.74
C ASP C 274 -34.31 0.52 5.50
N VAL C 275 -34.24 0.45 6.82
CA VAL C 275 -35.10 1.23 7.69
C VAL C 275 -34.59 2.63 7.93
N GLU C 276 -33.29 2.83 7.87
CA GLU C 276 -32.70 4.14 8.20
C GLU C 276 -32.94 5.30 7.26
N ILE C 277 -33.49 5.04 6.07
CA ILE C 277 -33.77 6.11 5.14
C ILE C 277 -34.76 7.10 5.82
N SER C 278 -35.33 6.65 6.93
CA SER C 278 -36.32 7.47 7.57
C SER C 278 -35.68 8.56 8.36
N ASN C 279 -34.41 8.42 8.72
CA ASN C 279 -33.82 9.55 9.40
C ASN C 279 -33.72 10.74 8.48
N ALA C 280 -33.84 10.50 7.18
CA ALA C 280 -33.83 11.65 6.28
C ALA C 280 -35.06 12.54 6.43
N ALA C 281 -36.19 11.95 6.79
CA ALA C 281 -37.44 12.72 6.91
C ALA C 281 -37.66 13.24 8.30
N SER C 282 -37.81 14.55 8.36
CA SER C 282 -38.22 15.20 9.57
C SER C 282 -39.68 15.38 9.83
N GLN C 283 -40.25 14.34 10.44
CA GLN C 283 -41.69 14.19 10.56
C GLN C 283 -42.07 12.99 11.45
N THR C 284 -43.38 12.89 11.67
CA THR C 284 -44.06 11.74 12.28
C THR C 284 -43.77 10.48 11.50
N CYS C 285 -42.51 10.21 11.23
CA CYS C 285 -42.23 8.94 10.66
C CYS C 285 -42.87 7.93 11.62
N GLU C 286 -43.70 7.07 11.04
CA GLU C 286 -44.42 6.09 11.78
C GLU C 286 -44.03 4.83 11.06
N PHE C 287 -43.95 3.74 11.83
CA PHE C 287 -43.33 2.47 11.39
C PHE C 287 -44.19 1.22 11.69
N ILE C 288 -44.09 0.20 10.84
CA ILE C 288 -44.68 -1.12 11.04
C ILE C 288 -43.67 -2.07 10.56
N GLU C 289 -43.08 -2.90 11.41
CA GLU C 289 -41.95 -3.79 11.02
C GLU C 289 -42.45 -5.17 10.52
N VAL C 290 -42.04 -5.62 9.33
CA VAL C 290 -42.51 -6.95 8.91
C VAL C 290 -41.64 -8.04 9.43
N THR C 291 -42.02 -8.64 10.55
CA THR C 291 -41.25 -9.71 11.17
C THR C 291 -41.29 -11.06 10.38
N SER C 292 -40.47 -12.02 10.83
CA SER C 292 -40.43 -13.34 10.22
C SER C 292 -41.68 -14.14 10.47
N LEU C 293 -42.15 -14.87 9.45
CA LEU C 293 -43.28 -15.75 9.65
C LEU C 293 -43.03 -16.73 10.82
N GLU C 294 -43.75 -16.59 11.95
CA GLU C 294 -43.64 -17.50 13.10
C GLU C 294 -43.78 -18.95 12.63
N ILE C 295 -43.32 -19.90 13.44
CA ILE C 295 -43.29 -21.28 12.98
C ILE C 295 -44.71 -21.73 12.63
N ASP C 296 -45.65 -21.23 13.42
CA ASP C 296 -47.07 -21.57 13.25
C ASP C 296 -47.72 -20.85 12.04
N GLU C 297 -47.39 -19.57 11.78
CA GLU C 297 -47.91 -18.94 10.58
C GLU C 297 -47.37 -19.68 9.34
N CYS C 298 -46.18 -20.27 9.44
CA CYS C 298 -45.57 -21.03 8.35
C CYS C 298 -46.40 -22.26 8.12
N TYR C 299 -46.81 -22.88 9.22
CA TYR C 299 -47.74 -24.00 9.11
C TYR C 299 -48.98 -23.59 8.32
N ASP C 300 -49.67 -22.53 8.77
CA ASP C 300 -50.90 -22.03 8.09
C ASP C 300 -50.66 -21.84 6.60
N PHE C 301 -49.51 -21.23 6.31
CA PHE C 301 -48.99 -20.89 4.99
C PHE C 301 -48.81 -22.15 4.13
N LEU C 302 -48.47 -23.26 4.77
CA LEU C 302 -48.25 -24.49 4.09
C LEU C 302 -49.55 -25.13 3.69
N GLU C 303 -50.39 -25.26 4.73
CA GLU C 303 -51.74 -25.75 4.59
C GLU C 303 -52.48 -25.01 3.54
N ALA C 304 -52.35 -23.71 3.58
CA ALA C 304 -53.04 -22.82 2.68
C ALA C 304 -52.81 -23.14 1.23
N TYR C 305 -51.58 -23.53 0.90
CA TYR C 305 -51.38 -23.86 -0.48
C TYR C 305 -51.26 -25.39 -0.61
N GLY C 306 -52.21 -26.06 0.01
CA GLY C 306 -52.34 -27.50 -0.07
C GLY C 306 -51.29 -28.44 0.47
N PRO C 308 -49.68 -31.06 3.09
CA PRO C 308 -50.08 -32.08 4.07
C PRO C 308 -49.35 -31.89 5.42
N PRO C 310 -47.86 -32.87 9.24
CA PRO C 310 -47.07 -34.01 9.70
C PRO C 310 -47.79 -35.06 10.56
N VAL C 311 -47.09 -36.19 10.76
CA VAL C 311 -47.54 -37.30 11.60
C VAL C 311 -46.37 -37.96 12.38
N GLY C 312 -45.52 -38.76 11.75
CA GLY C 312 -44.36 -39.31 12.44
C GLY C 312 -43.61 -38.16 13.10
N GLU C 313 -42.79 -38.44 14.09
CA GLU C 313 -42.14 -37.34 14.81
C GLU C 313 -41.06 -36.73 13.98
N LYS C 314 -40.29 -37.61 13.35
CA LYS C 314 -39.32 -37.14 12.38
C LYS C 314 -39.97 -36.89 11.00
N GLU C 315 -40.97 -35.99 11.01
CA GLU C 315 -41.58 -35.46 9.79
C GLU C 315 -42.01 -34.07 10.17
N GLU C 316 -42.60 -33.96 11.36
CA GLU C 316 -42.84 -32.66 11.98
C GLU C 316 -41.47 -32.10 12.25
N ASP C 317 -40.52 -33.00 12.47
CA ASP C 317 -39.15 -32.55 12.62
C ASP C 317 -38.63 -32.10 11.23
N VAL C 318 -39.00 -32.80 10.15
CA VAL C 318 -38.59 -32.36 8.80
C VAL C 318 -39.07 -30.96 8.44
N LEU C 319 -40.27 -30.62 8.89
CA LEU C 319 -40.83 -29.34 8.51
C LEU C 319 -40.34 -28.22 9.48
N ASN C 320 -40.03 -28.54 10.74
CA ASN C 320 -39.36 -27.52 11.58
C ASN C 320 -37.96 -27.28 11.10
N LYS C 321 -37.37 -28.28 10.45
CA LYS C 321 -36.10 -28.08 9.77
C LYS C 321 -36.29 -27.07 8.63
N THR C 322 -37.31 -27.25 7.80
CA THR C 322 -37.54 -26.26 6.75
C THR C 322 -37.79 -24.85 7.25
N ILE C 323 -38.63 -24.72 8.26
CA ILE C 323 -38.97 -23.42 8.86
C ILE C 323 -37.76 -22.80 9.57
N GLU C 324 -36.90 -23.66 10.09
CA GLU C 324 -35.67 -23.23 10.74
C GLU C 324 -34.58 -22.71 9.79
N LEU C 325 -34.35 -23.45 8.71
CA LEU C 325 -33.36 -23.16 7.68
C LEU C 325 -33.69 -21.79 7.07
N SER C 326 -34.88 -21.67 6.45
CA SER C 326 -35.43 -20.41 5.87
C SER C 326 -35.97 -19.46 6.95
N SER C 327 -35.20 -19.19 8.01
CA SER C 327 -35.66 -18.44 9.19
C SER C 327 -36.95 -17.61 9.08
N GLY C 328 -38.09 -18.30 8.96
CA GLY C 328 -39.40 -17.68 8.74
C GLY C 328 -39.37 -16.65 7.62
N ASN C 329 -39.48 -17.12 6.38
CA ASN C 329 -39.39 -16.17 5.29
C ASN C 329 -40.30 -16.51 4.08
N PRO C 330 -41.41 -15.77 3.94
CA PRO C 330 -42.43 -15.88 2.89
C PRO C 330 -41.85 -16.30 1.54
N ALA C 331 -40.98 -15.48 0.96
CA ALA C 331 -40.45 -15.72 -0.38
C ALA C 331 -39.76 -17.06 -0.57
N THR C 332 -38.78 -17.41 0.29
CA THR C 332 -38.09 -18.72 0.15
C THR C 332 -38.92 -19.86 0.59
N LEU C 333 -39.88 -19.60 1.46
CA LEU C 333 -40.85 -20.61 1.84
C LEU C 333 -41.60 -20.87 0.59
N PHE C 336 -39.61 -22.69 -2.09
CA PHE C 336 -39.49 -23.97 -1.47
C PHE C 336 -40.77 -24.80 -1.80
N PHE C 337 -42.00 -24.31 -1.53
CA PHE C 337 -43.22 -25.11 -1.87
C PHE C 337 -43.20 -25.38 -3.38
N LYS C 338 -43.10 -24.29 -4.15
CA LYS C 338 -43.09 -24.36 -5.60
C LYS C 338 -42.11 -25.40 -6.12
N SER C 339 -41.19 -25.82 -5.28
CA SER C 339 -40.10 -26.70 -5.66
C SER C 339 -40.27 -28.05 -4.93
N CYS C 340 -41.36 -28.22 -4.16
CA CYS C 340 -41.60 -29.48 -3.45
C CYS C 340 -42.28 -30.62 -4.29
N GLU C 341 -42.38 -30.37 -5.60
CA GLU C 341 -42.85 -31.29 -6.66
C GLU C 341 -43.82 -32.43 -6.22
N PRO C 342 -43.36 -33.65 -5.80
CA PRO C 342 -44.39 -34.68 -5.61
C PRO C 342 -45.31 -34.34 -4.42
N LYS C 343 -44.85 -33.46 -3.52
CA LYS C 343 -45.55 -32.95 -2.30
C LYS C 343 -45.22 -33.75 -1.01
N THR C 344 -44.60 -34.90 -1.19
CA THR C 344 -44.27 -35.82 -0.11
C THR C 344 -43.37 -35.15 0.95
N PHE C 345 -43.52 -35.53 2.23
CA PHE C 345 -42.48 -35.19 3.24
C PHE C 345 -41.08 -35.61 2.88
N GLU C 346 -41.01 -36.72 2.14
CA GLU C 346 -39.77 -37.26 1.61
C GLU C 346 -39.01 -36.30 0.69
N LYS C 347 -39.60 -35.92 -0.43
CA LYS C 347 -38.95 -34.99 -1.34
C LYS C 347 -38.74 -33.64 -0.66
N ALA C 349 -37.65 -33.47 2.68
CA ALA C 349 -36.42 -33.52 3.46
C ALA C 349 -35.24 -33.55 2.49
N GLN C 350 -35.47 -34.11 1.30
CA GLN C 350 -34.45 -34.08 0.23
C GLN C 350 -34.04 -32.64 0.03
N LEU C 351 -35.04 -31.73 -0.05
CA LEU C 351 -34.72 -30.30 -0.24
C LEU C 351 -34.03 -29.74 1.03
N ASN C 352 -34.48 -30.09 2.23
CA ASN C 352 -33.75 -29.63 3.43
C ASN C 352 -32.24 -29.93 3.44
N ASN C 353 -31.87 -31.06 2.83
CA ASN C 353 -30.47 -31.47 2.64
C ASN C 353 -29.88 -30.57 1.53
N LYS C 354 -30.46 -30.65 0.32
CA LYS C 354 -30.05 -29.77 -0.78
C LYS C 354 -29.77 -28.33 -0.37
N LEU C 355 -30.39 -27.82 0.70
CA LEU C 355 -30.21 -26.42 1.11
C LEU C 355 -28.90 -26.08 1.85
N GLU C 356 -28.38 -27.00 2.69
CA GLU C 356 -27.10 -26.80 3.42
C GLU C 356 -25.85 -27.07 2.60
N SER C 357 -26.00 -28.04 1.69
CA SER C 357 -24.93 -28.47 0.81
C SER C 357 -24.88 -27.98 -0.67
N ARG C 358 -25.56 -26.86 -0.96
CA ARG C 358 -25.56 -26.19 -2.25
C ARG C 358 -26.08 -24.74 -2.13
N GLY C 359 -26.37 -24.30 -0.90
CA GLY C 359 -26.93 -22.98 -0.52
C GLY C 359 -28.31 -22.64 -1.11
N LEU C 360 -28.72 -21.35 -1.21
CA LEU C 360 -30.12 -21.09 -1.64
C LEU C 360 -30.43 -21.59 -3.06
N VAL C 361 -29.40 -21.96 -3.81
CA VAL C 361 -29.47 -22.36 -5.22
C VAL C 361 -30.09 -23.75 -5.28
N GLY C 362 -30.35 -24.31 -4.10
CA GLY C 362 -30.82 -25.67 -4.01
C GLY C 362 -32.34 -25.59 -4.15
N VAL C 363 -32.85 -24.40 -3.94
CA VAL C 363 -34.28 -24.26 -3.99
C VAL C 363 -34.83 -23.16 -4.90
N GLU C 364 -33.95 -22.45 -5.60
CA GLU C 364 -34.35 -21.47 -6.61
C GLU C 364 -35.29 -22.00 -7.74
N CYS C 365 -36.39 -21.27 -7.92
CA CYS C 365 -37.49 -21.62 -8.79
C CYS C 365 -38.21 -20.35 -9.24
N ILE C 366 -39.05 -20.50 -10.27
CA ILE C 366 -39.96 -19.46 -10.74
C ILE C 366 -41.01 -19.31 -9.64
N THR C 367 -41.12 -18.12 -9.07
CA THR C 367 -41.99 -17.84 -7.94
C THR C 367 -42.61 -16.51 -8.26
N PRO C 368 -43.80 -16.19 -7.73
CA PRO C 368 -44.39 -14.84 -7.79
C PRO C 368 -43.44 -13.65 -7.52
N TYR C 369 -42.33 -13.93 -6.83
CA TYR C 369 -41.18 -13.04 -6.58
C TYR C 369 -40.35 -12.68 -7.82
N SER C 370 -39.91 -11.42 -7.91
CA SER C 370 -39.04 -11.00 -9.05
C SER C 370 -37.68 -11.72 -9.07
N TYR C 371 -37.31 -12.46 -8.03
CA TYR C 371 -35.95 -12.98 -7.92
C TYR C 371 -36.05 -14.45 -8.03
N LYS C 372 -35.13 -14.97 -8.80
CA LYS C 372 -35.00 -16.40 -8.99
C LYS C 372 -34.74 -17.05 -7.62
N SER C 373 -33.95 -16.41 -6.76
CA SER C 373 -33.68 -16.97 -5.44
C SER C 373 -33.40 -15.83 -4.46
N LEU C 374 -33.63 -16.08 -3.19
CA LEU C 374 -33.50 -15.01 -2.26
C LEU C 374 -32.07 -14.42 -2.21
N ALA C 375 -31.09 -15.15 -2.74
CA ALA C 375 -29.69 -14.66 -2.67
C ALA C 375 -29.41 -13.49 -3.64
N ALA C 377 -31.57 -11.33 -4.22
CA ALA C 377 -32.21 -10.20 -3.62
C ALA C 377 -31.21 -9.64 -2.63
N LEU C 378 -30.70 -10.52 -1.78
CA LEU C 378 -29.88 -10.10 -0.68
C LEU C 378 -28.60 -9.42 -1.18
N GLN C 379 -28.23 -9.86 -2.38
CA GLN C 379 -27.13 -9.31 -3.17
C GLN C 379 -27.04 -7.81 -2.91
N ARG C 380 -28.11 -7.13 -3.30
CA ARG C 380 -28.19 -5.69 -3.23
C ARG C 380 -28.02 -5.16 -1.85
N CYS C 381 -28.68 -5.78 -0.88
CA CYS C 381 -28.64 -5.30 0.51
C CYS C 381 -27.18 -5.22 0.98
N VAL C 382 -26.33 -5.96 0.28
CA VAL C 382 -24.94 -6.09 0.70
C VAL C 382 -24.16 -5.09 -0.17
N GLU C 383 -24.65 -4.84 -1.40
CA GLU C 383 -24.02 -3.85 -2.29
C GLU C 383 -24.19 -2.43 -1.72
N VAL C 384 -25.38 -2.05 -1.23
CA VAL C 384 -25.58 -0.69 -0.67
C VAL C 384 -24.74 -0.38 0.53
N LEU C 385 -24.26 -1.43 1.15
CA LEU C 385 -23.62 -1.41 2.47
C LEU C 385 -22.30 -0.65 2.61
N SER C 386 -22.20 0.09 3.70
CA SER C 386 -20.94 0.74 4.10
C SER C 386 -19.82 -0.31 3.86
N ASP C 387 -18.70 0.12 3.26
CA ASP C 387 -17.60 -0.80 2.90
C ASP C 387 -17.18 -1.75 4.08
N GLU C 388 -17.17 -1.16 5.28
CA GLU C 388 -16.82 -1.83 6.52
C GLU C 388 -17.91 -2.74 7.03
N ASP C 389 -19.16 -2.33 6.85
CA ASP C 389 -20.27 -3.14 7.32
C ASP C 389 -20.24 -4.32 6.41
N ARG C 390 -19.79 -4.10 5.17
CA ARG C 390 -19.64 -5.20 4.22
C ARG C 390 -18.69 -6.14 4.77
N SER C 391 -17.75 -5.59 5.55
CA SER C 391 -16.71 -6.43 6.17
C SER C 391 -17.25 -7.24 7.36
N ALA C 392 -17.81 -6.55 8.35
CA ALA C 392 -18.42 -7.22 9.48
C ALA C 392 -19.36 -8.36 9.04
N LEU C 393 -20.19 -8.01 8.08
CA LEU C 393 -21.14 -8.95 7.58
C LEU C 393 -20.39 -10.09 6.95
N ALA C 394 -19.35 -9.79 6.18
CA ALA C 394 -18.72 -10.84 5.41
C ALA C 394 -18.16 -11.88 6.35
N PHE C 395 -17.83 -11.42 7.57
CA PHE C 395 -17.25 -12.29 8.60
C PHE C 395 -18.19 -13.02 9.52
N ALA C 396 -19.31 -12.41 9.89
CA ALA C 396 -20.29 -13.10 10.74
C ALA C 396 -20.76 -14.48 10.17
N VAL C 397 -20.18 -14.92 9.04
CA VAL C 397 -20.45 -16.28 8.52
C VAL C 397 -20.06 -17.23 9.60
N VAL C 398 -18.79 -17.14 9.99
CA VAL C 398 -18.25 -18.07 10.96
C VAL C 398 -18.93 -17.95 12.31
N PRO C 400 -22.25 -18.92 15.12
CA PRO C 400 -23.29 -19.93 15.11
C PRO C 400 -24.64 -19.24 14.95
N PRO C 401 -25.43 -19.74 13.99
CA PRO C 401 -26.73 -19.15 13.71
C PRO C 401 -27.81 -19.71 14.63
N GLY C 402 -28.81 -18.88 14.89
CA GLY C 402 -29.95 -19.23 15.69
C GLY C 402 -29.30 -19.54 17.01
N VAL C 403 -28.36 -18.69 17.39
CA VAL C 403 -27.70 -18.82 18.67
C VAL C 403 -27.41 -17.45 19.09
N ASP C 404 -27.79 -17.13 20.31
CA ASP C 404 -27.51 -15.81 20.85
C ASP C 404 -26.12 -15.72 21.48
N ILE C 405 -25.30 -14.83 20.95
CA ILE C 405 -23.91 -14.78 21.33
C ILE C 405 -23.54 -13.29 21.55
N PRO C 406 -22.72 -13.00 22.58
CA PRO C 406 -22.27 -11.72 23.15
C PRO C 406 -21.49 -10.77 22.22
N VAL C 407 -21.33 -9.51 22.61
CA VAL C 407 -20.62 -8.54 21.80
C VAL C 407 -19.12 -8.97 21.77
N LYS C 408 -18.52 -9.35 22.91
CA LYS C 408 -17.10 -9.81 22.92
C LYS C 408 -16.88 -11.11 22.09
N LEU C 409 -17.73 -12.11 22.25
CA LEU C 409 -17.66 -13.25 21.35
C LEU C 409 -17.72 -12.82 19.88
N TRP C 410 -18.14 -11.58 19.64
CA TRP C 410 -18.22 -11.00 18.30
C TRP C 410 -17.01 -10.12 18.06
N SER C 411 -16.53 -9.36 19.07
CA SER C 411 -15.32 -8.54 18.90
C SER C 411 -14.11 -9.34 18.33
N CYS C 412 -14.20 -10.67 18.39
CA CYS C 412 -13.14 -11.53 17.95
C CYS C 412 -13.07 -11.68 16.42
N VAL C 413 -14.20 -11.91 15.76
CA VAL C 413 -14.12 -12.04 14.30
C VAL C 413 -14.35 -10.70 13.48
N ILE C 414 -15.14 -9.76 14.01
CA ILE C 414 -15.47 -8.56 13.23
C ILE C 414 -14.27 -7.56 13.26
N PRO C 415 -13.83 -7.07 12.08
CA PRO C 415 -12.77 -6.07 11.92
C PRO C 415 -12.91 -4.65 12.52
N VAL C 416 -11.79 -3.91 12.49
CA VAL C 416 -11.59 -2.44 12.77
C VAL C 416 -10.06 -2.20 12.64
N LEU C 426 -12.09 0.48 24.36
CA LEU C 426 -13.38 -0.16 24.57
C LEU C 426 -14.03 -0.55 23.23
N ASP C 427 -14.22 -1.86 23.00
CA ASP C 427 -14.88 -2.39 21.79
C ASP C 427 -16.32 -2.74 21.77
N ASP C 428 -17.06 -1.65 21.70
CA ASP C 428 -18.47 -1.57 21.45
C ASP C 428 -18.67 -1.27 19.96
N GLU C 429 -17.65 -0.70 19.33
CA GLU C 429 -17.73 -0.48 17.88
C GLU C 429 -18.22 -1.72 17.10
N VAL C 430 -17.91 -2.92 17.58
CA VAL C 430 -18.47 -4.11 16.97
C VAL C 430 -19.97 -4.01 17.06
N ALA C 431 -20.49 -3.71 18.24
CA ALA C 431 -21.94 -3.56 18.40
C ALA C 431 -22.51 -2.47 17.48
N ASP C 432 -21.83 -1.35 17.30
CA ASP C 432 -22.41 -0.32 16.42
C ASP C 432 -22.55 -0.84 15.01
N ARG C 433 -21.56 -1.61 14.56
CA ARG C 433 -21.63 -2.17 13.21
C ARG C 433 -22.76 -3.19 13.17
N LEU C 434 -22.87 -4.04 14.18
CA LEU C 434 -23.90 -5.06 14.19
C LEU C 434 -25.31 -4.47 14.28
N LYS C 435 -25.40 -3.26 14.89
CA LYS C 435 -26.63 -2.49 14.89
C LYS C 435 -26.96 -1.93 13.49
N ARG C 436 -26.10 -1.07 12.87
CA ARG C 436 -26.33 -0.67 11.44
C ARG C 436 -26.69 -1.86 10.53
N LEU C 437 -26.13 -3.01 10.87
CA LEU C 437 -26.23 -4.19 10.06
C LEU C 437 -27.61 -4.79 10.20
N SER C 438 -28.18 -4.75 11.40
CA SER C 438 -29.59 -5.13 11.58
C SER C 438 -30.63 -4.05 11.12
N LYS C 439 -30.37 -2.77 11.41
CA LYS C 439 -31.14 -1.64 10.85
C LYS C 439 -31.27 -1.58 9.29
N ARG C 440 -30.25 -2.06 8.58
CA ARG C 440 -30.03 -1.83 7.12
C ARG C 440 -30.12 -3.03 6.24
N GLY C 441 -31.28 -3.67 6.34
CA GLY C 441 -31.59 -4.81 5.51
C GLY C 441 -32.06 -5.89 6.41
N ALA C 442 -32.05 -5.52 7.70
CA ALA C 442 -32.44 -6.38 8.82
C ALA C 442 -31.73 -7.71 8.71
N LEU C 443 -30.39 -7.62 8.71
CA LEU C 443 -29.52 -8.76 8.48
C LEU C 443 -29.06 -9.52 9.74
N LEU C 444 -28.87 -8.75 10.81
CA LEU C 444 -28.54 -9.35 12.09
C LEU C 444 -29.78 -9.51 13.03
N SER C 445 -29.76 -8.92 14.24
CA SER C 445 -30.70 -9.24 15.34
C SER C 445 -30.23 -8.84 16.73
N GLY C 446 -30.77 -7.73 17.23
CA GLY C 446 -30.46 -7.21 18.55
C GLY C 446 -31.43 -7.77 19.60
N LYS C 447 -30.90 -7.98 20.81
CA LYS C 447 -31.60 -8.60 21.95
C LYS C 447 -30.95 -7.93 23.15
N ARG C 448 -31.62 -6.91 23.68
CA ARG C 448 -30.98 -5.98 24.62
C ARG C 448 -30.38 -6.63 25.89
N PRO C 450 -30.63 -10.50 28.48
CA PRO C 450 -29.80 -10.45 29.69
C PRO C 450 -28.48 -9.70 29.54
N VAL C 451 -27.80 -9.89 28.43
CA VAL C 451 -26.57 -9.15 28.12
C VAL C 451 -26.62 -8.71 26.67
N LEU C 452 -26.09 -7.52 26.39
CA LEU C 452 -26.08 -6.99 25.01
C LEU C 452 -25.47 -8.05 24.08
N THR C 453 -26.34 -8.70 23.30
CA THR C 453 -26.01 -9.81 22.41
C THR C 453 -26.65 -9.71 21.06
N PHE C 454 -26.01 -10.24 20.01
CA PHE C 454 -26.62 -10.27 18.67
C PHE C 454 -26.89 -11.67 18.18
N LYS C 455 -27.37 -11.83 16.98
CA LYS C 455 -27.66 -13.19 16.56
C LYS C 455 -27.78 -13.21 15.07
N ILE C 456 -27.26 -14.23 14.44
CA ILE C 456 -27.41 -14.29 13.01
C ILE C 456 -28.44 -15.38 12.74
N ASP C 457 -29.45 -15.00 11.96
CA ASP C 457 -30.52 -15.89 11.59
C ASP C 457 -29.95 -16.95 10.61
N HIS C 458 -30.71 -17.95 10.16
CA HIS C 458 -30.16 -18.97 9.21
C HIS C 458 -30.10 -18.67 7.70
N ILE C 459 -31.13 -18.01 7.12
CA ILE C 459 -31.15 -17.69 5.65
C ILE C 459 -30.08 -16.69 5.34
N ILE C 460 -30.00 -15.75 6.27
CA ILE C 460 -29.04 -14.70 6.21
C ILE C 460 -27.68 -15.36 6.46
N HIS C 461 -27.62 -16.67 6.77
CA HIS C 461 -26.29 -17.30 6.91
C HIS C 461 -25.98 -18.07 5.56
N PHE C 463 -26.78 -17.64 2.92
CA PHE C 463 -26.50 -16.66 1.93
C PHE C 463 -24.99 -16.52 1.88
N LEU C 464 -24.43 -16.07 3.01
CA LEU C 464 -23.01 -15.86 3.19
C LEU C 464 -22.10 -17.07 2.99
N LYS C 465 -22.44 -18.27 3.47
CA LYS C 465 -21.68 -19.50 3.15
C LYS C 465 -21.22 -19.51 1.68
N HIS C 466 -22.08 -19.91 0.74
CA HIS C 466 -21.67 -19.99 -0.68
C HIS C 466 -21.57 -18.62 -1.38
N VAL C 467 -21.19 -17.58 -0.65
CA VAL C 467 -21.15 -16.22 -1.14
C VAL C 467 -19.95 -15.46 -0.60
N VAL C 468 -19.56 -15.69 0.65
CA VAL C 468 -18.35 -15.01 1.07
C VAL C 468 -17.18 -15.81 0.45
N ASP C 469 -16.04 -15.14 0.30
CA ASP C 469 -14.81 -15.66 -0.28
C ASP C 469 -14.34 -16.96 0.42
N ALA C 470 -14.20 -18.06 -0.31
CA ALA C 470 -13.83 -19.36 0.28
C ALA C 470 -12.67 -19.39 1.29
N GLN C 471 -11.71 -18.48 1.13
CA GLN C 471 -10.60 -18.34 2.09
C GLN C 471 -11.04 -17.72 3.41
N THR C 472 -11.75 -16.60 3.27
CA THR C 472 -12.18 -15.75 4.39
C THR C 472 -13.04 -16.56 5.41
N ILE C 473 -13.66 -17.63 4.94
CA ILE C 473 -14.30 -18.60 5.81
C ILE C 473 -13.20 -19.20 6.71
N ALA C 474 -12.19 -19.85 6.14
CA ALA C 474 -11.13 -20.47 6.95
C ALA C 474 -10.38 -19.47 7.82
N ASN C 475 -10.22 -18.24 7.34
CA ASN C 475 -9.56 -17.19 8.14
C ASN C 475 -10.39 -16.78 9.35
N GLY C 476 -11.72 -16.77 9.21
CA GLY C 476 -12.51 -16.38 10.34
C GLY C 476 -12.52 -17.52 11.35
N ILE C 477 -12.46 -18.76 10.83
CA ILE C 477 -12.45 -19.90 11.71
C ILE C 477 -11.19 -19.86 12.56
N SER C 478 -10.04 -19.63 11.91
CA SER C 478 -8.79 -19.46 12.65
C SER C 478 -8.67 -18.20 13.55
N ILE C 479 -8.96 -16.98 13.07
CA ILE C 479 -8.95 -15.77 13.92
C ILE C 479 -9.81 -15.89 15.15
N LEU C 480 -10.77 -16.79 15.05
CA LEU C 480 -11.57 -16.99 16.20
C LEU C 480 -10.96 -18.01 17.10
N GLU C 481 -10.66 -19.22 16.62
CA GLU C 481 -10.12 -20.18 17.56
C GLU C 481 -8.86 -19.62 18.25
N GLN C 482 -8.26 -18.63 17.59
CA GLN C 482 -7.12 -17.89 18.12
C GLN C 482 -7.58 -16.94 19.22
N ARG C 483 -8.41 -15.95 18.89
CA ARG C 483 -8.78 -15.03 19.96
C ARG C 483 -9.55 -15.74 21.08
N LEU C 484 -10.05 -16.97 20.85
CA LEU C 484 -10.85 -17.67 21.87
C LEU C 484 -9.73 -18.04 22.85
N LEU C 485 -8.64 -18.58 22.27
CA LEU C 485 -7.53 -19.15 23.07
C LEU C 485 -6.85 -18.07 23.93
N GLU C 486 -6.79 -16.85 23.39
CA GLU C 486 -6.24 -15.74 24.18
C GLU C 486 -7.12 -15.30 25.37
N ILE C 487 -8.44 -15.53 25.28
CA ILE C 487 -9.32 -15.37 26.46
C ILE C 487 -9.10 -16.58 27.38
N GLY C 488 -8.61 -17.68 26.80
CA GLY C 488 -8.17 -18.82 27.58
C GLY C 488 -6.87 -18.60 28.34
N ASN C 489 -6.09 -17.61 27.92
CA ASN C 489 -4.87 -17.21 28.65
C ASN C 489 -5.07 -16.10 29.71
N ASN C 490 -6.20 -15.40 29.66
CA ASN C 490 -6.58 -14.46 30.73
C ASN C 490 -6.61 -15.14 32.10
N ASN C 491 -6.88 -16.43 32.15
CA ASN C 491 -6.88 -17.16 33.43
C ASN C 491 -5.58 -17.93 33.59
N GLU C 521 -30.72 -23.28 24.53
CA GLU C 521 -31.75 -23.06 25.54
C GLU C 521 -32.02 -21.60 25.87
N THR C 522 -33.11 -21.32 26.58
CA THR C 522 -33.45 -19.96 26.99
C THR C 522 -32.40 -19.38 27.98
N VAL C 523 -31.16 -19.84 27.88
CA VAL C 523 -30.02 -19.32 28.68
C VAL C 523 -28.80 -18.96 27.83
N ILE C 524 -28.32 -17.75 28.07
CA ILE C 524 -27.13 -17.21 27.42
C ILE C 524 -25.87 -17.91 27.87
N ARG C 525 -24.86 -17.91 27.00
CA ARG C 525 -23.59 -18.57 27.26
C ARG C 525 -22.82 -17.77 28.27
N PRO C 526 -22.47 -18.42 29.39
CA PRO C 526 -21.82 -17.62 30.42
C PRO C 526 -20.41 -17.26 30.02
N GLU C 527 -19.91 -16.21 30.66
CA GLU C 527 -18.60 -15.61 30.42
C GLU C 527 -17.43 -16.37 31.07
N ASP C 528 -17.82 -17.39 31.84
CA ASP C 528 -16.87 -18.32 32.45
C ASP C 528 -16.52 -19.38 31.40
N PHE C 529 -17.37 -19.47 30.38
CA PHE C 529 -17.32 -20.49 29.32
C PHE C 529 -17.22 -19.99 27.85
N PRO C 530 -16.63 -18.81 27.60
CA PRO C 530 -16.52 -18.46 26.18
C PRO C 530 -15.37 -19.21 25.59
N LYS C 531 -14.42 -19.49 26.46
CA LYS C 531 -13.19 -20.17 26.16
C LYS C 531 -13.37 -21.44 25.33
N PHE C 532 -14.52 -22.10 25.41
CA PHE C 532 -14.73 -23.25 24.53
C PHE C 532 -15.89 -23.06 23.56
N GLN C 534 -16.35 -24.98 21.49
CA GLN C 534 -16.46 -26.36 21.04
C GLN C 534 -17.90 -26.79 21.30
N LEU C 535 -18.62 -25.99 22.08
CA LEU C 535 -20.03 -26.26 22.32
C LEU C 535 -20.78 -26.33 20.96
N HIS C 536 -20.46 -25.41 20.05
CA HIS C 536 -21.10 -25.36 18.73
C HIS C 536 -20.19 -26.11 17.77
N GLN C 537 -19.40 -27.01 18.32
CA GLN C 537 -18.52 -27.83 17.51
C GLN C 537 -19.17 -28.49 16.33
N LYS C 538 -20.36 -29.01 16.49
CA LYS C 538 -20.94 -29.67 15.33
C LYS C 538 -20.86 -28.72 14.13
N PHE C 539 -21.44 -27.53 14.21
CA PHE C 539 -21.44 -26.70 13.02
C PHE C 539 -20.05 -26.13 12.71
N TYR C 540 -19.16 -25.97 13.69
CA TYR C 540 -17.85 -25.45 13.31
C TYR C 540 -17.21 -26.47 12.43
N ASP C 541 -17.54 -27.73 12.66
CA ASP C 541 -16.93 -28.79 11.88
C ASP C 541 -17.47 -28.84 10.44
N SER C 542 -18.69 -28.33 10.25
CA SER C 542 -19.31 -28.39 8.93
C SER C 542 -18.67 -27.31 8.11
N LEU C 543 -18.74 -26.09 8.63
CA LEU C 543 -18.02 -24.97 8.05
C LEU C 543 -16.54 -25.29 7.79
N LYS C 544 -15.89 -26.04 8.68
CA LYS C 544 -14.43 -26.15 8.54
C LYS C 544 -14.22 -26.90 7.26
N ASN C 545 -15.02 -27.96 7.08
CA ASN C 545 -14.96 -28.80 5.87
C ASN C 545 -15.26 -28.03 4.58
N PHE C 546 -16.09 -26.99 4.70
CA PHE C 546 -16.43 -26.18 3.52
C PHE C 546 -15.24 -25.31 3.19
N ALA C 547 -14.65 -24.67 4.20
CA ALA C 547 -13.64 -23.67 3.91
C ALA C 547 -12.37 -24.27 3.26
N CYS C 548 -11.89 -25.38 3.83
CA CYS C 548 -10.59 -26.00 3.49
C CYS C 548 -10.68 -27.17 2.49
N CYS C 549 -11.67 -28.04 2.68
CA CYS C 549 -11.88 -29.24 1.84
C CYS C 549 -10.65 -30.15 1.86
N PHE D 3 -16.44 -11.53 -1.20
CA PHE D 3 -17.85 -11.32 -1.65
C PHE D 3 -18.10 -11.43 -3.18
N ASN D 4 -18.17 -12.65 -3.73
CA ASN D 4 -18.14 -12.93 -5.20
C ASN D 4 -19.13 -12.17 -6.11
N PHE D 5 -18.73 -10.96 -6.54
CA PHE D 5 -19.58 -9.97 -7.25
C PHE D 5 -20.90 -9.92 -6.45
N LEU E 2 51.05 -41.64 -29.35
CA LEU E 2 51.58 -42.17 -28.11
C LEU E 2 50.49 -42.80 -27.26
N CYS E 3 50.26 -42.24 -26.08
CA CYS E 3 49.17 -42.64 -25.18
C CYS E 3 49.30 -41.92 -23.85
N GLU E 4 48.45 -42.26 -22.89
CA GLU E 4 48.49 -41.57 -21.59
C GLU E 4 49.78 -41.87 -20.76
N ILE E 5 50.31 -43.11 -20.81
CA ILE E 5 51.55 -43.47 -20.08
C ILE E 5 52.84 -42.79 -20.62
N GLU E 6 53.09 -42.91 -21.93
CA GLU E 6 54.31 -42.37 -22.54
C GLU E 6 54.33 -40.84 -22.56
N CYS E 7 53.14 -40.26 -22.53
CA CYS E 7 53.05 -38.81 -22.51
C CYS E 7 53.11 -38.35 -21.04
N ARG E 8 52.69 -39.19 -20.08
CA ARG E 8 52.85 -38.83 -18.67
C ARG E 8 54.34 -38.87 -18.31
N ALA E 9 55.09 -39.71 -19.01
CA ALA E 9 56.54 -39.77 -18.79
C ALA E 9 57.14 -38.52 -19.42
N LEU E 10 56.69 -38.22 -20.65
CA LEU E 10 57.13 -37.01 -21.34
C LEU E 10 56.70 -35.70 -20.65
N SER E 11 55.65 -35.77 -19.83
CA SER E 11 55.09 -34.63 -19.07
C SER E 11 55.72 -34.44 -17.69
N THR E 12 55.94 -35.57 -17.01
CA THR E 12 56.57 -35.60 -15.69
C THR E 12 57.97 -35.03 -15.87
N ALA E 13 58.64 -35.48 -16.92
CA ALA E 13 59.97 -35.01 -17.29
C ALA E 13 60.02 -33.72 -18.12
N HIS E 14 59.25 -32.69 -17.77
CA HIS E 14 59.28 -31.48 -18.60
C HIS E 14 60.24 -30.42 -17.99
N THR E 15 60.33 -30.30 -16.66
CA THR E 15 61.34 -29.41 -16.05
C THR E 15 62.73 -29.72 -16.56
N ARG E 16 62.94 -30.99 -16.91
CA ARG E 16 64.23 -31.43 -17.38
C ARG E 16 64.31 -31.12 -18.88
N LEU E 17 63.27 -31.44 -19.67
CA LEU E 17 63.37 -31.11 -21.10
C LEU E 17 63.46 -29.59 -21.31
N ILE E 18 63.24 -28.82 -20.25
CA ILE E 18 63.41 -27.37 -20.30
C ILE E 18 64.81 -26.94 -19.81
N HIS E 19 65.35 -27.64 -18.81
CA HIS E 19 66.67 -27.28 -18.25
C HIS E 19 67.85 -27.69 -19.19
N ASP E 20 67.72 -28.79 -19.93
CA ASP E 20 68.77 -29.22 -20.89
C ASP E 20 68.20 -30.11 -22.04
N PHE E 21 68.10 -29.49 -23.23
CA PHE E 21 67.53 -30.07 -24.46
C PHE E 21 67.51 -28.98 -25.53
N GLU E 22 67.34 -29.40 -26.78
CA GLU E 22 67.23 -28.51 -27.92
C GLU E 22 66.69 -29.32 -29.06
N PRO E 23 65.57 -28.91 -29.65
CA PRO E 23 64.95 -29.69 -30.72
C PRO E 23 65.78 -29.79 -32.02
N ARG E 24 66.70 -28.88 -32.28
CA ARG E 24 67.54 -29.00 -33.49
C ARG E 24 68.46 -30.23 -33.46
N ASP E 25 68.96 -30.59 -32.27
CA ASP E 25 69.86 -31.74 -32.10
C ASP E 25 69.13 -33.05 -32.44
N ALA E 26 67.80 -33.05 -32.25
CA ALA E 26 67.01 -34.27 -32.42
C ALA E 26 66.32 -34.29 -33.76
N LEU E 27 66.25 -33.12 -34.41
CA LEU E 27 65.54 -33.02 -35.70
C LEU E 27 66.25 -33.92 -36.73
N THR E 28 67.59 -33.83 -36.73
CA THR E 28 68.46 -34.61 -37.60
C THR E 28 68.48 -36.12 -37.31
N TYR E 29 68.55 -36.45 -36.02
CA TYR E 29 68.53 -37.83 -35.59
C TYR E 29 67.15 -38.49 -35.84
N LEU E 30 66.11 -37.66 -36.00
CA LEU E 30 64.72 -38.09 -36.21
C LEU E 30 64.05 -38.06 -37.62
N GLU E 31 64.44 -37.16 -38.54
CA GLU E 31 63.96 -37.29 -39.94
C GLU E 31 64.31 -38.67 -40.45
N GLY E 32 65.32 -39.28 -39.83
CA GLY E 32 65.84 -40.57 -40.23
C GLY E 32 64.89 -41.65 -39.69
N LYS E 33 64.66 -41.80 -38.39
CA LYS E 33 63.73 -42.87 -37.97
C LYS E 33 62.22 -42.71 -38.34
N ASN E 34 61.85 -41.78 -39.22
CA ASN E 34 60.47 -41.69 -39.76
C ASN E 34 59.35 -41.44 -38.77
N ILE E 35 59.32 -40.22 -38.29
CA ILE E 35 58.43 -39.84 -37.24
C ILE E 35 58.12 -38.35 -37.49
N PHE E 36 58.69 -37.79 -38.56
CA PHE E 36 58.44 -36.38 -38.92
C PHE E 36 58.13 -36.10 -40.39
N THR E 37 57.97 -34.82 -40.73
CA THR E 37 57.70 -34.37 -42.10
C THR E 37 58.36 -33.00 -42.32
N GLU E 38 58.69 -32.59 -43.54
CA GLU E 38 59.47 -31.35 -43.69
C GLU E 38 58.72 -30.05 -43.33
N ASP E 39 57.42 -30.10 -43.13
CA ASP E 39 56.81 -28.92 -42.52
C ASP E 39 56.96 -29.10 -41.02
N HIS E 40 56.92 -30.33 -40.52
CA HIS E 40 57.12 -30.58 -39.10
C HIS E 40 58.47 -29.99 -38.65
N SER E 41 59.52 -30.41 -39.35
CA SER E 41 60.89 -29.97 -39.11
C SER E 41 61.01 -28.48 -39.45
N GLU E 42 60.21 -28.00 -40.41
CA GLU E 42 60.14 -26.56 -40.73
C GLU E 42 59.59 -25.77 -39.55
N LEU E 43 58.48 -26.25 -39.01
CA LEU E 43 57.78 -25.63 -37.90
C LEU E 43 58.67 -25.63 -36.66
N ILE E 44 59.42 -26.71 -36.42
CA ILE E 44 60.31 -26.76 -35.22
C ILE E 44 61.75 -26.21 -35.32
N SER E 45 62.36 -26.16 -36.51
CA SER E 45 63.75 -25.64 -36.59
C SER E 45 63.91 -24.10 -36.57
N LYS E 46 62.97 -23.36 -37.16
CA LYS E 46 62.95 -21.87 -37.07
C LYS E 46 62.01 -21.27 -36.04
N SER E 48 62.12 -18.58 -32.64
CA SER E 48 62.91 -17.61 -31.91
C SER E 48 63.30 -18.15 -30.51
N THR E 49 62.35 -18.56 -29.68
CA THR E 49 62.69 -19.12 -28.36
C THR E 49 62.81 -20.68 -28.38
N ARG E 50 63.45 -21.28 -27.36
CA ARG E 50 63.56 -22.75 -27.32
C ARG E 50 62.35 -23.50 -26.83
N LEU E 51 61.65 -22.91 -25.85
CA LEU E 51 60.40 -23.46 -25.30
C LEU E 51 59.30 -23.58 -26.36
N GLU E 52 59.42 -22.79 -27.43
CA GLU E 52 58.53 -22.93 -28.57
C GLU E 52 58.86 -24.20 -29.35
N ARG E 53 60.13 -24.37 -29.73
CA ARG E 53 60.55 -25.56 -30.45
C ARG E 53 60.35 -26.80 -29.62
N ILE E 54 60.46 -26.66 -28.30
CA ILE E 54 60.26 -27.73 -27.35
C ILE E 54 58.80 -28.11 -27.14
N ALA E 55 57.91 -27.12 -26.96
CA ALA E 55 56.46 -27.38 -26.78
C ALA E 55 55.82 -27.94 -28.07
N ASN E 56 56.31 -27.46 -29.23
CA ASN E 56 55.96 -28.03 -30.55
C ASN E 56 56.63 -29.39 -30.80
N PHE E 57 57.82 -29.61 -30.23
CA PHE E 57 58.46 -30.91 -30.40
C PHE E 57 57.73 -31.95 -29.59
N LEU E 58 57.30 -31.62 -28.38
CA LEU E 58 56.55 -32.61 -27.60
C LEU E 58 55.12 -32.78 -28.10
N ARG E 59 54.49 -31.75 -28.68
CA ARG E 59 53.17 -31.98 -29.32
C ARG E 59 53.30 -32.80 -30.66
N ILE E 60 54.08 -32.31 -31.64
CA ILE E 60 54.24 -33.04 -32.91
C ILE E 60 54.70 -34.47 -32.60
N TYR E 61 55.57 -34.64 -31.61
CA TYR E 61 56.06 -35.98 -31.29
C TYR E 61 54.88 -36.78 -30.68
N ARG E 62 54.07 -36.18 -29.77
CA ARG E 62 53.03 -37.00 -29.14
C ARG E 62 52.05 -37.51 -30.17
N ARG E 63 52.00 -36.90 -31.35
CA ARG E 63 51.05 -37.37 -32.41
C ARG E 63 51.65 -38.33 -33.47
N GLN E 64 52.93 -38.07 -33.79
CA GLN E 64 53.71 -38.60 -34.95
C GLN E 64 54.43 -39.96 -34.86
N ALA E 65 55.01 -40.25 -33.70
CA ALA E 65 55.84 -41.44 -33.63
C ALA E 65 54.94 -42.61 -33.41
N SER E 66 55.30 -43.71 -34.07
CA SER E 66 54.61 -44.98 -33.93
C SER E 66 54.87 -45.55 -32.52
N GLU E 67 55.85 -44.96 -31.81
CA GLU E 67 56.27 -45.40 -30.48
C GLU E 67 57.17 -44.40 -29.72
N LEU E 68 57.58 -44.74 -28.48
CA LEU E 68 58.45 -43.85 -27.68
C LEU E 68 59.89 -44.37 -27.72
N GLY E 69 60.36 -44.80 -28.90
CA GLY E 69 61.73 -45.27 -29.11
C GLY E 69 62.78 -44.22 -29.42
N PRO E 70 62.66 -43.57 -30.59
CA PRO E 70 63.60 -42.56 -31.11
C PRO E 70 63.70 -41.26 -30.27
N LEU E 71 63.52 -41.37 -28.95
CA LEU E 71 63.73 -40.23 -28.07
C LEU E 71 64.50 -40.78 -26.83
N ILE E 72 64.43 -42.10 -26.61
CA ILE E 72 65.39 -42.75 -25.70
C ILE E 72 66.68 -42.96 -26.48
N ASP E 73 66.56 -43.48 -27.71
CA ASP E 73 67.69 -43.59 -28.63
C ASP E 73 68.15 -42.22 -29.11
N PHE E 74 67.90 -41.17 -28.35
CA PHE E 74 68.43 -39.87 -28.67
C PHE E 74 68.98 -39.07 -27.52
N PHE E 75 68.26 -39.00 -26.42
CA PHE E 75 68.86 -38.27 -25.30
C PHE E 75 70.16 -39.01 -24.93
N ASN E 76 70.19 -40.30 -25.24
CA ASN E 76 71.44 -41.03 -25.18
C ASN E 76 72.58 -40.46 -26.09
N TYR E 77 72.49 -40.50 -27.44
CA TYR E 77 73.62 -40.03 -28.29
C TYR E 77 74.08 -38.57 -28.11
N ASN E 78 73.20 -37.64 -27.75
CA ASN E 78 73.59 -36.23 -27.69
C ASN E 78 74.22 -35.76 -26.35
N ASN E 79 74.71 -36.71 -25.53
CA ASN E 79 75.30 -36.46 -24.19
C ASN E 79 74.35 -35.88 -23.12
N GLN E 80 73.07 -35.83 -23.46
CA GLN E 80 71.99 -35.45 -22.55
C GLN E 80 71.35 -36.78 -22.13
N SER E 81 72.21 -37.77 -21.88
CA SER E 81 71.83 -39.13 -21.54
C SER E 81 71.15 -39.20 -20.21
N HIS E 82 71.39 -38.15 -19.44
CA HIS E 82 70.75 -37.97 -18.16
C HIS E 82 69.24 -37.88 -18.32
N LEU E 83 68.78 -37.67 -19.55
CA LEU E 83 67.35 -37.68 -19.88
C LEU E 83 66.76 -39.05 -20.30
N ALA E 84 67.28 -39.62 -21.39
CA ALA E 84 66.80 -40.90 -21.93
C ALA E 84 66.90 -41.98 -20.89
N ASP E 85 67.75 -41.75 -19.89
CA ASP E 85 67.83 -42.71 -18.80
C ASP E 85 66.58 -42.56 -17.91
N PHE E 86 66.17 -41.33 -17.60
CA PHE E 86 64.95 -41.11 -16.82
C PHE E 86 63.71 -41.69 -17.54
N LEU E 87 63.60 -41.44 -18.85
CA LEU E 87 62.41 -41.95 -19.56
C LEU E 87 62.38 -43.48 -19.73
N GLU E 88 63.52 -44.13 -19.97
CA GLU E 88 63.47 -45.60 -20.01
C GLU E 88 63.20 -46.17 -18.61
N ASP E 89 63.64 -45.48 -17.54
CA ASP E 89 63.29 -45.96 -16.20
C ASP E 89 61.78 -45.87 -16.02
N TYR E 90 61.16 -44.81 -16.50
CA TYR E 90 59.71 -44.74 -16.33
C TYR E 90 58.99 -45.85 -17.16
N ILE E 91 59.40 -46.06 -18.41
CA ILE E 91 58.73 -47.13 -19.16
C ILE E 91 59.01 -48.56 -18.60
N ASP E 92 60.12 -48.77 -17.86
CA ASP E 92 60.37 -50.14 -17.34
C ASP E 92 59.62 -50.27 -16.02
N PHE E 93 59.62 -49.23 -15.17
CA PHE E 93 58.78 -49.30 -13.98
C PHE E 93 57.30 -48.98 -14.40
N ALA E 94 56.91 -49.28 -15.64
CA ALA E 94 55.53 -49.09 -16.09
C ALA E 94 55.06 -50.35 -16.79
N ILE E 95 55.80 -50.79 -17.80
CA ILE E 95 55.41 -52.01 -18.52
C ILE E 95 55.68 -53.24 -17.61
N ASN E 96 56.93 -53.38 -17.16
CA ASN E 96 57.35 -54.51 -16.33
C ASN E 96 56.89 -54.42 -14.89
N GLU E 97 57.49 -53.51 -14.11
CA GLU E 97 57.05 -53.35 -12.73
C GLU E 97 56.09 -52.16 -12.52
N PRO E 98 54.76 -52.39 -12.54
CA PRO E 98 53.69 -51.44 -12.25
C PRO E 98 53.63 -51.25 -10.76
N ASP E 99 52.82 -50.32 -10.28
CA ASP E 99 52.65 -50.06 -8.85
C ASP E 99 53.88 -49.34 -8.37
N LEU E 100 55.05 -49.95 -8.65
CA LEU E 100 56.33 -49.47 -8.12
C LEU E 100 56.56 -48.09 -8.71
N LEU E 101 55.76 -47.77 -9.72
CA LEU E 101 55.86 -46.54 -10.50
C LEU E 101 55.55 -45.28 -9.69
N ARG E 102 54.48 -45.32 -8.91
CA ARG E 102 54.11 -44.15 -8.10
C ARG E 102 55.13 -43.87 -6.95
N PRO E 103 55.52 -44.89 -6.17
CA PRO E 103 56.55 -44.63 -5.14
C PRO E 103 57.95 -44.27 -5.71
N VAL E 104 58.42 -44.99 -6.74
CA VAL E 104 59.81 -44.88 -7.25
C VAL E 104 60.11 -43.77 -8.29
N VAL E 105 59.56 -43.85 -9.50
CA VAL E 105 60.02 -42.93 -10.57
C VAL E 105 59.21 -41.59 -10.72
N ILE E 106 58.11 -41.42 -9.96
CA ILE E 106 57.22 -40.24 -10.07
C ILE E 106 57.19 -39.26 -8.85
N ALA E 107 57.16 -39.84 -7.65
CA ALA E 107 57.09 -39.12 -6.36
C ALA E 107 58.35 -38.31 -5.92
N PRO E 108 59.60 -38.81 -6.17
CA PRO E 108 60.87 -38.19 -5.73
C PRO E 108 61.17 -36.79 -6.27
N GLN E 109 60.16 -36.17 -6.87
CA GLN E 109 60.28 -34.83 -7.40
C GLN E 109 59.14 -33.96 -6.90
N PHE E 110 58.30 -34.51 -6.02
CA PHE E 110 57.27 -33.69 -5.37
C PHE E 110 57.91 -32.43 -4.74
N SER E 111 57.10 -31.40 -4.61
CA SER E 111 57.54 -30.12 -4.08
C SER E 111 56.35 -29.29 -3.71
N ARG E 112 56.16 -29.01 -2.44
CA ARG E 112 54.94 -28.32 -1.96
C ARG E 112 54.78 -26.87 -2.56
N GLN E 113 55.48 -26.58 -3.66
CA GLN E 113 55.42 -25.25 -4.27
C GLN E 113 54.97 -25.38 -5.74
N LEU E 115 52.86 -27.79 -6.31
CA LEU E 115 51.47 -28.01 -5.97
C LEU E 115 50.68 -26.70 -6.14
N ASP E 116 51.05 -25.65 -5.39
CA ASP E 116 50.30 -24.39 -5.43
C ASP E 116 50.12 -23.89 -6.86
N ARG E 117 51.19 -23.97 -7.65
CA ARG E 117 51.09 -23.84 -9.10
C ARG E 117 50.11 -24.65 -9.91
N LYS E 118 50.11 -25.96 -9.72
CA LYS E 118 49.24 -26.84 -10.51
C LYS E 118 47.80 -26.55 -10.13
N LEU E 119 47.61 -26.32 -8.84
CA LEU E 119 46.33 -25.94 -8.33
C LEU E 119 45.87 -24.60 -8.92
N LEU E 120 46.69 -23.56 -8.82
CA LEU E 120 46.28 -22.26 -9.34
C LEU E 120 45.89 -22.32 -10.79
N LEU E 121 46.67 -23.03 -11.59
CA LEU E 121 46.41 -23.03 -13.02
C LEU E 121 45.18 -23.87 -13.44
N GLY E 122 44.84 -24.86 -12.61
CA GLY E 122 43.68 -25.73 -12.79
C GLY E 122 42.41 -25.24 -12.12
N ASN E 123 42.46 -23.99 -11.67
CA ASN E 123 41.33 -23.34 -11.03
C ASN E 123 40.81 -24.10 -9.80
N VAL E 124 41.72 -24.78 -9.10
CA VAL E 124 41.33 -25.34 -7.82
C VAL E 124 41.35 -24.12 -6.90
N PRO E 125 40.23 -23.92 -6.16
CA PRO E 125 40.01 -22.82 -5.22
C PRO E 125 40.89 -23.00 -3.96
N LYS E 126 41.18 -21.92 -3.24
CA LYS E 126 42.14 -21.93 -2.13
C LYS E 126 41.71 -22.66 -0.83
N GLN E 127 41.81 -23.99 -0.76
CA GLN E 127 41.48 -24.80 0.45
C GLN E 127 41.28 -24.11 1.81
N THR E 129 41.06 -23.82 6.02
CA THR E 129 42.14 -24.06 6.97
C THR E 129 41.79 -24.17 8.44
N CYS E 130 40.91 -23.30 8.94
CA CYS E 130 40.64 -23.31 10.36
C CYS E 130 39.86 -24.54 10.79
N TYR E 131 39.28 -25.26 9.86
CA TYR E 131 38.74 -26.55 10.19
C TYR E 131 38.71 -27.39 8.93
N ILE E 132 39.06 -28.65 9.09
CA ILE E 132 39.02 -29.62 8.00
C ILE E 132 38.16 -30.78 8.45
N ARG E 133 37.19 -31.19 7.65
CA ARG E 133 36.44 -32.38 7.98
C ARG E 133 37.25 -33.62 7.68
N GLU E 134 37.84 -34.19 8.73
CA GLU E 134 38.73 -35.34 8.64
C GLU E 134 38.13 -36.45 7.81
N TYR E 135 37.12 -37.14 8.36
CA TYR E 135 36.59 -38.30 7.66
C TYR E 135 36.52 -38.10 6.19
N HIS E 136 35.87 -37.01 5.82
CA HIS E 136 35.51 -36.82 4.45
C HIS E 136 36.66 -36.46 3.57
N VAL E 137 37.40 -35.39 3.91
CA VAL E 137 38.49 -35.07 3.05
C VAL E 137 39.34 -36.25 2.82
N ASP E 138 39.50 -37.02 3.88
CA ASP E 138 40.27 -38.26 3.84
C ASP E 138 39.71 -39.42 3.00
N ARG E 139 38.46 -39.79 3.21
CA ARG E 139 37.89 -40.97 2.55
C ARG E 139 37.78 -40.62 1.04
N VAL E 140 37.54 -39.33 0.79
CA VAL E 140 37.65 -38.76 -0.56
C VAL E 140 39.05 -39.00 -1.13
N ILE E 141 40.10 -38.61 -0.41
CA ILE E 141 41.48 -38.77 -0.97
C ILE E 141 41.72 -40.24 -1.28
N LYS E 142 41.30 -41.11 -0.38
CA LYS E 142 41.41 -42.54 -0.58
C LYS E 142 40.68 -42.87 -1.90
N LYS E 143 39.39 -42.55 -2.07
CA LYS E 143 38.71 -42.96 -3.32
C LYS E 143 39.22 -42.30 -4.59
N LEU E 144 39.96 -41.22 -4.48
CA LEU E 144 40.59 -40.65 -5.67
C LEU E 144 41.89 -41.37 -5.98
N ASP E 145 42.60 -41.69 -4.90
CA ASP E 145 43.84 -42.49 -4.88
C ASP E 145 43.57 -43.89 -5.51
N GLU E 146 42.41 -44.49 -5.22
CA GLU E 146 42.01 -45.83 -5.69
C GLU E 146 41.76 -45.97 -7.22
N CYS E 148 43.20 -43.69 -10.09
CA CYS E 148 44.15 -43.17 -11.10
C CYS E 148 44.62 -44.12 -12.15
N ASP E 149 44.52 -45.39 -11.84
CA ASP E 149 44.80 -46.45 -12.78
C ASP E 149 43.70 -46.45 -13.85
N LEU E 150 42.46 -46.35 -13.37
CA LEU E 150 41.29 -46.35 -14.22
C LEU E 150 41.43 -45.36 -15.38
N ASP E 151 40.79 -45.73 -16.49
CA ASP E 151 40.85 -45.01 -17.75
C ASP E 151 39.87 -43.85 -17.81
N SER E 152 38.78 -44.01 -17.05
CA SER E 152 37.67 -43.04 -16.94
C SER E 152 36.71 -43.36 -15.79
N PHE E 153 36.27 -42.35 -15.06
CA PHE E 153 35.49 -42.61 -13.85
C PHE E 153 34.73 -41.44 -13.24
N PHE E 154 33.63 -41.70 -12.55
CA PHE E 154 32.96 -40.61 -11.89
C PHE E 154 33.05 -40.68 -10.37
N LEU E 155 33.47 -39.60 -9.70
CA LEU E 155 33.32 -39.58 -8.25
C LEU E 155 32.33 -38.56 -7.94
N PHE E 156 31.20 -38.91 -7.32
CA PHE E 156 30.10 -37.96 -7.04
C PHE E 156 30.14 -37.53 -5.57
N LEU E 157 30.66 -36.36 -5.27
CA LEU E 157 30.63 -35.84 -3.92
C LEU E 157 29.36 -34.99 -3.66
N HIS E 158 28.20 -35.64 -3.46
CA HIS E 158 26.88 -35.00 -3.33
C HIS E 158 26.38 -34.78 -1.89
N GLY E 159 25.72 -33.64 -1.63
CA GLY E 159 25.14 -33.35 -0.32
C GLY E 159 24.10 -32.23 -0.38
N ARG E 160 23.56 -31.86 0.78
CA ARG E 160 22.74 -30.62 0.94
C ARG E 160 23.41 -29.34 0.41
N ALA E 161 22.65 -28.26 0.41
CA ALA E 161 23.18 -26.99 0.00
C ALA E 161 23.82 -26.40 1.24
N GLY E 162 24.98 -25.80 1.04
CA GLY E 162 25.85 -25.29 2.08
C GLY E 162 26.42 -26.41 2.95
N SER E 163 26.20 -27.65 2.53
CA SER E 163 26.62 -28.81 3.32
C SER E 163 28.16 -29.05 3.40
N GLY E 164 28.91 -28.32 2.57
CA GLY E 164 30.37 -28.27 2.62
C GLY E 164 31.25 -29.03 1.66
N LYS E 165 30.68 -29.59 0.57
CA LYS E 165 31.33 -30.43 -0.49
C LYS E 165 32.50 -29.79 -1.27
N SER E 166 32.27 -28.56 -1.74
CA SER E 166 33.20 -27.88 -2.64
C SER E 166 34.47 -27.64 -1.86
N VAL E 167 34.27 -27.30 -0.60
CA VAL E 167 35.35 -27.04 0.31
C VAL E 167 36.26 -28.28 0.50
N ILE E 168 35.60 -29.42 0.71
CA ILE E 168 36.23 -30.74 0.79
C ILE E 168 37.01 -31.14 -0.42
N ALA E 169 36.57 -30.73 -1.62
CA ALA E 169 37.34 -31.08 -2.82
C ALA E 169 38.54 -30.13 -2.84
N SER E 170 38.37 -28.91 -2.30
CA SER E 170 39.49 -27.98 -2.23
C SER E 170 40.61 -28.43 -1.32
N GLN E 171 40.23 -29.05 -0.18
CA GLN E 171 41.16 -29.46 0.90
C GLN E 171 41.75 -30.79 0.51
N ALA E 172 40.91 -31.65 -0.08
CA ALA E 172 41.26 -32.98 -0.56
C ALA E 172 42.25 -32.92 -1.75
N LEU E 173 42.22 -31.83 -2.53
CA LEU E 173 43.22 -31.58 -3.61
C LEU E 173 44.34 -30.65 -3.20
N SER E 174 44.41 -30.36 -1.90
CA SER E 174 45.36 -29.41 -1.33
C SER E 174 46.15 -30.13 -0.24
N LYS E 175 45.59 -31.23 0.23
CA LYS E 175 46.24 -32.08 1.21
C LYS E 175 47.40 -32.90 0.64
N SER E 176 47.11 -34.02 -0.03
CA SER E 176 48.17 -34.85 -0.59
C SER E 176 49.17 -34.13 -1.47
N ASP E 177 50.25 -34.83 -1.80
CA ASP E 177 51.16 -34.36 -2.82
C ASP E 177 51.07 -35.41 -3.91
N GLN E 178 50.23 -36.42 -3.59
CA GLN E 178 50.05 -37.60 -4.43
C GLN E 178 49.01 -37.42 -5.52
N LEU E 179 47.82 -36.97 -5.13
CA LEU E 179 46.74 -36.81 -6.12
C LEU E 179 47.20 -35.99 -7.35
N ILE E 180 47.91 -34.89 -7.08
CA ILE E 180 48.49 -34.08 -8.16
C ILE E 180 50.01 -34.26 -8.22
N GLY E 181 50.44 -34.97 -9.26
CA GLY E 181 51.84 -35.27 -9.45
C GLY E 181 52.04 -36.76 -9.45
N ILE E 182 51.53 -37.43 -8.41
CA ILE E 182 51.68 -38.88 -8.27
C ILE E 182 50.55 -39.68 -8.96
N ASN E 183 49.29 -39.39 -8.62
CA ASN E 183 48.16 -40.14 -9.18
C ASN E 183 47.62 -39.54 -10.48
N TYR E 184 47.56 -38.22 -10.51
CA TYR E 184 47.16 -37.51 -11.72
C TYR E 184 48.12 -36.35 -12.04
N ASP E 185 48.41 -36.13 -13.32
CA ASP E 185 49.37 -35.10 -13.72
C ASP E 185 48.88 -33.68 -13.60
N SER E 186 47.66 -33.39 -14.07
CA SER E 186 47.13 -32.04 -13.99
C SER E 186 45.71 -32.04 -13.45
N ILE E 187 45.25 -30.85 -13.08
CA ILE E 187 43.88 -30.64 -12.62
C ILE E 187 43.14 -29.56 -13.42
N VAL E 188 41.91 -29.85 -13.81
CA VAL E 188 41.04 -28.85 -14.39
C VAL E 188 39.71 -28.85 -13.59
N TRP E 189 39.49 -27.77 -12.83
CA TRP E 189 38.34 -27.64 -11.94
C TRP E 189 37.48 -26.53 -12.43
N LEU E 190 36.27 -26.89 -12.84
CA LEU E 190 35.37 -25.96 -13.46
C LEU E 190 34.05 -25.94 -12.71
N LYS E 191 33.54 -24.75 -12.36
CA LYS E 191 32.23 -24.70 -11.73
C LYS E 191 31.09 -24.60 -12.76
N ASP E 192 30.11 -25.46 -12.64
CA ASP E 192 29.00 -25.56 -13.60
C ASP E 192 27.86 -24.61 -13.30
N SER E 193 26.87 -25.03 -12.53
CA SER E 193 25.70 -24.20 -12.19
C SER E 193 24.79 -24.01 -13.40
N GLY E 194 24.86 -24.95 -14.32
CA GLY E 194 24.09 -24.85 -15.55
C GLY E 194 22.62 -25.26 -15.54
N THR E 195 21.76 -24.43 -16.10
CA THR E 195 20.30 -24.67 -16.11
C THR E 195 19.76 -24.68 -17.55
N ALA E 196 20.26 -23.70 -18.31
CA ALA E 196 19.97 -23.56 -19.72
C ALA E 196 20.50 -24.78 -20.41
N PRO E 197 20.08 -24.99 -21.67
CA PRO E 197 20.62 -26.12 -22.42
C PRO E 197 21.96 -25.74 -23.03
N LYS E 198 22.21 -24.43 -23.11
CA LYS E 198 23.49 -23.91 -23.58
C LYS E 198 24.61 -23.92 -22.55
N SER E 199 24.28 -24.12 -21.27
CA SER E 199 25.29 -24.03 -20.20
C SER E 199 26.25 -25.19 -20.28
N THR E 200 25.68 -26.33 -20.61
CA THR E 200 26.42 -27.55 -20.69
C THR E 200 27.35 -27.55 -21.91
N PHE E 201 27.11 -26.68 -22.88
CA PHE E 201 28.04 -26.58 -24.01
C PHE E 201 29.12 -25.52 -23.72
N ASP E 202 28.68 -24.44 -23.10
CA ASP E 202 29.56 -23.32 -22.75
C ASP E 202 30.61 -23.84 -21.78
N LEU E 203 30.17 -24.79 -20.95
CA LEU E 203 31.03 -25.40 -19.96
C LEU E 203 32.19 -26.04 -20.67
N PHE E 204 31.89 -26.96 -21.56
CA PHE E 204 32.94 -27.70 -22.23
C PHE E 204 33.75 -26.81 -23.20
N THR E 205 33.23 -25.61 -23.44
CA THR E 205 34.05 -24.65 -24.12
C THR E 205 35.12 -24.25 -23.19
N ASP E 206 34.81 -24.20 -21.92
CA ASP E 206 35.86 -23.68 -21.07
C ASP E 206 36.71 -24.84 -20.56
N ILE E 207 36.25 -26.07 -20.70
CA ILE E 207 37.21 -27.17 -20.54
C ILE E 207 38.25 -27.10 -21.68
N LEU E 208 37.81 -27.42 -22.91
CA LEU E 208 38.63 -27.21 -24.12
C LEU E 208 39.62 -26.07 -24.07
N LEU E 209 39.25 -24.91 -23.47
CA LEU E 209 40.22 -23.79 -23.35
C LEU E 209 41.11 -23.84 -22.08
N LEU E 211 42.46 -26.60 -21.12
CA LEU E 211 43.42 -27.57 -21.57
C LEU E 211 44.44 -26.75 -22.36
N LYS E 212 43.95 -25.87 -23.26
CA LYS E 212 44.77 -25.11 -24.20
C LYS E 212 45.94 -24.26 -23.68
N SER E 213 47.03 -24.32 -24.45
CA SER E 213 48.35 -23.69 -24.29
C SER E 213 48.24 -22.13 -24.24
N GLU E 214 49.20 -21.39 -23.68
CA GLU E 214 49.12 -19.90 -23.68
C GLU E 214 49.07 -19.24 -25.07
N ASP E 215 49.90 -19.81 -25.93
CA ASP E 215 49.90 -19.66 -27.36
C ASP E 215 48.63 -20.38 -27.69
N ASP E 216 47.93 -20.02 -28.75
CA ASP E 216 46.65 -20.67 -29.08
C ASP E 216 45.59 -20.42 -27.94
N LEU E 217 45.89 -19.46 -27.06
CA LEU E 217 44.83 -18.77 -26.35
C LEU E 217 44.74 -17.41 -27.00
N LEU E 218 45.83 -16.99 -27.67
CA LEU E 218 45.76 -15.78 -28.50
C LEU E 218 44.84 -16.11 -29.68
N ASN E 219 45.15 -17.23 -30.32
CA ASN E 219 44.40 -17.79 -31.45
C ASN E 219 43.00 -18.41 -31.06
N PHE E 220 42.08 -17.66 -30.41
CA PHE E 220 40.75 -18.25 -30.10
C PHE E 220 39.75 -17.82 -31.19
N PRO E 221 39.18 -18.79 -31.92
CA PRO E 221 38.13 -18.52 -32.94
C PRO E 221 36.70 -18.32 -32.36
N SER E 222 35.74 -18.02 -33.24
CA SER E 222 34.33 -18.00 -32.84
C SER E 222 33.79 -19.41 -32.56
N VAL E 223 34.44 -20.13 -31.65
CA VAL E 223 33.97 -21.46 -31.31
C VAL E 223 32.56 -21.45 -30.66
N GLU E 224 32.14 -20.31 -30.10
CA GLU E 224 30.75 -20.18 -29.66
C GLU E 224 29.82 -20.74 -30.74
N HIS E 225 30.21 -20.56 -32.01
CA HIS E 225 29.42 -21.12 -33.09
C HIS E 225 30.37 -22.11 -33.85
N VAL E 226 30.20 -23.37 -33.48
CA VAL E 226 30.98 -24.54 -33.90
C VAL E 226 30.26 -25.72 -33.27
N THR E 227 30.14 -26.81 -34.02
CA THR E 227 29.28 -27.94 -33.66
C THR E 227 29.55 -28.63 -32.32
N SER E 228 28.59 -29.44 -31.86
CA SER E 228 28.83 -30.19 -30.65
C SER E 228 29.88 -31.26 -30.87
N VAL E 229 29.79 -31.94 -32.01
CA VAL E 229 30.74 -33.01 -32.39
C VAL E 229 32.19 -32.49 -32.50
N VAL E 230 32.31 -31.21 -32.82
CA VAL E 230 33.60 -30.62 -33.01
C VAL E 230 34.15 -30.09 -31.72
N LEU E 231 33.40 -29.39 -30.87
CA LEU E 231 33.98 -29.07 -29.56
C LEU E 231 34.44 -30.38 -28.91
N LYS E 232 33.65 -31.45 -29.07
CA LYS E 232 33.98 -32.78 -28.52
C LYS E 232 35.25 -33.41 -29.15
N ARG E 233 35.32 -33.42 -30.47
CA ARG E 233 36.48 -33.99 -31.18
C ARG E 233 37.71 -33.12 -30.87
N ILE E 235 38.13 -31.55 -28.25
CA ILE E 235 38.63 -31.83 -26.93
C ILE E 235 39.45 -33.14 -26.91
N CYS E 236 38.89 -34.28 -27.35
CA CYS E 236 39.69 -35.51 -27.26
C CYS E 236 41.00 -35.40 -28.11
N ASN E 237 41.03 -34.46 -29.06
CA ASN E 237 42.27 -34.03 -29.75
C ASN E 237 43.21 -33.31 -28.78
N ALA E 238 42.90 -32.04 -28.51
CA ALA E 238 43.70 -31.24 -27.57
C ALA E 238 43.94 -31.91 -26.19
N LEU E 239 43.35 -33.09 -26.00
CA LEU E 239 43.49 -33.83 -24.74
C LEU E 239 44.63 -34.85 -24.79
N ILE E 240 45.25 -35.03 -25.97
CA ILE E 240 46.39 -35.96 -26.03
C ILE E 240 47.49 -35.33 -25.19
N ASP E 241 47.79 -34.03 -25.44
CA ASP E 241 48.88 -33.35 -24.73
C ASP E 241 48.62 -33.23 -23.21
N ARG E 242 47.50 -33.80 -22.75
CA ARG E 242 47.10 -33.80 -21.32
C ARG E 242 46.81 -35.25 -20.89
N PRO E 243 47.85 -36.01 -20.55
CA PRO E 243 47.75 -37.34 -19.96
C PRO E 243 47.16 -37.22 -18.58
N ASN E 244 46.45 -38.24 -18.10
CA ASN E 244 45.78 -38.18 -16.80
C ASN E 244 45.56 -36.78 -16.17
N THR E 245 44.42 -36.19 -16.58
CA THR E 245 43.97 -34.91 -16.08
C THR E 245 42.72 -35.25 -15.33
N LEU E 246 42.67 -34.75 -14.10
CA LEU E 246 41.52 -34.94 -13.21
C LEU E 246 40.62 -33.76 -13.44
N PHE E 247 39.32 -34.03 -13.40
CA PHE E 247 38.33 -32.99 -13.60
C PHE E 247 37.41 -32.77 -12.40
N VAL E 248 37.47 -31.60 -11.78
CA VAL E 248 36.42 -31.24 -10.81
C VAL E 248 35.36 -30.44 -11.54
N PHE E 249 34.13 -30.91 -11.43
CA PHE E 249 32.96 -30.29 -12.00
C PHE E 249 32.14 -29.76 -10.82
N ASP E 250 32.54 -28.58 -10.33
CA ASP E 250 31.93 -28.04 -9.13
C ASP E 250 30.50 -27.65 -9.47
N ASP E 251 29.55 -28.25 -8.73
CA ASP E 251 28.11 -27.91 -8.77
C ASP E 251 27.41 -28.35 -10.04
N VAL E 252 27.32 -29.63 -10.32
CA VAL E 252 26.57 -29.98 -11.49
C VAL E 252 25.08 -30.04 -11.07
N VAL E 253 24.25 -29.38 -11.89
CA VAL E 253 22.79 -29.46 -11.81
C VAL E 253 22.19 -30.19 -13.03
N GLN E 254 22.75 -29.99 -14.22
CA GLN E 254 22.21 -30.66 -15.41
C GLN E 254 22.81 -32.04 -15.70
N GLU E 255 21.90 -33.03 -15.87
CA GLU E 255 22.27 -34.39 -16.23
C GLU E 255 22.87 -34.40 -17.58
N GLU E 256 22.93 -33.23 -18.23
CA GLU E 256 23.59 -33.21 -19.51
C GLU E 256 25.12 -33.19 -19.46
N THR E 257 25.66 -32.39 -18.53
CA THR E 257 27.08 -32.44 -18.11
C THR E 257 27.54 -33.86 -18.01
N ILE E 258 27.08 -34.56 -16.98
CA ILE E 258 27.42 -35.98 -16.81
C ILE E 258 27.41 -36.82 -18.11
N ARG E 259 26.49 -36.59 -19.02
CA ARG E 259 26.57 -37.32 -20.28
C ARG E 259 27.75 -36.87 -21.11
N TRP E 260 28.02 -35.56 -21.16
CA TRP E 260 29.19 -35.14 -21.93
C TRP E 260 30.51 -35.62 -21.36
N ALA E 261 30.73 -35.39 -20.08
CA ALA E 261 31.91 -35.90 -19.43
C ALA E 261 32.07 -37.40 -19.73
N GLN E 262 30.96 -38.13 -19.93
CA GLN E 262 31.08 -39.59 -20.16
C GLN E 262 31.22 -40.01 -21.64
N GLU E 263 30.89 -39.13 -22.59
CA GLU E 263 31.11 -39.43 -24.00
C GLU E 263 32.56 -39.18 -24.32
N LEU E 264 33.14 -38.27 -23.54
CA LEU E 264 34.52 -37.82 -23.73
C LEU E 264 35.46 -38.68 -22.93
N ARG E 265 34.96 -39.79 -22.40
CA ARG E 265 35.77 -40.74 -21.63
C ARG E 265 36.73 -40.06 -20.67
N LEU E 266 36.21 -39.09 -19.95
CA LEU E 266 36.89 -38.21 -18.98
C LEU E 266 36.90 -38.76 -17.55
N ARG E 267 37.78 -38.21 -16.75
CA ARG E 267 37.86 -38.49 -15.34
C ARG E 267 37.22 -37.41 -14.45
N CYS E 268 36.15 -37.73 -13.73
CA CYS E 268 35.39 -36.69 -13.04
C CYS E 268 35.20 -36.82 -11.49
N LEU E 269 35.62 -35.78 -10.77
CA LEU E 269 35.12 -35.47 -9.45
C LEU E 269 33.92 -34.58 -9.82
N VAL E 270 32.79 -34.67 -9.10
CA VAL E 270 31.53 -33.93 -9.36
C VAL E 270 30.96 -33.49 -8.04
N THR E 271 30.94 -32.19 -7.80
CA THR E 271 30.17 -31.75 -6.64
C THR E 271 28.78 -31.46 -7.17
N THR E 272 27.74 -31.88 -6.47
CA THR E 272 26.36 -31.70 -6.95
C THR E 272 25.38 -31.66 -5.78
N ARG E 273 24.14 -31.23 -6.00
CA ARG E 273 23.23 -31.34 -4.86
C ARG E 273 22.25 -32.50 -5.10
N ASP E 274 21.77 -32.59 -6.35
CA ASP E 274 20.88 -33.64 -6.88
C ASP E 274 21.65 -34.87 -7.39
N VAL E 275 21.41 -36.04 -6.80
CA VAL E 275 22.19 -37.26 -7.06
C VAL E 275 21.75 -38.01 -8.34
N GLU E 276 20.53 -37.80 -8.78
CA GLU E 276 20.08 -38.65 -9.86
C GLU E 276 20.78 -38.35 -11.15
N ILE E 277 21.53 -37.26 -11.19
CA ILE E 277 22.23 -36.95 -12.43
C ILE E 277 23.15 -38.10 -12.81
N SER E 278 23.37 -38.99 -11.85
CA SER E 278 24.32 -40.08 -12.06
C SER E 278 23.75 -41.20 -12.90
N ASN E 279 22.44 -41.22 -12.97
CA ASN E 279 21.77 -42.18 -13.83
C ASN E 279 22.14 -41.96 -15.28
N ALA E 280 22.65 -40.77 -15.59
CA ALA E 280 23.12 -40.54 -16.95
C ALA E 280 24.30 -41.44 -17.42
N ALA E 281 25.17 -41.83 -16.47
CA ALA E 281 26.39 -42.60 -16.68
C ALA E 281 26.32 -44.09 -16.55
N SER E 282 26.72 -44.82 -17.60
CA SER E 282 26.87 -46.29 -17.57
C SER E 282 28.28 -46.75 -17.21
N GLN E 283 28.55 -46.81 -15.91
CA GLN E 283 29.94 -46.91 -15.43
C GLN E 283 30.24 -47.15 -13.93
N THR E 284 31.57 -47.18 -13.63
CA THR E 284 32.22 -47.20 -12.27
C THR E 284 31.79 -45.98 -11.43
N CYS E 285 30.50 -45.74 -11.35
CA CYS E 285 30.03 -44.72 -10.46
C CYS E 285 30.15 -45.02 -8.97
N GLU E 286 30.79 -44.07 -8.29
CA GLU E 286 31.08 -44.06 -6.86
C GLU E 286 30.56 -42.74 -6.35
N PHE E 287 30.08 -42.77 -5.11
CA PHE E 287 29.31 -41.68 -4.59
C PHE E 287 29.95 -41.46 -3.22
N ILE E 288 30.05 -40.23 -2.75
CA ILE E 288 30.49 -39.94 -1.40
C ILE E 288 29.67 -38.80 -0.81
N GLU E 289 28.87 -39.04 0.22
CA GLU E 289 27.97 -37.98 0.71
C GLU E 289 28.40 -37.10 1.89
N VAL E 290 28.32 -35.78 1.73
CA VAL E 290 28.66 -34.87 2.81
C VAL E 290 27.43 -34.63 3.68
N THR E 291 27.30 -35.36 4.81
CA THR E 291 26.15 -35.24 5.74
C THR E 291 26.15 -33.95 6.58
N SER E 292 25.07 -33.72 7.30
CA SER E 292 25.02 -32.57 8.22
C SER E 292 26.04 -32.76 9.33
N LEU E 293 26.73 -31.67 9.69
CA LEU E 293 27.69 -31.72 10.78
C LEU E 293 27.01 -32.25 12.07
N GLU E 294 27.45 -33.44 12.52
CA GLU E 294 27.03 -34.11 13.76
C GLU E 294 27.15 -33.21 14.96
N ILE E 295 26.44 -33.56 16.03
CA ILE E 295 26.30 -32.67 17.16
C ILE E 295 27.66 -32.28 17.74
N ASP E 296 28.60 -33.20 17.70
CA ASP E 296 29.96 -32.99 18.20
C ASP E 296 30.96 -32.17 17.28
N GLU E 297 30.89 -32.44 15.98
CA GLU E 297 31.71 -31.77 14.98
C GLU E 297 31.44 -30.30 14.90
N CYS E 298 30.22 -29.95 15.25
CA CYS E 298 29.78 -28.58 15.20
C CYS E 298 30.57 -27.79 16.24
N TYR E 299 30.71 -28.46 17.38
CA TYR E 299 31.46 -27.94 18.49
C TYR E 299 32.85 -27.67 17.94
N ASP E 300 33.43 -28.69 17.31
CA ASP E 300 34.80 -28.56 16.76
C ASP E 300 34.94 -27.30 15.84
N PHE E 301 33.99 -27.10 14.93
CA PHE E 301 34.00 -25.94 14.02
C PHE E 301 33.93 -24.55 14.73
N LEU E 302 33.20 -24.46 15.85
CA LEU E 302 33.04 -23.17 16.59
C LEU E 302 34.31 -22.84 17.35
N GLU E 303 34.77 -23.82 18.14
CA GLU E 303 36.06 -23.71 18.82
C GLU E 303 37.08 -23.23 17.81
N ALA E 304 37.07 -23.86 16.62
CA ALA E 304 38.02 -23.51 15.56
C ALA E 304 38.11 -22.01 15.19
N TYR E 305 36.99 -21.30 15.15
CA TYR E 305 37.03 -19.86 14.86
C TYR E 305 36.80 -19.04 16.15
N GLY E 306 37.74 -19.17 17.08
CA GLY E 306 37.76 -18.37 18.30
C GLY E 306 36.53 -18.10 19.15
N PRO E 308 34.04 -18.73 22.28
CA PRO E 308 34.05 -19.10 23.70
C PRO E 308 32.98 -20.19 24.00
N PRO E 310 30.52 -23.08 26.35
CA PRO E 310 29.53 -22.95 27.43
C PRO E 310 30.09 -23.40 28.79
N VAL E 311 29.32 -23.12 29.82
CA VAL E 311 29.62 -23.52 31.19
C VAL E 311 28.26 -23.88 31.76
N GLY E 312 27.42 -22.89 32.06
CA GLY E 312 26.06 -23.19 32.49
C GLY E 312 25.36 -24.15 31.53
N GLU E 313 24.29 -24.77 32.00
CA GLU E 313 23.54 -25.76 31.23
C GLU E 313 22.74 -25.08 30.14
N LYS E 314 22.09 -23.98 30.48
CA LYS E 314 21.44 -23.20 29.45
C LYS E 314 22.47 -22.28 28.76
N GLU E 315 23.49 -22.92 28.19
CA GLU E 315 24.49 -22.29 27.34
C GLU E 315 24.95 -23.35 26.36
N GLU E 316 25.21 -24.55 26.91
CA GLU E 316 25.35 -25.74 26.08
C GLU E 316 24.01 -25.95 25.39
N ASP E 317 22.93 -25.54 26.07
CA ASP E 317 21.59 -25.54 25.45
C ASP E 317 21.44 -24.45 24.37
N VAL E 318 22.02 -23.26 24.57
CA VAL E 318 21.98 -22.21 23.53
C VAL E 318 22.64 -22.78 22.26
N LEU E 319 23.66 -23.59 22.49
CA LEU E 319 24.39 -24.16 21.37
C LEU E 319 23.69 -25.38 20.78
N ASN E 320 22.98 -26.16 21.58
CA ASN E 320 22.13 -27.21 21.02
C ASN E 320 20.96 -26.59 20.27
N LYS E 321 20.54 -25.37 20.64
CA LYS E 321 19.58 -24.60 19.83
C LYS E 321 20.13 -24.22 18.46
N THR E 322 21.33 -23.68 18.41
CA THR E 322 21.90 -23.38 17.10
C THR E 322 22.05 -24.66 16.32
N ILE E 323 22.54 -25.71 16.98
CA ILE E 323 22.80 -27.02 16.36
C ILE E 323 21.48 -27.66 15.91
N GLU E 324 20.43 -27.37 16.65
CA GLU E 324 19.11 -27.83 16.25
C GLU E 324 18.63 -27.05 15.01
N LEU E 325 18.76 -25.73 15.11
CA LEU E 325 18.35 -24.74 14.09
C LEU E 325 19.00 -24.91 12.72
N SER E 326 20.29 -24.73 12.68
CA SER E 326 20.98 -24.93 11.44
C SER E 326 21.12 -26.42 11.19
N SER E 327 20.05 -27.20 11.41
CA SER E 327 20.08 -28.68 11.30
C SER E 327 21.34 -29.22 10.62
N GLY E 328 22.46 -29.06 11.34
CA GLY E 328 23.82 -29.41 10.95
C GLY E 328 24.18 -28.86 9.57
N ASN E 329 24.48 -27.57 9.49
CA ASN E 329 24.80 -27.02 8.16
C ASN E 329 25.91 -25.96 8.13
N PRO E 330 27.09 -26.34 7.63
CA PRO E 330 28.31 -25.55 7.48
C PRO E 330 28.05 -24.05 7.17
N ALA E 331 27.43 -23.79 6.02
CA ALA E 331 27.17 -22.46 5.48
C ALA E 331 26.38 -21.58 6.43
N THR E 332 25.26 -22.10 6.93
CA THR E 332 24.43 -21.34 7.88
C THR E 332 25.06 -21.24 9.27
N LEU E 333 25.90 -22.20 9.59
CA LEU E 333 26.64 -22.15 10.83
C LEU E 333 27.56 -20.98 10.68
N PHE E 336 26.00 -17.78 10.95
CA PHE E 336 25.69 -17.66 12.38
C PHE E 336 26.86 -17.00 13.08
N PHE E 337 28.06 -17.57 12.95
CA PHE E 337 29.23 -16.97 13.57
C PHE E 337 29.39 -15.54 13.06
N LYS E 338 29.45 -15.41 11.73
CA LYS E 338 29.64 -14.13 11.04
C LYS E 338 28.72 -12.99 11.51
N SER E 339 27.61 -13.32 12.17
CA SER E 339 26.60 -12.34 12.53
C SER E 339 26.54 -12.21 14.06
N CYS E 340 27.45 -12.93 14.75
CA CYS E 340 27.47 -12.90 16.22
C CYS E 340 28.19 -11.70 16.83
N GLU E 341 28.50 -10.72 15.97
CA GLU E 341 29.08 -9.39 16.29
C GLU E 341 29.86 -9.30 17.63
N PRO E 342 29.22 -9.01 18.80
CA PRO E 342 30.03 -8.73 20.01
C PRO E 342 30.82 -10.00 20.53
N LYS E 343 30.39 -11.18 20.07
CA LYS E 343 30.91 -12.55 20.35
C LYS E 343 30.23 -13.28 21.52
N THR E 344 29.45 -12.58 22.32
CA THR E 344 28.77 -13.20 23.47
C THR E 344 27.84 -14.36 23.06
N PHE E 345 27.75 -15.40 23.89
CA PHE E 345 26.67 -16.42 23.84
C PHE E 345 25.25 -15.84 23.84
N GLU E 346 25.15 -14.66 24.48
CA GLU E 346 23.92 -13.89 24.60
C GLU E 346 23.43 -13.54 23.21
N LYS E 347 24.24 -12.79 22.48
CA LYS E 347 23.90 -12.37 21.14
C LYS E 347 23.72 -13.60 20.22
N ALA E 349 22.08 -16.48 21.35
CA ALA E 349 20.71 -16.94 21.56
C ALA E 349 19.75 -15.91 20.98
N GLN E 350 20.18 -14.65 20.99
CA GLN E 350 19.47 -13.57 20.33
C GLN E 350 19.21 -13.98 18.91
N LEU E 351 20.27 -14.48 18.25
CA LEU E 351 20.11 -14.91 16.88
C LEU E 351 19.18 -16.11 16.91
N ASN E 352 19.36 -16.98 17.89
CA ASN E 352 18.49 -18.14 18.00
C ASN E 352 16.99 -17.73 17.99
N ASN E 353 16.66 -16.53 18.53
CA ASN E 353 15.29 -15.97 18.45
C ASN E 353 15.00 -15.41 17.07
N LYS E 354 15.78 -14.41 16.66
CA LYS E 354 15.69 -13.76 15.33
C LYS E 354 15.45 -14.77 14.19
N LEU E 355 15.97 -15.98 14.38
CA LEU E 355 15.91 -17.10 13.43
C LEU E 355 14.53 -17.82 13.39
N GLU E 356 13.86 -17.85 14.53
CA GLU E 356 12.56 -18.50 14.68
C GLU E 356 11.43 -17.64 14.19
N SER E 357 11.63 -16.35 14.41
CA SER E 357 10.69 -15.30 14.08
C SER E 357 11.01 -14.46 12.86
N ARG E 358 11.83 -14.97 11.95
CA ARG E 358 12.12 -14.24 10.71
C ARG E 358 12.72 -15.17 9.63
N GLY E 359 12.84 -16.46 9.94
CA GLY E 359 13.46 -17.50 9.10
C GLY E 359 14.97 -17.34 8.74
N LEU E 360 15.48 -17.99 7.68
CA LEU E 360 16.96 -17.89 7.43
C LEU E 360 17.45 -16.48 7.19
N VAL E 361 16.50 -15.57 6.96
CA VAL E 361 16.74 -14.17 6.60
C VAL E 361 17.14 -13.32 7.83
N GLY E 362 17.15 -13.99 8.98
CA GLY E 362 17.46 -13.31 10.22
C GLY E 362 18.98 -13.30 10.38
N VAL E 363 19.63 -14.17 9.61
CA VAL E 363 21.07 -14.41 9.70
C VAL E 363 21.85 -14.34 8.36
N GLU E 364 21.19 -13.99 7.24
CA GLU E 364 21.89 -13.77 5.96
C GLU E 364 22.98 -12.71 6.11
N CYS E 365 24.18 -13.09 5.62
CA CYS E 365 25.45 -12.36 5.79
C CYS E 365 26.41 -12.60 4.62
N ILE E 366 27.45 -11.74 4.49
CA ILE E 366 28.59 -11.98 3.58
C ILE E 366 29.42 -13.13 4.13
N THR E 367 29.52 -14.22 3.41
CA THR E 367 30.20 -15.39 3.93
C THR E 367 31.01 -15.92 2.76
N PRO E 368 32.10 -16.65 3.05
CA PRO E 368 32.83 -17.39 2.00
C PRO E 368 31.94 -18.15 1.01
N TYR E 369 30.69 -18.45 1.38
CA TYR E 369 29.70 -19.00 0.45
C TYR E 369 29.36 -17.97 -0.61
N SER E 370 29.22 -18.45 -1.86
CA SER E 370 28.82 -17.63 -3.03
C SER E 370 27.37 -16.97 -2.96
N TYR E 371 26.55 -17.42 -1.97
CA TYR E 371 25.12 -17.15 -1.68
C TYR E 371 24.98 -16.39 -0.33
N LYS E 372 24.20 -15.32 -0.25
CA LYS E 372 24.01 -14.65 1.05
C LYS E 372 23.39 -15.46 2.16
N SER E 373 22.40 -16.31 1.84
CA SER E 373 21.74 -17.16 2.83
C SER E 373 21.28 -18.40 2.16
N LEU E 374 21.09 -19.44 2.94
CA LEU E 374 20.76 -20.76 2.43
C LEU E 374 19.47 -20.78 1.60
N ALA E 375 18.67 -19.69 1.71
CA ALA E 375 17.39 -19.63 0.98
C ALA E 375 17.58 -19.38 -0.53
N ALA E 377 19.95 -20.49 -2.08
CA ALA E 377 20.49 -21.72 -2.57
C ALA E 377 19.36 -22.71 -2.78
N LEU E 378 18.57 -22.95 -1.74
CA LEU E 378 17.57 -23.97 -1.91
C LEU E 378 16.55 -23.63 -3.01
N GLN E 379 16.37 -22.32 -3.20
CA GLN E 379 15.58 -21.72 -4.27
C GLN E 379 15.72 -22.65 -5.48
N ARG E 380 16.95 -22.78 -5.97
CA ARG E 380 17.20 -23.55 -7.17
C ARG E 380 16.74 -25.00 -7.02
N CYS E 381 17.10 -25.66 -5.90
CA CYS E 381 16.73 -27.07 -5.70
C CYS E 381 15.28 -27.27 -5.86
N VAL E 382 14.56 -26.17 -5.70
CA VAL E 382 13.12 -26.20 -5.65
C VAL E 382 12.57 -25.85 -7.04
N GLU E 383 13.31 -25.05 -7.80
CA GLU E 383 12.90 -24.70 -9.16
C GLU E 383 13.04 -25.86 -10.14
N VAL E 384 14.15 -26.56 -10.04
CA VAL E 384 14.49 -27.68 -10.90
C VAL E 384 13.51 -28.83 -10.82
N LEU E 385 12.78 -28.84 -9.71
CA LEU E 385 11.96 -29.96 -9.29
C LEU E 385 10.79 -30.31 -10.21
N SER E 386 10.59 -31.60 -10.49
CA SER E 386 9.39 -32.09 -11.19
C SER E 386 8.19 -31.32 -10.56
N ASP E 387 7.26 -30.82 -11.38
CA ASP E 387 6.12 -30.02 -10.89
C ASP E 387 5.30 -30.60 -9.62
N GLU E 388 5.11 -31.92 -9.59
CA GLU E 388 4.41 -32.63 -8.50
C GLU E 388 5.27 -32.73 -7.23
N ASP E 389 6.55 -32.88 -7.48
CA ASP E 389 7.50 -32.97 -6.40
C ASP E 389 7.54 -31.58 -5.77
N ARG E 390 7.35 -30.56 -6.62
CA ARG E 390 7.33 -29.17 -6.15
C ARG E 390 6.22 -28.94 -5.17
N SER E 391 5.14 -29.69 -5.40
CA SER E 391 3.96 -29.53 -4.53
C SER E 391 4.19 -30.19 -3.15
N ALA E 392 4.52 -31.48 -3.18
CA ALA E 392 4.86 -32.21 -1.94
C ALA E 392 5.80 -31.42 -1.04
N LEU E 393 6.83 -30.85 -1.65
CA LEU E 393 7.80 -30.09 -0.87
C LEU E 393 7.07 -28.92 -0.26
N ALA E 394 6.24 -28.24 -1.05
CA ALA E 394 5.61 -27.01 -0.57
C ALA E 394 4.77 -27.31 0.66
N PHE E 395 4.28 -28.55 0.77
CA PHE E 395 3.42 -28.94 1.91
C PHE E 395 4.08 -29.46 3.18
N ALA E 396 5.19 -30.16 3.07
CA ALA E 396 5.86 -30.60 4.30
C ALA E 396 6.22 -29.46 5.29
N VAL E 397 5.83 -28.20 5.03
CA VAL E 397 6.02 -27.16 6.07
C VAL E 397 5.24 -27.58 7.29
N VAL E 398 3.93 -27.77 7.10
CA VAL E 398 3.00 -28.08 8.19
C VAL E 398 3.30 -29.42 8.85
N PRO E 400 6.21 -31.64 11.53
CA PRO E 400 7.12 -31.36 12.63
C PRO E 400 8.57 -31.46 12.24
N PRO E 401 9.39 -30.44 12.59
CA PRO E 401 10.77 -30.58 12.14
C PRO E 401 11.56 -31.43 13.14
N GLY E 402 12.55 -32.17 12.64
CA GLY E 402 13.35 -32.98 13.52
C GLY E 402 12.39 -33.98 14.17
N VAL E 403 11.48 -34.61 13.42
CA VAL E 403 10.57 -35.63 13.98
C VAL E 403 10.26 -36.74 13.01
N ASP E 404 10.41 -37.97 13.48
CA ASP E 404 10.12 -39.11 12.65
C ASP E 404 8.67 -39.60 12.56
N ILE E 405 8.11 -39.57 11.35
CA ILE E 405 6.69 -39.82 11.18
C ILE E 405 6.41 -40.72 9.94
N PRO E 406 5.48 -41.67 10.05
CA PRO E 406 5.14 -42.70 9.05
C PRO E 406 4.64 -42.08 7.74
N VAL E 407 4.57 -42.87 6.66
CA VAL E 407 4.15 -42.41 5.31
C VAL E 407 2.64 -42.05 5.22
N LYS E 408 1.76 -42.86 5.82
CA LYS E 408 0.32 -42.57 5.74
C LYS E 408 0.13 -41.20 6.42
N LEU E 409 0.75 -40.96 7.59
CA LEU E 409 0.73 -39.61 8.21
C LEU E 409 1.18 -38.47 7.29
N TRP E 410 1.84 -38.85 6.19
CA TRP E 410 2.28 -37.92 5.15
C TRP E 410 1.26 -37.96 4.04
N SER E 411 0.69 -39.13 3.74
CA SER E 411 -0.33 -39.23 2.67
C SER E 411 -1.49 -38.19 2.90
N CYS E 412 -1.58 -37.65 4.12
CA CYS E 412 -2.64 -36.71 4.49
C CYS E 412 -2.41 -35.28 3.95
N VAL E 413 -1.21 -34.74 4.06
CA VAL E 413 -1.02 -33.39 3.55
C VAL E 413 -0.56 -33.50 2.10
N ILE E 414 0.11 -34.58 1.76
CA ILE E 414 0.70 -34.72 0.42
C ILE E 414 -0.29 -35.10 -0.69
N PRO E 415 -0.23 -34.38 -1.82
CA PRO E 415 -0.97 -34.58 -3.08
C PRO E 415 -0.74 -35.91 -3.79
N VAL E 416 -1.60 -36.17 -4.77
CA VAL E 416 -1.53 -37.28 -5.73
C VAL E 416 -2.70 -37.16 -6.71
N ASP E 417 -2.54 -37.80 -7.87
CA ASP E 417 -3.58 -37.81 -8.90
C ASP E 417 -4.91 -38.31 -8.35
N GLU E 424 -7.49 -44.46 -5.10
CA GLU E 424 -7.55 -45.85 -4.65
C GLU E 424 -7.16 -45.98 -3.18
N GLN E 425 -6.64 -47.13 -2.74
CA GLN E 425 -6.50 -47.30 -1.30
C GLN E 425 -5.03 -47.51 -0.86
N LEU E 426 -4.11 -47.82 -1.78
CA LEU E 426 -2.71 -47.85 -1.37
C LEU E 426 -1.92 -46.56 -1.78
N ASP E 427 -1.61 -45.72 -0.78
CA ASP E 427 -0.81 -44.48 -0.92
C ASP E 427 0.62 -44.74 -0.63
N ASP E 428 1.24 -45.38 -1.61
CA ASP E 428 2.68 -45.58 -1.64
C ASP E 428 3.41 -44.50 -2.43
N GLU E 429 2.67 -43.95 -3.39
CA GLU E 429 3.10 -42.88 -4.23
C GLU E 429 3.72 -41.70 -3.44
N VAL E 430 3.23 -41.46 -2.20
CA VAL E 430 3.78 -40.43 -1.28
C VAL E 430 5.23 -40.66 -0.96
N ALA E 431 5.51 -41.90 -0.60
CA ALA E 431 6.87 -42.29 -0.31
C ALA E 431 7.81 -42.09 -1.53
N ASP E 432 7.34 -42.39 -2.75
CA ASP E 432 8.16 -42.27 -3.97
C ASP E 432 8.55 -40.82 -4.18
N ARG E 433 7.59 -39.94 -3.91
CA ARG E 433 7.81 -38.50 -4.02
C ARG E 433 8.80 -38.04 -2.91
N LEU E 434 8.65 -38.49 -1.65
CA LEU E 434 9.61 -38.09 -0.59
C LEU E 434 11.04 -38.66 -0.81
N LYS E 435 11.14 -39.82 -1.49
CA LYS E 435 12.44 -40.33 -1.90
C LYS E 435 13.03 -39.44 -3.00
N ARG E 436 12.38 -39.28 -4.17
CA ARG E 436 12.85 -38.28 -5.14
C ARG E 436 13.20 -36.96 -4.45
N LEU E 437 12.46 -36.63 -3.40
CA LEU E 437 12.60 -35.37 -2.64
C LEU E 437 13.86 -35.29 -1.76
N SER E 438 14.24 -36.40 -1.14
CA SER E 438 15.52 -36.49 -0.43
C SER E 438 16.74 -36.72 -1.38
N LYS E 439 16.58 -37.58 -2.40
CA LYS E 439 17.57 -37.79 -3.48
C LYS E 439 18.02 -36.48 -4.20
N ARG E 440 17.13 -35.49 -4.21
CA ARG E 440 17.22 -34.29 -5.06
C ARG E 440 17.37 -32.95 -4.37
N GLY E 441 18.40 -32.89 -3.54
CA GLY E 441 18.75 -31.68 -2.83
C GLY E 441 18.91 -31.99 -1.36
N ALA E 442 18.65 -33.25 -1.04
CA ALA E 442 18.76 -33.74 0.33
C ALA E 442 17.97 -32.80 1.19
N LEU E 443 16.68 -32.74 0.89
CA LEU E 443 15.77 -31.81 1.54
C LEU E 443 14.99 -32.42 2.77
N LEU E 444 14.63 -33.70 2.64
CA LEU E 444 13.95 -34.50 3.66
C LEU E 444 14.97 -35.37 4.47
N SER E 445 14.74 -36.70 4.43
CA SER E 445 15.36 -37.71 5.31
C SER E 445 14.53 -39.03 5.37
N GLY E 446 14.96 -40.02 4.60
CA GLY E 446 14.37 -41.35 4.54
C GLY E 446 15.05 -42.31 5.53
N LYS E 447 14.27 -43.22 6.15
CA LYS E 447 14.71 -44.17 7.22
C LYS E 447 13.86 -45.49 7.15
N ARG E 448 14.41 -46.57 6.58
CA ARG E 448 13.64 -47.75 6.14
C ARG E 448 12.80 -48.48 7.21
N PRO E 450 12.09 -49.08 11.78
CA PRO E 450 11.03 -50.08 12.03
C PRO E 450 9.86 -50.06 11.04
N VAL E 451 9.39 -48.85 10.71
CA VAL E 451 8.35 -48.64 9.70
C VAL E 451 8.81 -47.46 8.89
N LEU E 452 8.49 -47.52 7.59
CA LEU E 452 8.82 -46.50 6.61
C LEU E 452 8.33 -45.16 7.10
N THR E 453 9.28 -44.32 7.54
CA THR E 453 9.00 -43.01 8.13
C THR E 453 10.03 -42.06 7.52
N PHE E 454 9.66 -40.80 7.33
CA PHE E 454 10.57 -39.76 6.84
C PHE E 454 10.73 -38.71 7.89
N LYS E 455 11.45 -37.64 7.58
CA LYS E 455 11.61 -36.60 8.60
C LYS E 455 12.13 -35.36 7.93
N ILE E 456 11.67 -34.20 8.36
CA ILE E 456 12.20 -32.98 7.82
C ILE E 456 13.08 -32.25 8.81
N ASP E 457 14.28 -31.89 8.40
CA ASP E 457 15.15 -31.17 9.33
C ASP E 457 14.66 -29.75 9.45
N HIS E 458 15.38 -28.95 10.23
CA HIS E 458 15.02 -27.57 10.53
C HIS E 458 15.39 -26.47 9.53
N ILE E 459 16.58 -26.57 8.95
CA ILE E 459 17.01 -25.58 7.95
C ILE E 459 16.05 -25.69 6.77
N ILE E 460 15.82 -26.95 6.38
CA ILE E 460 14.88 -27.29 5.31
C ILE E 460 13.39 -26.97 5.65
N HIS E 461 13.12 -26.60 6.90
CA HIS E 461 11.77 -26.23 7.27
C HIS E 461 11.67 -24.76 7.24
N PHE E 463 13.15 -22.89 5.88
CA PHE E 463 13.22 -22.48 4.49
C PHE E 463 11.77 -22.38 4.03
N LEU E 464 11.06 -23.51 4.07
CA LEU E 464 9.65 -23.56 3.69
C LEU E 464 8.69 -22.64 4.47
N LYS E 465 8.80 -22.50 5.80
CA LYS E 465 8.06 -21.49 6.56
C LYS E 465 7.98 -20.22 5.78
N HIS E 466 9.01 -19.39 5.83
CA HIS E 466 8.92 -18.10 5.12
C HIS E 466 9.08 -18.12 3.55
N VAL E 467 8.58 -19.15 2.87
CA VAL E 467 8.82 -19.25 1.42
C VAL E 467 7.59 -19.75 0.74
N VAL E 468 6.87 -20.68 1.34
CA VAL E 468 5.59 -21.08 0.72
C VAL E 468 4.48 -20.04 0.99
N ASP E 469 3.48 -20.12 0.12
CA ASP E 469 2.31 -19.27 0.11
C ASP E 469 1.61 -19.31 1.46
N ALA E 470 1.45 -18.15 2.10
CA ALA E 470 0.86 -18.06 3.42
C ALA E 470 -0.43 -18.85 3.61
N GLN E 471 -1.16 -19.03 2.51
CA GLN E 471 -2.39 -19.83 2.48
C GLN E 471 -2.09 -21.32 2.66
N THR E 472 -1.17 -21.86 1.87
CA THR E 472 -0.87 -23.30 1.86
C THR E 472 -0.45 -23.83 3.27
N ILE E 473 0.07 -22.94 4.13
CA ILE E 473 0.33 -23.30 5.53
C ILE E 473 -0.99 -23.65 6.24
N ALA E 474 -1.93 -22.70 6.30
CA ALA E 474 -3.22 -22.92 6.97
C ALA E 474 -4.04 -24.05 6.27
N ASN E 475 -3.89 -24.23 4.94
CA ASN E 475 -4.56 -25.35 4.23
C ASN E 475 -3.98 -26.67 4.63
N GLY E 476 -2.68 -26.71 4.89
CA GLY E 476 -2.13 -27.99 5.27
C GLY E 476 -2.48 -28.34 6.70
N ILE E 477 -2.56 -27.31 7.56
CA ILE E 477 -2.93 -27.61 8.94
C ILE E 477 -4.36 -28.17 8.95
N SER E 478 -5.27 -27.50 8.24
CA SER E 478 -6.64 -28.03 8.13
C SER E 478 -6.85 -29.33 7.32
N ILE E 479 -6.28 -29.45 6.12
CA ILE E 479 -6.34 -30.68 5.32
C ILE E 479 -5.78 -31.89 6.08
N LEU E 480 -4.99 -31.61 7.12
CA LEU E 480 -4.46 -32.66 7.99
C LEU E 480 -5.48 -32.96 9.06
N GLU E 481 -5.94 -31.91 9.76
CA GLU E 481 -6.92 -32.07 10.83
C GLU E 481 -8.17 -32.84 10.35
N GLN E 482 -8.39 -32.92 9.03
CA GLN E 482 -9.52 -33.74 8.48
C GLN E 482 -9.31 -35.27 8.62
N ARG E 483 -8.31 -35.82 7.94
CA ARG E 483 -8.05 -37.27 7.97
C ARG E 483 -7.74 -37.76 9.37
N LEU E 484 -7.54 -36.78 10.24
CA LEU E 484 -7.07 -36.92 11.62
C LEU E 484 -8.00 -37.52 12.69
N LEU E 485 -8.88 -38.47 12.37
CA LEU E 485 -9.86 -38.90 13.37
C LEU E 485 -10.64 -40.21 13.12
N GLU E 486 -10.83 -40.59 11.86
CA GLU E 486 -11.24 -41.93 11.41
C GLU E 486 -12.09 -42.89 12.33
N ILE E 487 -11.50 -44.04 12.66
CA ILE E 487 -12.11 -45.07 13.51
C ILE E 487 -11.57 -45.07 14.95
N GLU E 521 10.96 -38.32 22.30
CA GLU E 521 11.88 -39.36 22.71
C GLU E 521 12.16 -40.26 21.50
N THR E 522 13.14 -41.16 21.65
CA THR E 522 13.53 -42.11 20.59
C THR E 522 12.41 -43.10 20.19
N VAL E 523 11.14 -42.70 20.29
CA VAL E 523 10.05 -43.55 19.83
C VAL E 523 9.10 -42.86 18.89
N ILE E 524 8.91 -43.51 17.74
CA ILE E 524 7.99 -43.04 16.73
C ILE E 524 6.60 -43.28 17.28
N ARG E 525 5.67 -42.44 16.86
CA ARG E 525 4.28 -42.44 17.28
C ARG E 525 3.51 -43.58 16.60
N PRO E 526 2.90 -44.44 17.44
CA PRO E 526 2.22 -45.69 17.08
C PRO E 526 0.90 -45.58 16.36
N GLU E 527 0.50 -46.65 15.66
CA GLU E 527 -0.75 -46.65 14.89
C GLU E 527 -1.99 -46.79 15.79
N ASP E 528 -1.78 -47.03 17.09
CA ASP E 528 -2.90 -47.07 18.04
C ASP E 528 -3.21 -45.62 18.46
N PHE E 529 -2.21 -44.76 18.29
CA PHE E 529 -2.23 -43.35 18.72
C PHE E 529 -1.95 -42.30 17.62
N PRO E 530 -2.24 -42.56 16.33
CA PRO E 530 -1.98 -41.47 15.36
C PRO E 530 -3.04 -40.40 15.29
N LYS E 531 -4.26 -40.83 15.54
CA LYS E 531 -5.45 -40.03 15.50
C LYS E 531 -5.19 -38.73 16.26
N PHE E 532 -4.24 -38.75 17.19
CA PHE E 532 -3.88 -37.53 17.87
C PHE E 532 -2.44 -37.06 17.64
N GLN E 534 -1.65 -34.35 18.39
CA GLN E 534 -1.66 -33.27 19.35
C GLN E 534 -0.40 -33.27 20.18
N LEU E 535 0.32 -34.37 20.11
CA LEU E 535 1.59 -34.49 20.79
C LEU E 535 2.53 -33.38 20.34
N HIS E 536 2.54 -33.11 19.03
CA HIS E 536 3.42 -32.07 18.47
C HIS E 536 2.67 -30.76 18.35
N GLN E 537 1.64 -30.61 19.17
CA GLN E 537 0.84 -29.39 19.21
C GLN E 537 1.75 -28.15 19.33
N LYS E 538 2.84 -28.25 20.08
CA LYS E 538 3.76 -27.12 20.21
C LYS E 538 4.14 -26.55 18.83
N PHE E 539 4.77 -27.35 17.96
CA PHE E 539 5.23 -26.86 16.62
C PHE E 539 4.09 -26.71 15.65
N TYR E 540 2.88 -26.63 16.20
CA TYR E 540 1.68 -26.45 15.41
C TYR E 540 1.01 -25.23 15.95
N ASP E 541 1.17 -24.95 17.23
CA ASP E 541 0.56 -23.74 17.77
C ASP E 541 1.31 -22.52 17.24
N SER E 542 2.59 -22.74 16.93
CA SER E 542 3.47 -21.67 16.45
C SER E 542 3.16 -21.37 15.02
N LEU E 543 3.10 -22.43 14.20
CA LEU E 543 2.64 -22.32 12.82
C LEU E 543 1.30 -21.59 12.73
N LYS E 544 0.38 -21.83 13.67
CA LYS E 544 -0.95 -21.23 13.48
C LYS E 544 -0.84 -19.76 13.85
N ASN E 545 -0.02 -19.45 14.85
CA ASN E 545 0.17 -18.06 15.23
C ASN E 545 0.89 -17.30 14.11
N PHE E 546 1.29 -18.04 13.08
CA PHE E 546 2.06 -17.50 11.96
C PHE E 546 1.19 -17.44 10.72
N ALA E 547 0.09 -18.20 10.73
CA ALA E 547 -0.89 -18.21 9.64
C ALA E 547 -2.17 -17.39 9.98
N CYS E 548 -2.11 -16.58 11.04
CA CYS E 548 -3.09 -15.51 11.23
C CYS E 548 -2.34 -14.20 11.06
N CYS E 549 -1.00 -14.28 10.95
CA CYS E 549 -0.13 -13.16 10.61
C CYS E 549 -0.05 -12.98 9.11
N PHE F 3 4.83 -20.92 -4.14
CA PHE F 3 6.17 -20.68 -3.63
C PHE F 3 6.47 -19.21 -3.71
N ASN F 4 6.68 -18.52 -2.58
CA ASN F 4 6.88 -17.07 -2.60
C ASN F 4 8.03 -16.69 -3.54
N PHE F 5 7.64 -16.79 -4.82
CA PHE F 5 8.37 -16.53 -6.08
C PHE F 5 9.07 -17.80 -6.60
N LEU G 2 73.21 -25.81 -15.37
CA LEU G 2 73.93 -25.15 -14.27
C LEU G 2 72.97 -24.76 -13.14
N CYS G 3 73.31 -23.65 -12.48
CA CYS G 3 72.56 -23.12 -11.35
C CYS G 3 72.54 -21.61 -11.55
N GLU G 4 72.40 -20.83 -10.49
CA GLU G 4 72.51 -19.37 -10.66
C GLU G 4 73.88 -18.82 -10.23
N ILE G 5 74.61 -19.57 -9.41
CA ILE G 5 76.04 -19.31 -9.16
C ILE G 5 77.02 -19.82 -10.24
N GLU G 6 76.86 -21.06 -10.71
CA GLU G 6 77.70 -21.52 -11.84
C GLU G 6 77.35 -20.75 -13.13
N CYS G 7 76.08 -20.37 -13.29
CA CYS G 7 75.72 -19.52 -14.42
C CYS G 7 76.32 -18.13 -14.22
N ARG G 8 76.18 -17.55 -13.02
CA ARG G 8 76.85 -16.26 -12.79
C ARG G 8 78.36 -16.35 -12.94
N ALA G 9 78.93 -17.53 -12.72
CA ALA G 9 80.33 -17.83 -13.04
C ALA G 9 80.63 -17.61 -14.51
N LEU G 10 80.02 -18.43 -15.36
CA LEU G 10 80.27 -18.35 -16.81
C LEU G 10 79.91 -16.96 -17.33
N SER G 11 78.95 -16.32 -16.67
CA SER G 11 78.36 -15.04 -17.08
C SER G 11 79.11 -13.77 -16.67
N THR G 12 79.53 -13.69 -15.41
CA THR G 12 80.20 -12.49 -14.96
C THR G 12 81.71 -12.59 -15.25
N ALA G 13 82.10 -13.64 -15.98
CA ALA G 13 83.48 -13.80 -16.46
C ALA G 13 83.60 -13.46 -17.95
N HIS G 14 82.92 -12.41 -18.42
CA HIS G 14 82.96 -12.12 -19.85
C HIS G 14 83.89 -10.99 -20.29
N THR G 15 84.27 -10.06 -19.40
CA THR G 15 85.29 -9.07 -19.78
C THR G 15 86.66 -9.82 -19.98
N ARG G 16 86.70 -11.05 -19.43
CA ARG G 16 87.77 -12.07 -19.51
C ARG G 16 87.77 -13.12 -20.61
N LEU G 17 86.72 -13.93 -20.67
CA LEU G 17 86.61 -15.01 -21.65
C LEU G 17 86.76 -14.63 -23.13
N ILE G 18 86.55 -13.36 -23.48
CA ILE G 18 86.78 -12.87 -24.85
C ILE G 18 88.27 -12.62 -25.21
N HIS G 19 88.99 -12.00 -24.27
CA HIS G 19 90.45 -11.69 -24.38
C HIS G 19 91.44 -12.84 -24.58
N ASP G 20 91.29 -13.93 -23.82
CA ASP G 20 92.21 -15.06 -23.95
C ASP G 20 91.48 -16.40 -23.93
N PHE G 21 90.89 -16.75 -25.06
CA PHE G 21 90.23 -18.03 -25.15
C PHE G 21 89.82 -18.38 -26.57
N GLU G 22 90.03 -19.65 -26.91
CA GLU G 22 89.62 -20.24 -28.18
C GLU G 22 88.93 -21.55 -27.77
N PRO G 23 87.65 -21.71 -28.14
CA PRO G 23 86.86 -22.90 -27.77
C PRO G 23 87.30 -24.23 -28.39
N ARG G 24 87.88 -24.20 -29.59
CA ARG G 24 88.33 -25.42 -30.21
C ARG G 24 89.34 -26.16 -29.32
N ASP G 25 90.19 -25.42 -28.61
CA ASP G 25 91.15 -25.99 -27.64
C ASP G 25 90.47 -26.92 -26.63
N ALA G 26 89.20 -26.64 -26.30
CA ALA G 26 88.49 -27.49 -25.34
C ALA G 26 87.59 -28.52 -26.02
N LEU G 27 87.32 -28.31 -27.31
CA LEU G 27 86.38 -29.14 -28.07
C LEU G 27 86.62 -30.61 -27.86
N THR G 28 87.78 -31.04 -28.36
CA THR G 28 88.25 -32.41 -28.20
C THR G 28 88.03 -32.84 -26.75
N TYR G 29 88.55 -32.05 -25.81
CA TYR G 29 88.42 -32.37 -24.39
C TYR G 29 86.98 -32.70 -24.02
N LEU G 30 86.05 -31.83 -24.39
CA LEU G 30 84.69 -32.10 -24.03
C LEU G 30 84.09 -33.18 -24.90
N GLU G 31 84.50 -33.24 -26.16
CA GLU G 31 84.15 -34.38 -26.98
C GLU G 31 84.65 -35.68 -26.34
N GLY G 32 85.60 -35.54 -25.42
CA GLY G 32 86.32 -36.68 -24.87
C GLY G 32 86.02 -37.03 -23.43
N LYS G 33 85.97 -36.04 -22.54
CA LYS G 33 85.64 -36.34 -21.15
C LYS G 33 84.12 -36.51 -21.05
N ASN G 34 83.48 -36.87 -22.16
CA ASN G 34 82.06 -37.23 -22.26
C ASN G 34 81.07 -36.17 -21.73
N ILE G 35 80.65 -35.26 -22.62
CA ILE G 35 79.87 -34.09 -22.24
C ILE G 35 79.51 -33.39 -23.55
N PHE G 36 80.09 -33.87 -24.63
CA PHE G 36 79.96 -33.19 -25.92
C PHE G 36 79.74 -34.16 -27.07
N THR G 37 79.27 -33.60 -28.19
CA THR G 37 79.01 -34.38 -29.40
C THR G 37 79.86 -33.88 -30.58
N GLU G 38 79.77 -34.55 -31.73
CA GLU G 38 80.45 -34.05 -32.92
C GLU G 38 79.55 -33.10 -33.74
N ASP G 39 78.23 -33.16 -33.56
CA ASP G 39 77.42 -32.09 -34.15
C ASP G 39 77.69 -30.79 -33.39
N HIS G 40 78.06 -30.92 -32.12
CA HIS G 40 78.38 -29.76 -31.28
C HIS G 40 79.82 -29.28 -31.45
N SER G 41 80.73 -30.19 -31.79
CA SER G 41 82.08 -29.83 -32.22
C SER G 41 81.99 -29.03 -33.51
N GLU G 42 81.36 -29.60 -34.52
CA GLU G 42 81.16 -28.88 -35.77
C GLU G 42 80.30 -27.64 -35.54
N LEU G 43 79.56 -27.63 -34.43
CA LEU G 43 78.85 -26.45 -34.03
C LEU G 43 79.83 -25.37 -33.56
N ILE G 44 80.90 -25.77 -32.87
CA ILE G 44 81.87 -24.80 -32.31
C ILE G 44 83.30 -24.94 -32.87
N SER G 45 83.45 -25.31 -34.13
CA SER G 45 84.80 -25.42 -34.68
C SER G 45 84.94 -24.64 -35.99
N LYS G 46 83.90 -24.69 -36.82
CA LYS G 46 83.92 -24.00 -38.12
C LYS G 46 83.23 -22.63 -38.11
N SER G 48 83.39 -18.17 -38.01
CA SER G 48 84.25 -17.08 -38.50
C SER G 48 85.00 -16.35 -37.39
N THR G 49 84.26 -15.67 -36.52
CA THR G 49 84.89 -14.92 -35.45
C THR G 49 85.08 -15.82 -34.23
N ARG G 50 85.85 -15.36 -33.24
CA ARG G 50 86.09 -16.09 -32.00
C ARG G 50 85.02 -15.76 -30.95
N LEU G 51 84.41 -14.58 -31.05
CA LEU G 51 83.26 -14.23 -30.21
C LEU G 51 82.10 -15.21 -30.53
N GLU G 52 82.02 -15.62 -31.80
CA GLU G 52 81.16 -16.72 -32.23
C GLU G 52 81.36 -17.90 -31.32
N ARG G 53 82.49 -18.56 -31.50
CA ARG G 53 82.80 -19.79 -30.78
C ARG G 53 82.70 -19.65 -29.26
N ILE G 54 82.93 -18.44 -28.75
CA ILE G 54 82.79 -18.15 -27.32
C ILE G 54 81.31 -18.14 -26.86
N ALA G 55 80.44 -17.48 -27.61
CA ALA G 55 79.00 -17.59 -27.35
C ALA G 55 78.48 -19.04 -27.52
N ASN G 56 79.04 -19.76 -28.50
CA ASN G 56 78.75 -21.17 -28.75
C ASN G 56 79.04 -22.07 -27.55
N PHE G 57 80.27 -21.97 -27.04
CA PHE G 57 80.68 -22.75 -25.87
C PHE G 57 79.87 -22.30 -24.60
N LEU G 58 79.50 -21.03 -24.50
CA LEU G 58 78.66 -20.57 -23.38
C LEU G 58 77.13 -20.64 -23.60
N ARG G 59 76.67 -21.37 -24.63
CA ARG G 59 75.23 -21.76 -24.71
C ARG G 59 75.04 -23.29 -24.87
N ILE G 60 75.92 -23.96 -25.62
CA ILE G 60 75.84 -25.42 -25.77
C ILE G 60 76.27 -26.18 -24.50
N TYR G 61 77.36 -25.74 -23.86
CA TYR G 61 77.90 -26.39 -22.64
C TYR G 61 76.89 -26.40 -21.51
N ARG G 62 75.87 -25.55 -21.64
CA ARG G 62 74.86 -25.40 -20.62
C ARG G 62 74.16 -26.70 -20.30
N ARG G 63 74.18 -27.65 -21.22
CA ARG G 63 73.21 -28.73 -21.18
C ARG G 63 73.74 -30.11 -20.73
N GLN G 64 74.70 -30.66 -21.47
CA GLN G 64 75.06 -32.07 -21.36
C GLN G 64 76.00 -32.41 -20.18
N ALA G 65 76.25 -31.41 -19.35
CA ALA G 65 77.09 -31.54 -18.17
C ALA G 65 76.25 -31.58 -16.92
N SER G 66 76.85 -31.94 -15.80
CA SER G 66 76.11 -32.03 -14.54
C SER G 66 76.59 -31.01 -13.49
N GLU G 67 77.68 -30.31 -13.83
CA GLU G 67 78.23 -29.21 -13.02
C GLU G 67 79.36 -28.53 -13.80
N LEU G 68 80.03 -27.52 -13.22
CA LEU G 68 81.11 -26.79 -13.93
C LEU G 68 82.48 -27.41 -13.64
N GLY G 69 82.76 -28.54 -14.29
CA GLY G 69 83.99 -29.29 -14.07
C GLY G 69 85.00 -29.17 -15.21
N PRO G 70 84.74 -29.87 -16.32
CA PRO G 70 85.66 -29.77 -17.46
C PRO G 70 85.63 -28.40 -18.15
N LEU G 71 85.92 -27.35 -17.38
CA LEU G 71 86.24 -26.01 -17.89
C LEU G 71 87.14 -25.33 -16.85
N ILE G 72 87.43 -26.07 -15.78
CA ILE G 72 88.34 -25.62 -14.71
C ILE G 72 89.54 -26.58 -14.61
N ASP G 73 89.34 -27.81 -15.05
CA ASP G 73 90.44 -28.75 -15.22
C ASP G 73 91.07 -28.52 -16.59
N PHE G 74 90.30 -27.90 -17.49
CA PHE G 74 90.78 -27.57 -18.84
C PHE G 74 91.65 -26.31 -18.89
N PHE G 75 91.17 -25.22 -18.30
CA PHE G 75 91.94 -23.96 -18.31
C PHE G 75 93.28 -24.09 -17.54
N ASN G 76 93.36 -25.01 -16.56
CA ASN G 76 94.60 -25.28 -15.84
C ASN G 76 95.61 -26.04 -16.72
N TYR G 77 95.07 -26.68 -17.76
CA TYR G 77 95.87 -27.43 -18.72
C TYR G 77 96.52 -26.50 -19.77
N ASN G 78 95.77 -25.49 -20.23
CA ASN G 78 96.04 -24.77 -21.49
C ASN G 78 96.88 -23.46 -21.40
N ASN G 79 97.75 -23.36 -20.38
CA ASN G 79 98.57 -22.15 -20.13
C ASN G 79 97.73 -20.86 -20.01
N GLN G 80 96.44 -21.02 -19.74
CA GLN G 80 95.51 -19.90 -19.54
C GLN G 80 94.97 -19.89 -18.10
N SER G 81 95.84 -20.15 -17.13
CA SER G 81 95.47 -20.36 -15.72
C SER G 81 94.70 -19.19 -15.07
N HIS G 82 94.69 -18.04 -15.75
CA HIS G 82 94.15 -16.79 -15.22
C HIS G 82 92.63 -16.70 -15.25
N LEU G 83 92.01 -17.59 -16.02
CA LEU G 83 90.55 -17.77 -16.00
C LEU G 83 90.22 -18.83 -14.94
N ALA G 84 91.01 -19.90 -14.95
CA ALA G 84 90.83 -21.07 -14.09
C ALA G 84 90.79 -20.72 -12.61
N ASP G 85 91.85 -20.10 -12.11
CA ASP G 85 91.90 -19.78 -10.69
C ASP G 85 90.73 -18.84 -10.29
N PHE G 86 90.33 -17.97 -11.22
CA PHE G 86 89.16 -17.09 -11.03
C PHE G 86 87.91 -17.92 -10.75
N LEU G 87 87.59 -18.82 -11.68
CA LEU G 87 86.36 -19.60 -11.53
C LEU G 87 86.43 -20.65 -10.39
N GLU G 88 87.63 -21.12 -10.01
CA GLU G 88 87.79 -22.11 -8.93
C GLU G 88 87.75 -21.45 -7.53
N ASP G 89 88.04 -20.16 -7.53
CA ASP G 89 88.07 -19.32 -6.33
C ASP G 89 86.61 -18.92 -6.12
N TYR G 90 85.92 -18.76 -7.24
CA TYR G 90 84.50 -18.46 -7.22
C TYR G 90 83.64 -19.69 -6.82
N ILE G 91 84.01 -20.90 -7.25
CA ILE G 91 83.26 -22.10 -6.81
C ILE G 91 83.66 -22.33 -5.34
N ASP G 92 84.79 -21.73 -4.92
CA ASP G 92 85.27 -21.83 -3.54
C ASP G 92 84.27 -21.01 -2.70
N PHE G 93 84.09 -19.72 -3.03
CA PHE G 93 83.18 -18.89 -2.22
C PHE G 93 81.72 -19.26 -2.55
N ALA G 94 81.54 -20.27 -3.39
CA ALA G 94 80.21 -20.73 -3.74
C ALA G 94 79.81 -21.96 -2.90
N ILE G 95 80.60 -23.04 -3.01
CA ILE G 95 80.42 -24.27 -2.23
C ILE G 95 80.83 -24.18 -0.74
N ASN G 96 82.10 -23.86 -0.49
CA ASN G 96 82.64 -23.74 0.87
C ASN G 96 82.11 -22.57 1.73
N GLU G 97 81.20 -21.77 1.19
CA GLU G 97 80.77 -20.54 1.87
C GLU G 97 79.25 -20.46 2.03
N PRO G 98 78.72 -20.98 3.16
CA PRO G 98 77.26 -21.00 3.35
C PRO G 98 76.72 -19.58 3.48
N ASP G 99 77.62 -18.59 3.40
CA ASP G 99 77.26 -17.18 3.50
C ASP G 99 77.81 -16.34 2.32
N LEU G 100 76.91 -15.87 1.46
CA LEU G 100 77.24 -15.01 0.32
C LEU G 100 76.50 -13.66 0.48
N LEU G 101 75.55 -13.35 -0.42
CA LEU G 101 74.91 -12.01 -0.50
C LEU G 101 73.63 -11.77 0.41
N ARG G 102 72.53 -12.47 0.11
CA ARG G 102 71.16 -12.27 0.68
C ARG G 102 70.55 -11.12 -0.15
N PRO G 103 69.26 -11.23 -0.54
CA PRO G 103 68.68 -10.20 -1.43
C PRO G 103 68.72 -8.77 -0.87
N VAL G 104 69.64 -7.89 -1.30
CA VAL G 104 69.69 -6.52 -0.75
C VAL G 104 70.14 -5.44 -1.76
N VAL G 105 71.36 -4.93 -1.59
CA VAL G 105 71.94 -3.84 -2.39
C VAL G 105 73.46 -4.01 -2.72
N ILE G 106 73.82 -4.18 -4.00
CA ILE G 106 75.24 -4.31 -4.45
C ILE G 106 75.56 -3.39 -5.65
N ALA G 107 74.56 -2.59 -6.05
CA ALA G 107 74.69 -1.53 -7.08
C ALA G 107 73.80 -0.35 -6.69
N PRO G 108 74.33 0.89 -6.73
CA PRO G 108 73.64 2.00 -6.09
C PRO G 108 72.47 2.54 -6.93
N GLN G 109 71.86 3.62 -6.47
CA GLN G 109 70.67 4.24 -7.10
C GLN G 109 69.44 3.34 -7.06
N PHE G 110 69.21 2.67 -5.92
CA PHE G 110 67.97 1.93 -5.77
C PHE G 110 66.89 2.98 -5.95
N SER G 111 67.09 4.15 -5.33
CA SER G 111 66.03 5.16 -5.34
C SER G 111 65.71 5.71 -6.75
N ARG G 112 66.19 5.05 -7.81
CA ARG G 112 65.82 5.53 -9.11
C ARG G 112 65.27 4.30 -9.78
N GLN G 113 65.70 3.15 -9.25
CA GLN G 113 65.22 1.80 -9.61
C GLN G 113 63.90 1.37 -9.04
N LEU G 115 61.97 3.77 -6.52
CA LEU G 115 61.25 5.01 -6.35
C LEU G 115 60.67 5.51 -7.64
N ASP G 116 61.48 5.76 -8.64
CA ASP G 116 60.86 6.19 -9.88
C ASP G 116 60.38 5.00 -10.66
N ARG G 117 61.18 3.93 -10.77
CA ARG G 117 60.85 3.06 -11.89
C ARG G 117 59.77 2.05 -11.48
N LYS G 118 59.96 1.32 -10.37
CA LYS G 118 58.97 0.32 -9.99
C LYS G 118 57.62 0.86 -9.49
N LEU G 119 57.70 1.91 -8.69
CA LEU G 119 56.50 2.56 -8.22
C LEU G 119 55.75 3.13 -9.36
N LEU G 120 56.41 3.95 -10.16
CA LEU G 120 55.72 4.57 -11.27
C LEU G 120 55.07 3.57 -12.21
N LEU G 121 55.77 2.48 -12.52
CA LEU G 121 55.27 1.51 -13.52
C LEU G 121 54.14 0.66 -12.90
N GLY G 122 54.11 0.56 -11.58
CA GLY G 122 53.03 -0.13 -10.91
C GLY G 122 51.89 0.89 -10.59
N ASN G 123 51.95 2.10 -11.17
CA ASN G 123 50.91 3.14 -10.95
C ASN G 123 50.67 3.54 -9.50
N VAL G 124 51.71 3.52 -8.66
CA VAL G 124 51.64 4.05 -7.28
C VAL G 124 51.67 5.60 -7.28
N PRO G 125 50.70 6.22 -6.58
CA PRO G 125 50.56 7.69 -6.48
C PRO G 125 51.69 8.29 -5.67
N LYS G 126 51.98 9.56 -5.92
CA LYS G 126 53.16 10.21 -5.34
C LYS G 126 53.04 10.49 -3.83
N GLN G 127 53.30 9.44 -3.03
CA GLN G 127 53.30 9.41 -1.54
C GLN G 127 53.28 10.76 -0.85
N THR G 129 53.98 13.70 1.93
CA THR G 129 55.27 14.11 2.48
C THR G 129 55.34 15.13 3.62
N CYS G 130 54.52 16.18 3.53
CA CYS G 130 54.58 17.26 4.50
C CYS G 130 54.07 16.83 5.84
N TYR G 131 53.39 15.69 5.87
CA TYR G 131 53.07 15.02 7.12
C TYR G 131 52.88 13.52 6.86
N ILE G 132 53.44 12.69 7.72
CA ILE G 132 53.24 11.25 7.59
C ILE G 132 52.73 10.78 8.94
N ARG G 133 51.64 10.07 8.93
CA ARG G 133 51.20 9.48 10.18
C ARG G 133 52.10 8.27 10.46
N GLU G 134 53.08 8.46 11.35
CA GLU G 134 54.09 7.44 11.66
C GLU G 134 53.40 6.12 11.94
N TYR G 135 52.71 6.00 13.08
CA TYR G 135 52.15 4.72 13.50
C TYR G 135 51.59 3.85 12.45
N HIS G 136 50.69 4.43 11.68
CA HIS G 136 49.87 3.63 10.79
C HIS G 136 50.76 3.20 9.65
N VAL G 137 51.41 4.14 8.95
CA VAL G 137 52.28 3.77 7.83
C VAL G 137 53.27 2.73 8.18
N ASP G 138 53.76 2.84 9.40
CA ASP G 138 54.70 1.89 9.93
C ASP G 138 54.05 0.53 10.08
N ARG G 139 52.85 0.45 10.68
CA ARG G 139 52.29 -0.89 10.96
C ARG G 139 52.03 -1.51 9.62
N VAL G 140 51.68 -0.67 8.65
CA VAL G 140 51.61 -1.14 7.28
C VAL G 140 52.91 -1.77 6.80
N ILE G 141 54.04 -1.05 6.89
CA ILE G 141 55.33 -1.58 6.35
C ILE G 141 55.66 -2.90 7.04
N LYS G 142 55.46 -2.91 8.36
CA LYS G 142 55.65 -4.09 9.18
C LYS G 142 54.81 -5.31 8.69
N LYS G 143 53.49 -5.09 8.67
CA LYS G 143 52.52 -6.13 8.35
C LYS G 143 52.62 -6.59 6.90
N LEU G 144 53.29 -5.79 6.07
CA LEU G 144 53.57 -6.23 4.68
C LEU G 144 54.82 -7.10 4.67
N ASP G 145 55.82 -6.72 5.47
CA ASP G 145 57.04 -7.54 5.66
C ASP G 145 56.76 -8.97 6.21
N GLU G 146 55.82 -9.10 7.15
CA GLU G 146 55.55 -10.39 7.80
C GLU G 146 55.01 -11.46 6.85
N CYS G 148 55.68 -11.35 3.11
CA CYS G 148 56.40 -11.59 1.83
C CYS G 148 56.74 -13.04 1.53
N ASP G 149 56.77 -13.76 2.62
CA ASP G 149 56.94 -15.18 2.59
C ASP G 149 55.71 -15.93 2.02
N LEU G 150 54.52 -15.55 2.53
CA LEU G 150 53.16 -16.10 2.20
C LEU G 150 52.69 -16.26 0.74
N ASP G 151 51.79 -17.23 0.51
CA ASP G 151 51.37 -17.57 -0.86
C ASP G 151 50.27 -16.72 -1.47
N SER G 152 49.38 -16.20 -0.61
CA SER G 152 48.24 -15.32 -0.95
C SER G 152 47.68 -14.80 0.38
N PHE G 153 47.31 -13.53 0.46
CA PHE G 153 46.96 -12.99 1.78
C PHE G 153 46.22 -11.63 1.70
N PHE G 154 45.38 -11.26 2.66
CA PHE G 154 44.78 -9.93 2.60
C PHE G 154 45.23 -8.90 3.67
N LEU G 155 45.66 -7.71 3.29
CA LEU G 155 45.81 -6.65 4.28
C LEU G 155 44.79 -5.62 3.99
N PHE G 156 43.87 -5.37 4.92
CA PHE G 156 42.72 -4.45 4.77
C PHE G 156 43.05 -3.17 5.53
N LEU G 157 43.42 -2.12 4.84
CA LEU G 157 43.65 -0.88 5.51
C LEU G 157 42.30 -0.12 5.53
N HIS G 158 41.37 -0.48 6.43
CA HIS G 158 40.02 0.09 6.39
C HIS G 158 39.82 1.25 7.32
N GLY G 159 39.05 2.24 6.84
CA GLY G 159 38.64 3.40 7.62
C GLY G 159 37.46 4.17 7.03
N ARG G 160 37.11 5.26 7.69
CA ARG G 160 36.19 6.30 7.17
C ARG G 160 36.55 6.82 5.78
N ALA G 161 35.65 7.66 5.31
CA ALA G 161 35.76 8.37 4.08
C ALA G 161 36.60 9.61 4.42
N GLY G 162 37.53 9.92 3.51
CA GLY G 162 38.53 10.96 3.67
C GLY G 162 39.50 10.59 4.79
N SER G 163 39.38 9.36 5.28
CA SER G 163 40.19 8.96 6.43
C SER G 163 41.67 8.78 6.23
N GLY G 164 42.11 8.77 4.97
CA GLY G 164 43.54 8.78 4.68
C GLY G 164 44.27 7.50 4.35
N LYS G 165 43.51 6.43 4.10
CA LYS G 165 44.01 5.09 3.79
C LYS G 165 44.91 4.99 2.54
N SER G 166 44.41 5.56 1.46
CA SER G 166 45.06 5.41 0.18
C SER G 166 46.40 6.11 0.30
N VAL G 167 46.39 7.26 0.96
CA VAL G 167 47.61 8.02 1.14
C VAL G 167 48.66 7.27 1.94
N ILE G 168 48.20 6.66 3.04
CA ILE G 168 49.06 5.82 3.86
C ILE G 168 49.68 4.65 3.13
N ALA G 169 48.99 4.06 2.16
CA ALA G 169 49.65 2.96 1.45
C ALA G 169 50.65 3.61 0.49
N SER G 170 50.33 4.81 0.04
CA SER G 170 51.26 5.48 -0.86
C SER G 170 52.56 5.82 -0.17
N GLN G 171 52.48 6.13 1.12
CA GLN G 171 53.66 6.58 1.87
C GLN G 171 54.42 5.30 2.31
N ALA G 172 53.67 4.25 2.70
CA ALA G 172 54.21 2.95 3.15
C ALA G 172 54.94 2.15 2.05
N LEU G 173 54.56 2.35 0.78
CA LEU G 173 55.30 1.74 -0.34
C LEU G 173 56.32 2.65 -1.03
N SER G 174 56.59 3.81 -0.49
CA SER G 174 57.46 4.75 -1.17
C SER G 174 58.59 5.15 -0.24
N LYS G 175 58.33 4.86 1.04
CA LYS G 175 59.28 5.08 2.13
C LYS G 175 60.41 4.07 2.05
N SER G 176 60.12 2.83 2.51
CA SER G 176 61.08 1.73 2.51
C SER G 176 61.78 1.45 1.17
N ASP G 177 62.81 0.61 1.19
CA ASP G 177 63.37 0.07 -0.05
C ASP G 177 63.16 -1.46 -0.11
N GLN G 178 62.53 -1.98 0.96
CA GLN G 178 62.30 -3.44 1.17
C GLN G 178 61.05 -4.06 0.47
N LEU G 179 59.88 -3.46 0.72
CA LEU G 179 58.61 -3.97 0.17
C LEU G 179 58.69 -4.16 -1.38
N ILE G 180 59.25 -3.15 -2.07
CA ILE G 180 59.52 -3.22 -3.52
C ILE G 180 61.07 -3.36 -3.83
N GLY G 181 61.50 -4.53 -4.30
CA GLY G 181 62.91 -4.82 -4.57
C GLY G 181 63.45 -5.99 -3.72
N ILE G 182 63.24 -5.91 -2.41
CA ILE G 182 63.66 -6.90 -1.39
C ILE G 182 62.64 -8.03 -1.04
N ASN G 183 61.43 -7.62 -0.62
CA ASN G 183 60.31 -8.48 -0.16
C ASN G 183 59.35 -8.95 -1.26
N TYR G 184 59.05 -8.03 -2.16
CA TYR G 184 58.23 -8.31 -3.34
C TYR G 184 58.96 -7.75 -4.56
N ASP G 185 58.89 -8.48 -5.68
CA ASP G 185 59.62 -8.12 -6.91
C ASP G 185 58.97 -6.91 -7.59
N SER G 186 57.63 -6.95 -7.70
CA SER G 186 56.90 -5.88 -8.35
C SER G 186 55.69 -5.44 -7.54
N ILE G 187 55.17 -4.28 -7.95
CA ILE G 187 53.95 -3.64 -7.42
C ILE G 187 52.92 -3.34 -8.53
N VAL G 188 51.67 -3.64 -8.23
CA VAL G 188 50.51 -3.28 -9.06
C VAL G 188 49.49 -2.54 -8.23
N TRP G 189 49.33 -1.25 -8.48
CA TRP G 189 48.40 -0.40 -7.71
C TRP G 189 47.28 0.09 -8.62
N LEU G 190 46.08 -0.37 -8.30
CA LEU G 190 44.85 -0.17 -9.08
C LEU G 190 43.62 0.43 -8.34
N LYS G 191 42.97 1.46 -8.88
CA LYS G 191 41.76 1.92 -8.23
C LYS G 191 40.51 1.16 -8.70
N ASP G 192 39.71 0.65 -7.76
CA ASP G 192 38.51 -0.16 -8.04
C ASP G 192 37.35 0.86 -8.20
N SER G 193 36.65 1.14 -7.12
CA SER G 193 35.53 2.07 -6.97
C SER G 193 34.25 1.66 -7.67
N GLY G 194 34.15 0.34 -7.86
CA GLY G 194 33.07 -0.32 -8.59
C GLY G 194 31.72 -0.65 -8.00
N THR G 195 30.63 -0.35 -8.73
CA THR G 195 29.26 -0.54 -8.21
C THR G 195 28.44 -1.48 -9.10
N ALA G 196 28.60 -1.29 -10.41
CA ALA G 196 27.97 -2.13 -11.39
C ALA G 196 28.51 -3.50 -11.17
N PRO G 197 27.88 -4.48 -11.78
CA PRO G 197 28.41 -5.83 -11.64
C PRO G 197 29.56 -6.02 -12.63
N LYS G 198 29.62 -5.13 -13.64
CA LYS G 198 30.73 -5.14 -14.60
C LYS G 198 32.02 -4.49 -14.11
N SER G 199 31.99 -3.76 -12.99
CA SER G 199 33.19 -3.00 -12.53
C SER G 199 34.31 -3.98 -12.04
N THR G 200 33.85 -5.03 -11.37
CA THR G 200 34.70 -6.09 -10.81
C THR G 200 35.26 -7.00 -11.89
N PHE G 201 34.69 -7.00 -13.10
CA PHE G 201 35.33 -7.80 -14.17
C PHE G 201 36.30 -6.91 -14.98
N ASP G 202 35.86 -5.69 -15.21
CA ASP G 202 36.65 -4.75 -15.96
C ASP G 202 37.99 -4.49 -15.18
N LEU G 203 37.89 -4.53 -13.84
CA LEU G 203 39.04 -4.29 -12.99
C LEU G 203 40.08 -5.31 -13.35
N PHE G 204 39.75 -6.59 -13.24
CA PHE G 204 40.80 -7.57 -13.47
C PHE G 204 41.27 -7.63 -14.93
N THR G 205 40.52 -6.97 -15.82
CA THR G 205 41.08 -6.79 -17.15
C THR G 205 42.22 -5.81 -17.12
N ASP G 206 42.16 -4.80 -16.27
CA ASP G 206 43.25 -3.85 -16.41
C ASP G 206 44.37 -4.31 -15.47
N ILE G 207 44.11 -5.25 -14.56
CA ILE G 207 45.26 -5.93 -13.96
C ILE G 207 45.98 -6.73 -15.03
N LEU G 208 45.37 -7.81 -15.49
CA LEU G 208 45.85 -8.56 -16.67
C LEU G 208 46.63 -7.74 -17.69
N LEU G 209 46.20 -6.51 -17.98
CA LEU G 209 46.97 -5.69 -18.92
C LEU G 209 48.07 -4.90 -18.25
N LEU G 211 49.92 -6.27 -16.14
CA LEU G 211 50.97 -7.29 -16.07
C LEU G 211 51.71 -7.39 -17.41
N LYS G 212 50.94 -7.44 -18.49
CA LYS G 212 51.47 -7.69 -19.81
C LYS G 212 52.62 -6.73 -20.21
N SER G 213 53.61 -7.31 -20.89
CA SER G 213 54.84 -6.67 -21.38
C SER G 213 54.51 -5.50 -22.36
N GLU G 214 55.43 -4.57 -22.55
CA GLU G 214 55.27 -3.48 -23.53
C GLU G 214 55.06 -4.04 -24.90
N ASP G 215 55.74 -5.14 -25.22
CA ASP G 215 55.27 -5.82 -26.41
C ASP G 215 53.90 -6.32 -26.04
N ASP G 216 53.03 -6.36 -27.05
CA ASP G 216 51.64 -6.79 -26.94
C ASP G 216 50.82 -5.89 -25.95
N LEU G 217 50.96 -4.57 -26.06
CA LEU G 217 49.92 -3.60 -25.64
C LEU G 217 49.29 -3.05 -26.92
N LEU G 218 50.07 -3.17 -28.01
CA LEU G 218 49.69 -2.92 -29.42
C LEU G 218 48.68 -3.96 -29.83
N ASN G 219 49.05 -5.20 -29.49
CA ASN G 219 48.29 -6.41 -29.72
C ASN G 219 47.02 -6.50 -28.89
N PHE G 220 46.81 -5.54 -27.96
CA PHE G 220 45.58 -5.48 -27.18
C PHE G 220 44.39 -5.86 -28.07
N PRO G 221 43.73 -7.00 -27.74
CA PRO G 221 42.53 -7.41 -28.47
C PRO G 221 41.24 -6.74 -28.00
N SER G 222 40.15 -7.04 -28.69
CA SER G 222 38.82 -6.68 -28.22
C SER G 222 38.49 -7.63 -27.03
N VAL G 223 39.34 -7.68 -26.00
CA VAL G 223 39.15 -8.54 -24.81
C VAL G 223 37.93 -8.34 -23.87
N GLU G 224 37.26 -7.19 -23.91
CA GLU G 224 35.99 -6.92 -23.19
C GLU G 224 35.00 -8.10 -23.23
N HIS G 225 35.05 -8.85 -24.32
CA HIS G 225 34.23 -10.05 -24.52
C HIS G 225 35.10 -11.31 -24.61
N VAL G 226 35.14 -11.97 -23.45
CA VAL G 226 35.97 -13.14 -23.18
C VAL G 226 35.49 -13.59 -21.80
N THR G 227 35.36 -14.91 -21.63
CA THR G 227 34.69 -15.46 -20.46
C THR G 227 35.37 -15.02 -19.15
N SER G 228 34.69 -15.17 -18.02
CA SER G 228 35.33 -14.85 -16.77
C SER G 228 36.43 -15.84 -16.45
N VAL G 229 36.17 -17.13 -16.71
CA VAL G 229 37.12 -18.25 -16.49
C VAL G 229 38.45 -18.21 -17.29
N VAL G 230 38.38 -17.58 -18.45
CA VAL G 230 39.51 -17.47 -19.37
C VAL G 230 40.28 -16.20 -18.97
N LEU G 231 39.63 -15.06 -18.67
CA LEU G 231 40.37 -13.92 -18.10
C LEU G 231 41.14 -14.29 -16.82
N LYS G 232 40.52 -15.11 -15.98
CA LYS G 232 41.11 -15.58 -14.73
C LYS G 232 42.31 -16.45 -15.07
N ARG G 233 42.10 -17.38 -16.00
CA ARG G 233 43.17 -18.28 -16.42
C ARG G 233 44.29 -17.48 -17.10
N ILE G 235 45.04 -14.39 -16.44
CA ILE G 235 45.80 -13.62 -15.48
C ILE G 235 46.77 -14.62 -14.85
N CYS G 236 46.32 -15.74 -14.27
CA CYS G 236 47.28 -16.67 -13.61
C CYS G 236 48.32 -17.23 -14.62
N ASN G 237 47.99 -17.15 -15.91
CA ASN G 237 48.95 -17.38 -17.00
C ASN G 237 49.98 -16.28 -16.94
N ALA G 238 49.63 -15.10 -17.44
CA ALA G 238 50.54 -13.96 -17.40
C ALA G 238 51.13 -13.68 -16.00
N LEU G 239 50.69 -14.47 -15.03
CA LEU G 239 51.14 -14.37 -13.64
C LEU G 239 52.31 -15.37 -13.42
N ILE G 240 52.60 -16.23 -14.42
CA ILE G 240 53.76 -17.16 -14.32
C ILE G 240 54.95 -16.22 -14.32
N ASP G 241 55.01 -15.30 -15.28
CA ASP G 241 56.13 -14.39 -15.39
C ASP G 241 56.24 -13.41 -14.18
N ARG G 242 55.35 -13.50 -13.17
CA ARG G 242 55.38 -12.59 -11.97
C ARG G 242 55.38 -13.18 -10.53
N PRO G 243 56.56 -13.53 -10.03
CA PRO G 243 56.92 -13.95 -8.68
C PRO G 243 56.75 -12.79 -7.72
N ASN G 244 56.48 -13.09 -6.43
CA ASN G 244 56.20 -12.10 -5.36
C ASN G 244 55.79 -10.74 -5.93
N THR G 245 54.48 -10.66 -6.21
CA THR G 245 53.86 -9.47 -6.73
C THR G 245 52.89 -8.91 -5.69
N LEU G 246 53.04 -7.62 -5.36
CA LEU G 246 52.13 -6.98 -4.40
C LEU G 246 50.98 -6.33 -5.13
N PHE G 247 49.76 -6.40 -4.59
CA PHE G 247 48.61 -5.77 -5.25
C PHE G 247 48.00 -4.73 -4.34
N VAL G 248 48.06 -3.46 -4.70
CA VAL G 248 47.24 -2.49 -3.98
C VAL G 248 45.96 -2.30 -4.78
N PHE G 249 44.85 -2.50 -4.07
CA PHE G 249 43.49 -2.35 -4.58
C PHE G 249 42.90 -1.15 -3.90
N ASP G 250 43.24 0.05 -4.42
CA ASP G 250 42.84 1.28 -3.79
C ASP G 250 41.29 1.48 -3.98
N ASP G 251 40.54 1.59 -2.85
CA ASP G 251 39.08 1.89 -2.78
C ASP G 251 38.17 0.75 -3.20
N VAL G 252 38.17 -0.38 -2.49
CA VAL G 252 37.26 -1.45 -2.85
C VAL G 252 35.83 -1.29 -2.28
N VAL G 253 34.85 -1.45 -3.17
CA VAL G 253 33.43 -1.50 -2.81
C VAL G 253 32.70 -2.83 -2.95
N GLN G 254 33.01 -3.61 -3.97
CA GLN G 254 32.30 -4.88 -4.17
C GLN G 254 32.86 -6.14 -3.47
N GLU G 255 32.09 -6.91 -2.71
CA GLU G 255 32.74 -8.10 -2.19
C GLU G 255 33.15 -9.07 -3.29
N GLU G 256 32.81 -8.73 -4.53
CA GLU G 256 33.22 -9.56 -5.68
C GLU G 256 34.72 -9.35 -6.05
N THR G 257 35.17 -8.08 -6.01
CA THR G 257 36.57 -7.77 -6.04
C THR G 257 37.24 -8.82 -5.14
N ILE G 258 37.09 -8.71 -3.82
CA ILE G 258 37.67 -9.73 -2.89
C ILE G 258 37.53 -11.20 -3.27
N ARG G 259 36.41 -11.58 -3.85
CA ARG G 259 36.35 -12.97 -4.27
C ARG G 259 37.30 -13.22 -5.41
N TRP G 260 37.42 -12.29 -6.34
CA TRP G 260 38.39 -12.52 -7.41
C TRP G 260 39.82 -12.54 -6.93
N ALA G 261 40.23 -11.55 -6.14
CA ALA G 261 41.58 -11.59 -5.58
C ALA G 261 41.82 -12.95 -4.94
N GLN G 262 40.79 -13.59 -4.40
CA GLN G 262 40.98 -14.88 -3.72
C GLN G 262 40.83 -16.14 -4.58
N GLU G 263 40.22 -16.04 -5.75
CA GLU G 263 40.15 -17.20 -6.62
C GLU G 263 41.46 -17.38 -7.35
N LEU G 264 42.11 -16.24 -7.54
CA LEU G 264 43.37 -16.12 -8.25
C LEU G 264 44.55 -16.21 -7.29
N ARG G 265 44.29 -16.56 -6.03
CA ARG G 265 45.36 -16.67 -5.06
C ARG G 265 46.42 -15.52 -5.09
N LEU G 266 45.93 -14.28 -5.12
CA LEU G 266 46.70 -13.04 -5.22
C LEU G 266 47.09 -12.50 -3.82
N ARG G 267 48.08 -11.63 -3.77
CA ARG G 267 48.54 -10.96 -2.56
C ARG G 267 48.07 -9.51 -2.45
N CYS G 268 47.21 -9.17 -1.48
CA CYS G 268 46.57 -7.83 -1.54
C CYS G 268 46.72 -6.83 -0.35
N LEU G 269 47.20 -5.63 -0.62
CA LEU G 269 46.97 -4.50 0.25
C LEU G 269 45.67 -4.02 -0.35
N VAL G 270 44.73 -3.53 0.49
CA VAL G 270 43.33 -3.08 0.15
C VAL G 270 42.95 -1.84 0.86
N THR G 271 42.75 -0.76 0.13
CA THR G 271 42.10 0.35 0.79
C THR G 271 40.58 0.22 0.57
N THR G 272 39.78 0.42 1.62
CA THR G 272 38.32 0.29 1.57
C THR G 272 37.62 1.09 2.67
N ARG G 273 36.32 1.30 2.58
CA ARG G 273 35.62 1.95 3.70
C ARG G 273 34.77 0.90 4.50
N ASP G 274 34.11 0.03 3.76
CA ASP G 274 33.29 -1.05 4.31
C ASP G 274 34.10 -2.33 4.63
N VAL G 275 34.11 -2.72 5.90
CA VAL G 275 34.99 -3.81 6.34
C VAL G 275 34.43 -5.21 6.08
N GLU G 276 33.12 -5.32 6.00
CA GLU G 276 32.57 -6.68 5.96
C GLU G 276 32.87 -7.41 4.66
N ILE G 277 33.39 -6.71 3.65
CA ILE G 277 33.71 -7.40 2.41
C ILE G 277 34.74 -8.51 2.69
N SER G 278 35.33 -8.47 3.88
CA SER G 278 36.37 -9.44 4.16
C SER G 278 35.81 -10.80 4.55
N ASN G 279 34.57 -10.81 4.98
CA ASN G 279 33.92 -12.08 5.25
C ASN G 279 33.83 -12.85 3.94
N ALA G 280 33.96 -12.14 2.83
CA ALA G 280 33.99 -12.87 1.60
C ALA G 280 35.22 -13.80 1.47
N ALA G 281 36.36 -13.39 2.06
CA ALA G 281 37.62 -14.15 2.00
C ALA G 281 37.75 -15.07 3.19
N SER G 282 37.93 -16.35 2.91
CA SER G 282 38.22 -17.38 3.93
C SER G 282 39.68 -17.61 4.16
N GLN G 283 40.24 -16.82 5.05
CA GLN G 283 41.66 -16.69 5.14
C GLN G 283 42.20 -15.93 6.32
N THR G 284 43.53 -15.93 6.28
CA THR G 284 44.45 -15.16 7.10
C THR G 284 44.14 -13.65 6.98
N CYS G 285 42.90 -13.34 6.66
CA CYS G 285 42.47 -11.99 6.66
C CYS G 285 43.06 -11.31 7.90
N GLU G 286 43.76 -10.21 7.68
CA GLU G 286 44.43 -9.41 8.72
C GLU G 286 43.93 -8.00 8.43
N PHE G 287 43.76 -7.17 9.46
CA PHE G 287 43.01 -5.93 9.29
C PHE G 287 43.81 -4.80 9.94
N ILE G 288 43.80 -3.59 9.41
CA ILE G 288 44.42 -2.45 10.11
C ILE G 288 43.51 -1.26 9.96
N GLU G 289 42.92 -0.78 11.06
CA GLU G 289 41.92 0.28 10.93
C GLU G 289 42.51 1.67 11.11
N VAL G 290 42.28 2.56 10.15
CA VAL G 290 42.78 3.93 10.26
C VAL G 290 41.79 4.81 11.01
N THR G 291 42.00 5.01 12.32
CA THR G 291 41.10 5.79 13.19
C THR G 291 41.17 7.29 12.88
N SER G 292 40.30 8.06 13.52
CA SER G 292 40.34 9.51 13.33
C SER G 292 41.62 10.19 13.81
N LEU G 293 42.12 11.18 13.04
CA LEU G 293 43.30 11.89 13.53
C LEU G 293 42.95 12.41 14.93
N GLU G 294 43.61 11.85 15.94
CA GLU G 294 43.51 12.27 17.34
C GLU G 294 43.81 13.78 17.46
N ILE G 295 43.38 14.42 18.55
CA ILE G 295 43.44 15.87 18.67
C ILE G 295 44.86 16.43 18.53
N ASP G 296 45.82 15.66 19.00
CA ASP G 296 47.22 16.08 18.97
C ASP G 296 47.88 16.00 17.56
N GLU G 297 47.56 14.94 16.83
CA GLU G 297 48.06 14.70 15.46
C GLU G 297 47.56 15.77 14.48
N CYS G 298 46.38 16.30 14.79
CA CYS G 298 45.73 17.30 13.98
C CYS G 298 46.56 18.57 14.02
N TYR G 299 47.01 18.85 15.24
CA TYR G 299 47.89 19.96 15.50
C TYR G 299 49.06 19.74 14.61
N ASP G 300 49.63 18.55 14.68
CA ASP G 300 50.82 18.24 13.86
C ASP G 300 50.59 18.55 12.36
N PHE G 301 49.43 18.15 11.81
CA PHE G 301 49.07 18.38 10.39
C PHE G 301 48.99 19.86 9.98
N LEU G 302 48.54 20.69 10.91
CA LEU G 302 48.38 22.13 10.67
C LEU G 302 49.76 22.77 10.66
N GLU G 303 50.47 22.44 11.73
CA GLU G 303 51.86 22.82 11.95
C GLU G 303 52.61 22.50 10.68
N ALA G 304 52.37 21.30 10.14
CA ALA G 304 53.02 20.81 8.94
C ALA G 304 53.01 21.66 7.63
N TYR G 305 51.90 22.30 7.31
CA TYR G 305 51.86 23.13 6.09
C TYR G 305 51.90 24.62 6.41
N GLY G 306 52.31 24.92 7.64
CA GLY G 306 52.54 26.31 8.04
C GLY G 306 51.45 27.05 8.78
N PRO G 308 49.82 28.61 12.02
CA PRO G 308 50.19 29.22 13.31
C PRO G 308 49.35 28.64 14.47
N PRO G 310 47.76 28.16 18.52
CA PRO G 310 46.96 29.06 19.38
C PRO G 310 47.70 29.72 20.54
N VAL G 311 47.03 30.68 21.18
CA VAL G 311 47.58 31.36 22.36
C VAL G 311 46.45 31.66 23.37
N GLY G 312 45.61 32.67 23.10
CA GLY G 312 44.45 32.96 23.92
C GLY G 312 43.63 31.70 24.12
N GLU G 313 42.74 31.67 25.11
CA GLU G 313 41.95 30.46 25.38
C GLU G 313 40.90 30.24 24.33
N LYS G 314 40.21 31.31 23.96
CA LYS G 314 39.30 31.21 22.83
C LYS G 314 40.00 31.37 21.46
N GLU G 315 41.01 30.50 21.24
CA GLU G 315 41.71 30.30 19.96
C GLU G 315 42.19 28.86 19.90
N GLU G 316 42.79 28.39 21.00
CA GLU G 316 43.01 26.95 21.20
C GLU G 316 41.67 26.26 21.27
N ASP G 317 40.70 26.98 21.80
CA ASP G 317 39.35 26.46 21.81
C ASP G 317 38.77 26.50 20.39
N VAL G 318 39.07 27.56 19.61
CA VAL G 318 38.64 27.65 18.20
C VAL G 318 39.17 26.47 17.40
N LEU G 319 40.37 26.04 17.74
CA LEU G 319 40.98 24.97 16.99
C LEU G 319 40.43 23.62 17.48
N ASN G 320 40.08 23.53 18.77
CA ASN G 320 39.35 22.34 19.20
C ASN G 320 37.94 22.30 18.59
N LYS G 321 37.37 23.46 18.26
CA LYS G 321 36.12 23.52 17.49
C LYS G 321 36.32 22.90 16.11
N THR G 322 37.38 23.28 15.41
CA THR G 322 37.59 22.63 14.12
C THR G 322 37.82 21.13 14.22
N ILE G 323 38.69 20.72 15.14
CA ILE G 323 39.08 19.29 15.33
C ILE G 323 37.92 18.41 15.85
N GLU G 324 37.05 19.03 16.65
CA GLU G 324 35.85 18.39 17.14
C GLU G 324 34.84 18.22 16.00
N LEU G 325 34.64 19.31 15.28
CA LEU G 325 33.75 19.37 14.14
C LEU G 325 34.20 18.33 13.09
N SER G 326 35.42 18.52 12.59
CA SER G 326 36.01 17.62 11.60
C SER G 326 36.44 16.29 12.18
N SER G 327 35.55 15.72 12.99
CA SER G 327 35.74 14.48 13.76
C SER G 327 36.92 13.65 13.32
N GLY G 328 38.13 14.18 13.58
CA GLY G 328 39.39 13.57 13.15
C GLY G 328 39.32 13.23 11.67
N ASN G 329 39.49 14.25 10.82
CA ASN G 329 39.40 13.95 9.40
C ASN G 329 40.36 14.64 8.48
N PRO G 330 41.36 13.88 8.06
CA PRO G 330 42.43 14.23 7.14
C PRO G 330 41.92 15.19 6.03
N ALA G 331 41.00 14.63 5.25
CA ALA G 331 40.46 15.26 4.05
C ALA G 331 39.85 16.63 4.24
N THR G 332 38.91 16.74 5.20
CA THR G 332 38.19 17.99 5.57
C THR G 332 39.03 19.00 6.31
N LEU G 333 40.05 18.47 6.97
CA LEU G 333 41.05 19.26 7.66
C LEU G 333 41.73 19.99 6.54
N PHE G 336 39.64 22.58 4.76
CA PHE G 336 39.68 23.70 5.69
C PHE G 336 40.85 24.65 5.48
N PHE G 337 42.05 24.08 5.55
CA PHE G 337 43.23 24.87 5.37
C PHE G 337 43.12 25.55 4.01
N LYS G 338 42.97 24.74 2.94
CA LYS G 338 42.90 25.29 1.58
C LYS G 338 41.90 26.42 1.41
N SER G 339 40.97 26.53 2.36
CA SER G 339 39.88 27.48 2.26
C SER G 339 40.04 28.55 3.38
N CYS G 340 41.13 28.44 4.15
CA CYS G 340 41.44 29.37 5.25
C CYS G 340 42.14 30.71 4.81
N GLU G 341 42.17 30.97 3.50
CA GLU G 341 42.68 32.22 2.83
C GLU G 341 43.75 33.07 3.63
N PRO G 342 43.36 34.07 4.48
CA PRO G 342 44.43 34.92 5.03
C PRO G 342 45.35 34.16 6.00
N LYS G 343 44.86 33.03 6.53
CA LYS G 343 45.53 32.12 7.48
C LYS G 343 45.25 32.44 8.95
N THR G 344 44.68 33.61 9.22
CA THR G 344 44.37 34.07 10.57
C THR G 344 43.40 33.12 11.32
N PHE G 345 43.56 32.96 12.64
CA PHE G 345 42.52 32.35 13.50
C PHE G 345 41.14 32.96 13.35
N GLU G 346 41.17 34.23 13.01
CA GLU G 346 39.99 35.03 12.79
C GLU G 346 39.22 34.35 11.62
N LYS G 347 39.80 34.30 10.42
CA LYS G 347 39.14 33.66 9.28
C LYS G 347 38.88 32.13 9.45
N ALA G 349 37.83 30.90 12.41
CA ALA G 349 36.59 30.84 13.16
C ALA G 349 35.46 31.25 12.23
N GLN G 350 35.74 32.14 11.25
CA GLN G 350 34.72 32.45 10.24
C GLN G 350 34.22 31.15 9.67
N LEU G 351 35.17 30.29 9.30
CA LEU G 351 34.75 29.01 8.74
C LEU G 351 34.03 28.21 9.82
N ASN G 352 34.53 28.22 11.06
CA ASN G 352 33.84 27.50 12.13
C ASN G 352 32.36 27.88 12.27
N ASN G 353 32.00 29.12 11.94
CA ASN G 353 30.59 29.51 11.92
C ASN G 353 29.94 28.91 10.65
N LYS G 354 30.48 29.31 9.49
CA LYS G 354 30.05 28.82 8.17
C LYS G 354 29.74 27.31 8.06
N LEU G 355 30.41 26.54 8.90
CA LEU G 355 30.32 25.08 8.96
C LEU G 355 29.08 24.54 9.67
N GLU G 356 28.61 25.30 10.64
CA GLU G 356 27.45 24.95 11.44
C GLU G 356 26.05 25.26 10.79
N SER G 357 26.05 26.37 10.06
CA SER G 357 24.91 26.93 9.34
C SER G 357 24.90 26.78 7.80
N ARG G 358 25.66 25.83 7.26
CA ARG G 358 25.65 25.60 5.81
C ARG G 358 26.22 24.23 5.45
N GLY G 359 26.57 23.45 6.47
CA GLY G 359 27.19 22.11 6.40
C GLY G 359 28.54 21.92 5.70
N LEU G 360 28.86 20.69 5.27
CA LEU G 360 30.19 20.45 4.68
C LEU G 360 30.35 21.29 3.45
N VAL G 361 29.22 21.79 2.96
CA VAL G 361 29.18 22.51 1.70
C VAL G 361 29.73 23.93 1.90
N GLY G 362 30.04 24.22 3.15
CA GLY G 362 30.52 25.54 3.50
C GLY G 362 31.99 25.57 3.29
N VAL G 363 32.58 24.38 3.25
CA VAL G 363 34.04 24.25 3.21
C VAL G 363 34.61 23.36 2.11
N GLU G 364 33.75 22.84 1.26
CA GLU G 364 34.15 22.10 0.07
C GLU G 364 35.09 22.92 -0.84
N CYS G 365 36.21 22.28 -1.20
CA CYS G 365 37.31 22.93 -1.91
C CYS G 365 38.08 21.97 -2.80
N ILE G 366 38.86 22.56 -3.71
CA ILE G 366 39.83 21.81 -4.51
C ILE G 366 40.95 21.30 -3.58
N THR G 367 41.03 19.98 -3.50
CA THR G 367 41.92 19.29 -2.58
C THR G 367 42.54 18.09 -3.31
N PRO G 368 43.72 17.64 -2.89
CA PRO G 368 44.34 16.38 -3.29
C PRO G 368 43.33 15.20 -3.28
N TYR G 369 42.23 15.38 -2.56
CA TYR G 369 41.08 14.48 -2.59
C TYR G 369 40.31 14.47 -3.93
N SER G 370 39.89 13.27 -4.35
CA SER G 370 39.06 13.07 -5.56
C SER G 370 37.63 13.73 -5.53
N TYR G 371 37.17 14.18 -4.35
CA TYR G 371 35.81 14.68 -4.01
C TYR G 371 35.90 16.18 -3.63
N LYS G 372 35.00 17.01 -4.13
CA LYS G 372 35.02 18.40 -3.69
C LYS G 372 34.81 18.49 -2.18
N SER G 373 33.96 17.64 -1.59
CA SER G 373 33.75 17.63 -0.13
C SER G 373 33.41 16.26 0.32
N LEU G 374 33.67 16.01 1.59
CA LEU G 374 33.51 14.70 2.18
C LEU G 374 32.08 14.16 2.08
N ALA G 375 31.15 15.06 1.76
CA ALA G 375 29.76 14.63 1.66
C ALA G 375 29.48 13.83 0.37
N ALA G 377 31.56 12.02 -0.91
CA ALA G 377 32.20 10.78 -0.77
C ALA G 377 31.21 9.98 0.04
N LEU G 378 30.78 10.52 1.17
CA LEU G 378 29.94 9.69 2.00
C LEU G 378 28.62 9.24 1.39
N GLN G 379 28.04 10.06 0.51
CA GLN G 379 26.83 9.72 -0.29
C GLN G 379 26.97 8.25 -0.64
N ARG G 380 28.05 7.88 -1.33
CA ARG G 380 28.19 6.50 -1.79
C ARG G 380 28.11 5.57 -0.59
N CYS G 381 28.84 5.92 0.46
CA CYS G 381 28.89 5.08 1.66
C CYS G 381 27.41 4.88 2.14
N VAL G 382 26.49 5.77 1.70
CA VAL G 382 25.10 5.80 2.18
C VAL G 382 24.18 5.01 1.19
N GLU G 383 24.59 4.96 -0.08
CA GLU G 383 23.89 4.23 -1.16
C GLU G 383 24.03 2.69 -1.00
N VAL G 384 25.21 2.20 -0.66
CA VAL G 384 25.50 0.75 -0.50
C VAL G 384 24.73 -0.03 0.58
N LEU G 385 24.24 0.76 1.51
CA LEU G 385 23.65 0.33 2.77
C LEU G 385 22.37 -0.48 2.61
N SER G 386 22.23 -1.56 3.37
CA SER G 386 20.94 -2.32 3.45
C SER G 386 19.81 -1.28 3.51
N ASP G 387 18.72 -1.44 2.76
CA ASP G 387 17.64 -0.41 2.78
C ASP G 387 17.20 0.10 4.24
N GLU G 388 17.14 -0.84 5.19
CA GLU G 388 16.75 -0.56 6.57
C GLU G 388 17.82 0.16 7.36
N ASP G 389 19.05 -0.17 7.03
CA ASP G 389 20.19 0.43 7.64
C ASP G 389 20.23 1.90 7.12
N ARG G 390 19.77 2.12 5.87
CA ARG G 390 19.69 3.46 5.29
C ARG G 390 18.79 4.25 6.13
N SER G 391 17.82 3.52 6.70
CA SER G 391 16.82 4.20 7.53
C SER G 391 17.36 4.60 8.93
N ALA G 392 17.87 3.62 9.68
CA ALA G 392 18.51 3.88 10.97
C ALA G 392 19.43 5.08 10.83
N LEU G 393 20.23 5.10 9.77
CA LEU G 393 21.18 6.20 9.54
C LEU G 393 20.46 7.50 9.32
N ALA G 394 19.39 7.46 8.50
CA ALA G 394 18.72 8.69 8.10
C ALA G 394 18.21 9.39 9.36
N PHE G 395 17.95 8.56 10.39
CA PHE G 395 17.43 9.02 11.68
C PHE G 395 18.39 9.42 12.76
N ALA G 396 19.55 8.79 12.82
CA ALA G 396 20.52 9.20 13.82
C ALA G 396 20.87 10.69 13.80
N VAL G 397 20.22 11.46 12.92
CA VAL G 397 20.37 12.91 12.95
C VAL G 397 19.93 13.38 14.35
N VAL G 398 18.67 13.09 14.72
CA VAL G 398 18.09 13.57 15.99
C VAL G 398 18.81 13.02 17.23
N PRO G 400 22.57 13.34 19.69
CA PRO G 400 23.63 14.30 20.04
C PRO G 400 24.98 13.97 19.43
N PRO G 401 25.67 14.96 18.83
CA PRO G 401 26.94 14.51 18.26
C PRO G 401 27.97 14.52 19.39
N GLY G 402 28.94 13.62 19.29
CA GLY G 402 29.99 13.51 20.28
C GLY G 402 29.35 13.16 21.63
N VAL G 403 28.39 12.22 21.65
CA VAL G 403 27.76 11.77 22.91
C VAL G 403 27.36 10.30 23.00
N ASP G 404 27.76 9.65 24.10
CA ASP G 404 27.40 8.26 24.35
C ASP G 404 26.06 8.02 24.98
N ILE G 405 25.23 7.29 24.27
CA ILE G 405 23.88 7.17 24.67
C ILE G 405 23.56 5.67 24.46
N PRO G 406 22.82 5.03 25.37
CA PRO G 406 22.46 3.60 25.53
C PRO G 406 21.68 3.01 24.36
N VAL G 407 21.53 1.69 24.26
CA VAL G 407 20.84 1.05 23.12
C VAL G 407 19.34 1.39 23.14
N LYS G 408 18.68 1.33 24.31
CA LYS G 408 17.24 1.67 24.41
C LYS G 408 17.00 3.18 24.05
N LEU G 409 17.82 4.10 24.57
CA LEU G 409 17.75 5.52 24.20
C LEU G 409 17.82 5.80 22.69
N TRP G 410 18.25 4.79 21.94
CA TRP G 410 18.32 4.78 20.47
C TRP G 410 17.08 4.07 19.98
N SER G 411 16.62 3.04 20.71
CA SER G 411 15.42 2.26 20.36
C SER G 411 14.18 3.16 20.06
N CYS G 412 14.26 4.42 20.48
CA CYS G 412 13.17 5.36 20.36
C CYS G 412 12.99 5.86 18.94
N VAL G 413 14.09 6.21 18.29
CA VAL G 413 13.99 6.73 16.93
C VAL G 413 14.13 5.71 15.74
N ILE G 414 14.87 4.62 15.97
CA ILE G 414 15.22 3.60 14.93
C ILE G 414 14.05 2.60 14.61
N PRO G 415 13.79 2.36 13.31
CA PRO G 415 12.80 1.39 12.81
C PRO G 415 12.93 -0.03 13.25
N VAL G 416 11.87 -0.78 12.93
CA VAL G 416 11.74 -2.24 13.08
C VAL G 416 10.39 -2.72 12.53
N LEU G 426 12.37 -7.47 22.82
CA LEU G 426 13.77 -7.06 22.90
C LEU G 426 14.33 -6.33 21.70
N ASP G 427 14.59 -5.02 21.88
CA ASP G 427 15.20 -4.22 20.83
C ASP G 427 16.69 -4.17 20.98
N ASP G 428 17.31 -5.30 20.66
CA ASP G 428 18.74 -5.46 20.52
C ASP G 428 19.10 -5.33 19.03
N GLU G 429 18.09 -5.65 18.21
CA GLU G 429 18.10 -5.56 16.76
C GLU G 429 18.65 -4.19 16.33
N VAL G 430 18.38 -3.18 17.17
CA VAL G 430 18.89 -1.82 16.99
C VAL G 430 20.40 -1.82 17.00
N ALA G 431 20.98 -2.48 17.97
CA ALA G 431 22.43 -2.56 18.00
C ALA G 431 23.01 -3.22 16.73
N ASP G 432 22.37 -4.27 16.19
CA ASP G 432 22.88 -4.98 14.99
C ASP G 432 22.93 -4.04 13.80
N ARG G 433 21.90 -3.22 13.72
CA ARG G 433 21.83 -2.24 12.64
C ARG G 433 22.95 -1.20 12.89
N LEU G 434 23.10 -0.74 14.14
CA LEU G 434 24.13 0.26 14.49
C LEU G 434 25.62 -0.21 14.35
N LYS G 435 25.86 -1.51 14.54
CA LYS G 435 27.15 -2.13 14.25
C LYS G 435 27.38 -2.16 12.75
N ARG G 436 26.48 -2.82 11.99
CA ARG G 436 26.53 -2.75 10.53
C ARG G 436 26.82 -1.32 10.04
N LEU G 437 26.27 -0.32 10.72
CA LEU G 437 26.38 1.11 10.33
C LEU G 437 27.76 1.73 10.58
N SER G 438 28.37 1.33 11.69
CA SER G 438 29.75 1.72 11.96
C SER G 438 30.78 0.89 11.16
N LYS G 439 30.56 -0.43 11.02
CA LYS G 439 31.33 -1.36 10.14
C LYS G 439 31.43 -0.93 8.63
N ARG G 440 30.43 -0.17 8.14
CA ARG G 440 30.22 0.09 6.70
C ARG G 440 30.38 1.56 6.33
N GLY G 441 31.54 2.10 6.69
CA GLY G 441 31.91 3.48 6.36
C GLY G 441 32.37 4.26 7.56
N ALA G 442 32.33 3.58 8.72
CA ALA G 442 32.69 4.14 10.01
C ALA G 442 31.93 5.40 10.19
N LEU G 443 30.61 5.20 10.23
CA LEU G 443 29.59 6.25 10.31
C LEU G 443 29.16 6.49 11.79
N LEU G 444 29.13 5.42 12.59
CA LEU G 444 28.83 5.49 14.03
C LEU G 444 30.09 5.46 14.95
N SER G 445 30.16 4.48 15.86
CA SER G 445 31.10 4.42 17.04
C SER G 445 30.66 3.53 18.21
N GLY G 446 31.22 2.33 18.28
CA GLY G 446 30.93 1.38 19.34
C GLY G 446 31.85 1.45 20.58
N LYS G 447 31.24 1.19 21.75
CA LYS G 447 31.83 1.26 23.10
C LYS G 447 31.14 0.20 23.97
N ARG G 448 31.79 -0.95 24.13
CA ARG G 448 31.16 -2.16 24.67
C ARG G 448 30.57 -1.93 26.07
N PRO G 450 31.06 0.83 29.83
CA PRO G 450 30.27 0.34 30.97
C PRO G 450 28.97 -0.31 30.61
N VAL G 451 28.21 0.28 29.69
CA VAL G 451 26.99 -0.35 29.24
C VAL G 451 27.00 -0.21 27.72
N LEU G 452 26.46 -1.24 27.05
CA LEU G 452 26.41 -1.28 25.60
C LEU G 452 25.77 -0.01 25.06
N THR G 453 26.63 0.85 24.52
CA THR G 453 26.30 2.19 24.02
C THR G 453 27.00 2.52 22.69
N PHE G 454 26.36 3.34 21.84
CA PHE G 454 26.95 3.78 20.57
C PHE G 454 27.17 5.28 20.54
N LYS G 455 27.62 5.83 19.42
CA LYS G 455 27.86 7.28 19.37
C LYS G 455 28.04 7.79 17.96
N ILE G 456 27.51 8.96 17.70
CA ILE G 456 27.72 9.54 16.38
C ILE G 456 28.67 10.73 16.36
N ASP G 457 29.63 10.69 15.48
CA ASP G 457 30.60 11.78 15.41
C ASP G 457 30.01 13.00 14.71
N HIS G 458 30.84 14.05 14.56
CA HIS G 458 30.41 15.31 13.97
C HIS G 458 30.43 15.51 12.45
N ILE G 459 31.44 15.05 11.69
CA ILE G 459 31.44 15.21 10.19
C ILE G 459 30.27 14.45 9.66
N ILE G 460 30.17 13.26 10.24
CA ILE G 460 29.15 12.28 10.02
C ILE G 460 27.75 12.81 10.49
N HIS G 461 27.69 13.98 11.12
CA HIS G 461 26.37 14.50 11.49
C HIS G 461 26.02 15.51 10.35
N PHE G 463 26.84 15.82 7.56
CA PHE G 463 26.56 15.16 6.32
C PHE G 463 25.07 15.05 6.38
N LEU G 464 24.57 14.31 7.37
CA LEU G 464 23.11 14.11 7.55
C LEU G 464 22.19 15.36 7.73
N LYS G 465 22.62 16.35 8.53
CA LYS G 465 21.92 17.64 8.63
C LYS G 465 21.40 18.07 7.27
N HIS G 466 22.24 18.69 6.44
CA HIS G 466 21.75 19.19 5.14
C HIS G 466 21.53 18.06 4.08
N VAL G 467 21.10 16.89 4.53
CA VAL G 467 20.99 15.80 3.60
C VAL G 467 19.80 14.92 3.90
N VAL G 468 19.45 14.64 5.17
CA VAL G 468 18.20 13.86 5.36
C VAL G 468 17.02 14.83 5.15
N ASP G 469 15.84 14.27 4.84
CA ASP G 469 14.61 15.05 4.56
C ASP G 469 14.23 16.07 5.63
N ALA G 470 14.15 17.34 5.23
CA ALA G 470 13.88 18.46 6.16
C ALA G 470 12.73 18.20 7.14
N GLN G 471 11.76 17.39 6.73
CA GLN G 471 10.69 17.00 7.63
C GLN G 471 11.18 15.99 8.70
N THR G 472 11.85 14.91 8.22
CA THR G 472 12.29 13.76 9.02
C THR G 472 13.21 14.15 10.20
N ILE G 473 13.86 15.30 10.09
CA ILE G 473 14.60 15.88 11.21
C ILE G 473 13.56 16.16 12.33
N ALA G 474 12.57 17.01 12.05
CA ALA G 474 11.55 17.35 13.04
C ALA G 474 10.72 16.11 13.49
N ASN G 475 10.54 15.12 12.60
CA ASN G 475 9.83 13.89 12.97
C ASN G 475 10.61 13.04 13.91
N GLY G 476 11.94 13.06 13.77
CA GLY G 476 12.74 12.27 14.68
C GLY G 476 12.84 12.97 16.04
N ILE G 477 12.86 14.31 16.00
CA ILE G 477 12.95 15.05 17.24
C ILE G 477 11.68 14.79 18.07
N SER G 478 10.55 14.88 17.38
CA SER G 478 9.29 14.59 18.02
C SER G 478 9.06 13.11 18.43
N ILE G 479 9.32 12.13 17.56
CA ILE G 479 9.21 10.68 17.93
C ILE G 479 10.07 10.35 19.14
N LEU G 480 11.01 11.25 19.37
CA LEU G 480 11.82 11.06 20.54
C LEU G 480 11.14 11.68 21.72
N GLU G 481 10.73 12.95 21.67
CA GLU G 481 10.09 13.48 22.86
C GLU G 481 8.91 12.61 23.32
N GLN G 482 8.36 11.87 22.36
CA GLN G 482 7.29 10.91 22.68
C GLN G 482 7.80 9.67 23.38
N ARG G 483 8.62 8.85 22.73
CA ARG G 483 8.98 7.66 23.50
C ARG G 483 9.75 8.02 24.78
N LEU G 484 10.23 9.27 24.90
CA LEU G 484 11.06 9.60 26.06
C LEU G 484 10.01 9.67 27.17
N LEU G 485 8.92 10.40 26.90
CA LEU G 485 7.93 10.67 27.96
C LEU G 485 7.23 9.33 28.28
N GLU G 486 7.29 8.40 27.32
CA GLU G 486 6.90 6.99 27.56
C GLU G 486 7.81 6.29 28.57
N ILE G 487 9.13 6.54 28.52
CA ILE G 487 10.00 6.11 29.62
C ILE G 487 9.61 6.89 30.89
N GLY G 488 8.91 8.01 30.71
CA GLY G 488 8.40 8.79 31.84
C GLY G 488 7.14 8.30 32.55
N ASN G 489 6.32 7.48 31.89
CA ASN G 489 5.13 6.94 32.58
C ASN G 489 5.26 5.51 33.17
N ASN G 490 6.33 4.78 32.85
CA ASN G 490 6.61 3.49 33.53
C ASN G 490 6.68 3.59 35.06
N ASN G 491 7.07 4.76 35.59
CA ASN G 491 7.11 4.94 37.04
C ASN G 491 5.90 5.73 37.53
N GLU G 521 31.34 14.15 30.10
CA GLU G 521 32.28 13.70 31.12
C GLU G 521 32.49 12.19 31.08
N THR G 522 33.51 11.70 31.80
CA THR G 522 33.81 10.27 31.87
C THR G 522 32.70 9.43 32.52
N VAL G 523 31.45 9.87 32.43
CA VAL G 523 30.29 9.10 32.93
C VAL G 523 29.11 8.90 31.99
N ILE G 524 28.68 7.65 31.86
CA ILE G 524 27.53 7.28 31.05
C ILE G 524 26.24 7.78 31.69
N ARG G 525 25.24 8.05 30.86
CA ARG G 525 23.98 8.57 31.33
C ARG G 525 23.15 7.49 31.99
N PRO G 526 22.78 7.74 33.25
CA PRO G 526 22.08 6.73 34.04
C PRO G 526 20.63 6.51 33.63
N GLU G 527 20.12 5.34 33.99
CA GLU G 527 18.77 4.88 33.68
C GLU G 527 17.69 5.52 34.56
N ASP G 528 18.14 6.28 35.56
CA ASP G 528 17.26 7.05 36.43
C ASP G 528 16.94 8.37 35.74
N PHE G 529 17.80 8.71 34.79
CA PHE G 529 17.79 9.98 34.08
C PHE G 529 17.68 9.88 32.54
N PRO G 530 17.06 8.81 31.97
CA PRO G 530 16.97 8.88 30.50
C PRO G 530 15.83 9.77 30.10
N LYS G 531 14.86 9.77 30.99
CA LYS G 531 13.63 10.49 30.86
C LYS G 531 13.82 11.94 30.43
N PHE G 532 14.96 12.55 30.73
CA PHE G 532 15.20 13.91 30.23
C PHE G 532 16.39 14.10 29.29
N GLN G 534 16.73 16.55 28.01
CA GLN G 534 16.69 17.99 28.08
C GLN G 534 18.08 18.43 28.42
N LEU G 535 18.87 17.46 28.84
CA LEU G 535 20.26 17.72 29.11
C LEU G 535 20.96 18.32 27.86
N HIS G 536 20.66 17.75 26.70
CA HIS G 536 21.24 18.21 25.43
C HIS G 536 20.26 19.16 24.79
N GLN G 537 19.44 19.78 25.64
CA GLN G 537 18.49 20.77 25.16
C GLN G 537 19.11 21.79 24.27
N LYS G 538 20.31 22.24 24.61
CA LYS G 538 20.96 23.24 23.79
C LYS G 538 21.02 22.82 22.30
N PHE G 539 21.63 21.68 21.98
CA PHE G 539 21.75 21.37 20.55
C PHE G 539 20.40 20.93 20.04
N TYR G 540 19.59 20.33 20.90
CA TYR G 540 18.28 19.93 20.43
C TYR G 540 17.51 21.15 20.00
N ASP G 541 17.79 22.27 20.67
CA ASP G 541 17.06 23.45 20.29
C ASP G 541 17.51 23.96 18.90
N SER G 542 18.76 23.70 18.53
CA SER G 542 19.25 24.21 17.24
C SER G 542 18.74 23.38 16.08
N LEU G 543 18.89 22.05 16.18
CA LEU G 543 18.31 21.13 15.22
C LEU G 543 16.82 21.40 15.05
N LYS G 544 16.13 21.82 16.14
CA LYS G 544 14.68 22.02 15.98
C LYS G 544 14.49 23.27 15.11
N ASN G 545 15.19 24.36 15.44
CA ASN G 545 15.13 25.59 14.64
C ASN G 545 15.42 25.33 13.16
N PHE G 546 15.99 24.16 12.85
CA PHE G 546 16.37 23.86 11.47
C PHE G 546 15.16 23.30 10.71
N ALA G 547 14.52 22.28 11.29
CA ALA G 547 13.51 21.52 10.55
C ALA G 547 12.27 22.36 10.36
N CYS G 548 11.79 22.95 11.46
CA CYS G 548 10.52 23.67 11.52
C CYS G 548 10.56 25.06 10.87
N CYS G 549 11.74 25.68 10.87
CA CYS G 549 11.92 27.07 10.44
C CYS G 549 11.08 27.99 11.33
N PRO H 1 11.16 12.06 -0.43
CA PRO H 1 12.48 12.52 -0.89
C PRO H 1 13.65 12.20 0.06
N PHE H 3 16.55 11.90 1.54
CA PHE H 3 18.02 12.04 1.44
C PHE H 3 18.31 13.07 0.33
N ASN H 4 18.85 12.64 -0.79
CA ASN H 4 19.07 13.58 -1.87
C ASN H 4 18.99 12.92 -3.24
N PHE H 5 20.08 12.34 -3.70
CA PHE H 5 19.97 11.56 -4.92
C PHE H 5 19.00 10.41 -4.60
#